data_5KF7
#
_entry.id   5KF7
#
_cell.length_a   128.843
_cell.length_b   128.843
_cell.length_c   150.514
_cell.angle_alpha   90.000
_cell.angle_beta   90.000
_cell.angle_gamma   120.000
#
_symmetry.space_group_name_H-M   'P 31 2 1'
#
loop_
_entity.id
_entity.type
_entity.pdbx_description
1 polymer 'Bifunctional protein PutA'
2 non-polymer 'FLAVIN-ADENINE DINUCLEOTIDE'
3 non-polymer NICOTINAMIDE-ADENINE-DINUCLEOTIDE
4 non-polymer 'TETRAHYDROFURAN-2-CARBOXYLIC ACID'
5 non-polymer 'TRIETHYLENE GLYCOL'
6 non-polymer 'TETRAETHYLENE GLYCOL'
7 non-polymer 'PENTAETHYLENE GLYCOL'
8 non-polymer 'SULFATE ION'
9 non-polymer 'MAGNESIUM ION'
10 water water
#
_entity_poly.entity_id   1
_entity_poly.type   'polypeptide(L)'
_entity_poly.pdbx_seq_one_letter_code
;SMMSPNPLQKPAIDAAPAPFADFAPPVRPQSTLRRAITAAYRRPETECLPPLVEAATQSKEIRDAAASTARKLIEALRGK
HSGSGVEGLVQEYSLSSQEGVALMCLAEALLRIPDTATRDALIRDKIADGNWKSHLGGSRSLFVNAATWGLVVTGKLTST
VNDRSLAAALTRLISRCGEPVIRRGVDMAMRMMGEQFVTGETIREALKRSKELEEKGFSYSYDMLGEAATTAADAERYYR
DYESAIHAIGKASAGRGIYEGPGISIKLSALHPRYSRAQAARVMGELLPRVKALALLAKNYDIGLNIDAEEADRLELSLD
LLEVLCLDGDLSGWNGMGFVVQAYGKRCPFVLDFIIDLARRSGRRIMVRLVKGAYWDAEIKRAQLDGLADFPVFTRKIHT
DVSYIACAAKLLAATDVVFPQFATHNAQTLAAIYHMAGKDFHVGKYEFQCLHGMGEPLYEEVVGRGKLDRPCRIYAPVGT
HETLLAYLVRRLLENGANSSFVHRINDPKVSIDELIADPVEVVRAMPVVGAKHDRIALPAELFGDARTNSAGLDLSNEET
LASLTEALRESAAMKWTALPQLATGPAAGETRTVLNPGDHRDVVGSVTETSEEDARRAVRLAADAAPDWAAVPPSERAAC
LDRAAELMQARMPTLLGLIIREAGKSALNAIAEVREAIDFLRYYAEQTRRTLGPGHGPLGPIVCISPWNFPLAIFTGQIA
AALVAGNPVLAKPAEETPLIAAEGVRILREAGIPASALQLLPGDGRVGAALVAAAETAGVMFTGSTEVARLIQAQLADRL
SPAGRPIPLIAETGGQNAMIVDSSALAEQVVGDVITSAFDSAGQRCSALRVLCLQEDVADRILTMLKGALHELHIGRTDR
LSVDVGPVITSEAKDNIEKHIERMRGLGRKVEQIGLASETGVGTFVPPTIIELEKLSDLQREVFGPVLHVIRYRRDDLDR
LVDDVNATGYGLTFGLHTRLDETIAHVTSRIKAGNLYINRNIIGAVVGVQPFGGRGLSGTGPKAGGPLYLGRLVTTAPVP
PQHSSVHTDPVLLDFAKWLDGKGARAEAEAARNAGSSSALGLDLELPGPVGERNLYTLHARGRILLVPATESGLYHQLAA
ALATGNSVAIDAASGLQASLKNLPQTVGLRVSWSKDWAADGPFAGALVEGDAERIRAVNKAIAALPGPLLLVQAASSGEI
ARNPDAYCLNWLVEEVSASINTAAAGGNASLMAIG
;
_entity_poly.pdbx_strand_id   A
#
loop_
_chem_comp.id
_chem_comp.type
_chem_comp.name
_chem_comp.formula
1PE non-polymer 'PENTAETHYLENE GLYCOL' 'C10 H22 O6'
FAD non-polymer 'FLAVIN-ADENINE DINUCLEOTIDE' 'C27 H33 N9 O15 P2'
MG non-polymer 'MAGNESIUM ION' 'Mg 2'
NAD non-polymer NICOTINAMIDE-ADENINE-DINUCLEOTIDE 'C21 H27 N7 O14 P2'
PG4 non-polymer 'TETRAETHYLENE GLYCOL' 'C8 H18 O5'
PGE non-polymer 'TRIETHYLENE GLYCOL' 'C6 H14 O4'
SO4 non-polymer 'SULFATE ION' 'O4 S -2'
TFB non-polymer 'TETRAHYDROFURAN-2-CARBOXYLIC ACID' 'C5 H8 O3'
#
# COMPACT_ATOMS: atom_id res chain seq x y z
N ALA A 16 26.22 -22.19 15.43
CA ALA A 16 25.07 -21.47 14.87
C ALA A 16 23.82 -22.34 14.90
N PRO A 17 22.72 -21.80 15.44
CA PRO A 17 21.46 -22.54 15.41
C PRO A 17 21.10 -22.98 13.99
N ALA A 18 20.42 -24.11 13.89
CA ALA A 18 20.01 -24.62 12.61
C ALA A 18 19.05 -23.62 11.95
N PRO A 19 19.26 -23.27 10.68
CA PRO A 19 18.38 -22.28 10.04
C PRO A 19 16.93 -22.74 10.01
N PHE A 20 16.02 -21.82 10.37
CA PHE A 20 14.58 -22.03 10.34
C PHE A 20 14.09 -23.05 11.37
N ALA A 21 14.94 -23.48 12.30
CA ALA A 21 14.51 -24.43 13.32
C ALA A 21 13.39 -23.86 14.20
N ASP A 22 13.33 -22.54 14.33
CA ASP A 22 12.31 -21.88 15.14
C ASP A 22 11.53 -20.86 14.33
N PHE A 23 11.20 -21.17 13.08
CA PHE A 23 10.69 -20.15 12.17
C PHE A 23 9.37 -19.58 12.66
N ALA A 24 8.37 -20.44 12.90
CA ALA A 24 7.07 -19.95 13.36
C ALA A 24 6.28 -21.07 14.05
N PRO A 25 6.79 -21.62 15.15
CA PRO A 25 6.07 -22.70 15.82
C PRO A 25 4.73 -22.18 16.31
N PRO A 26 3.68 -22.98 16.19
CA PRO A 26 2.36 -22.53 16.64
C PRO A 26 2.33 -22.45 18.16
N VAL A 27 1.40 -21.64 18.66
CA VAL A 27 1.24 -21.50 20.11
C VAL A 27 1.00 -22.85 20.76
N ARG A 28 0.20 -23.70 20.11
CA ARG A 28 -0.08 -25.04 20.61
C ARG A 28 -0.33 -25.96 19.42
N PRO A 29 -0.20 -27.27 19.61
CA PRO A 29 -0.55 -28.18 18.51
C PRO A 29 -2.01 -28.00 18.12
N GLN A 30 -2.25 -28.00 16.81
CA GLN A 30 -3.57 -27.69 16.25
C GLN A 30 -4.48 -28.91 16.33
N SER A 31 -5.55 -28.80 17.12
CA SER A 31 -6.54 -29.85 17.26
C SER A 31 -7.31 -30.06 15.96
N THR A 32 -8.13 -31.11 15.96
CA THR A 32 -9.03 -31.34 14.83
C THR A 32 -9.95 -30.15 14.59
N LEU A 33 -10.51 -29.59 15.66
CA LEU A 33 -11.40 -28.43 15.50
C LEU A 33 -10.64 -27.19 15.02
N ARG A 34 -9.45 -26.94 15.56
CA ARG A 34 -8.66 -25.81 15.06
C ARG A 34 -8.31 -25.98 13.59
N ARG A 35 -7.93 -27.19 13.19
CA ARG A 35 -7.58 -27.43 11.79
C ARG A 35 -8.76 -27.15 10.87
N ALA A 36 -9.97 -27.52 11.30
CA ALA A 36 -11.15 -27.28 10.48
C ALA A 36 -11.38 -25.79 10.26
N ILE A 37 -11.06 -24.98 11.27
CA ILE A 37 -11.11 -23.52 11.10
C ILE A 37 -10.15 -23.07 10.02
N THR A 38 -8.89 -23.49 10.14
CA THR A 38 -7.86 -23.01 9.22
C THR A 38 -8.18 -23.44 7.79
N ALA A 39 -8.74 -24.64 7.63
CA ALA A 39 -9.02 -25.15 6.29
C ALA A 39 -10.05 -24.28 5.57
N ALA A 40 -10.92 -23.61 6.32
CA ALA A 40 -11.98 -22.77 5.75
C ALA A 40 -11.55 -21.33 5.48
N TYR A 41 -10.30 -20.98 5.82
CA TYR A 41 -9.88 -19.58 5.82
C TYR A 41 -10.22 -18.87 4.50
N ARG A 42 -9.83 -19.46 3.38
CA ARG A 42 -10.08 -18.85 2.07
C ARG A 42 -10.84 -19.80 1.15
N ARG A 43 -11.80 -20.51 1.73
CA ARG A 43 -12.56 -21.49 0.97
C ARG A 43 -13.41 -20.80 -0.10
N PRO A 44 -13.50 -21.38 -1.30
CA PRO A 44 -14.30 -20.75 -2.35
C PRO A 44 -15.73 -20.48 -1.91
N GLU A 45 -16.24 -19.31 -2.30
CA GLU A 45 -17.56 -18.87 -1.86
C GLU A 45 -18.64 -19.86 -2.30
N THR A 46 -18.47 -20.49 -3.48
CA THR A 46 -19.44 -21.50 -3.91
C THR A 46 -19.42 -22.75 -3.04
N GLU A 47 -18.31 -23.02 -2.34
CA GLU A 47 -18.27 -24.12 -1.40
C GLU A 47 -18.82 -23.75 -0.03
N CYS A 48 -18.66 -22.49 0.39
CA CYS A 48 -19.11 -22.09 1.72
C CYS A 48 -20.64 -22.09 1.81
N LEU A 49 -21.32 -21.62 0.77
CA LEU A 49 -22.73 -21.24 0.92
C LEU A 49 -23.70 -22.41 1.03
N PRO A 50 -23.58 -23.51 0.26
CA PRO A 50 -24.61 -24.58 0.34
C PRO A 50 -24.82 -25.12 1.75
N PRO A 51 -23.78 -25.42 2.54
CA PRO A 51 -24.07 -25.87 3.91
C PRO A 51 -24.69 -24.79 4.78
N LEU A 52 -24.31 -23.52 4.57
CA LEU A 52 -24.94 -22.44 5.31
C LEU A 52 -26.42 -22.33 4.94
N VAL A 53 -26.74 -22.45 3.65
CA VAL A 53 -28.14 -22.43 3.21
C VAL A 53 -28.94 -23.53 3.89
N GLU A 54 -28.38 -24.74 3.93
CA GLU A 54 -29.10 -25.84 4.57
C GLU A 54 -29.28 -25.58 6.06
N ALA A 55 -28.24 -25.07 6.73
CA ALA A 55 -28.35 -24.83 8.16
C ALA A 55 -29.28 -23.67 8.46
N ALA A 56 -29.46 -22.75 7.51
CA ALA A 56 -30.30 -21.57 7.70
C ALA A 56 -31.76 -21.82 7.36
N THR A 57 -32.10 -22.99 6.83
CA THR A 57 -33.44 -23.26 6.35
C THR A 57 -34.42 -23.35 7.51
N GLN A 58 -35.56 -22.68 7.37
CA GLN A 58 -36.64 -22.77 8.35
C GLN A 58 -37.92 -23.16 7.66
N SER A 59 -38.86 -23.74 8.43
CA SER A 59 -40.13 -24.20 7.89
C SER A 59 -40.90 -23.03 7.26
N LYS A 60 -41.85 -23.39 6.38
CA LYS A 60 -42.68 -22.36 5.77
C LYS A 60 -43.49 -21.61 6.84
N GLU A 61 -43.86 -22.32 7.91
CA GLU A 61 -44.56 -21.68 9.02
C GLU A 61 -43.71 -20.59 9.66
N ILE A 62 -42.46 -20.93 10.02
CA ILE A 62 -41.59 -19.94 10.63
C ILE A 62 -41.28 -18.81 9.66
N ARG A 63 -41.01 -19.14 8.39
CA ARG A 63 -40.69 -18.09 7.42
C ARG A 63 -41.85 -17.11 7.26
N ASP A 64 -43.09 -17.61 7.19
CA ASP A 64 -44.23 -16.71 7.15
C ASP A 64 -44.32 -15.89 8.43
N ALA A 65 -44.21 -16.54 9.58
CA ALA A 65 -44.27 -15.82 10.85
C ALA A 65 -43.19 -14.75 10.93
N ALA A 66 -41.97 -15.07 10.52
CA ALA A 66 -40.90 -14.11 10.62
C ALA A 66 -41.14 -12.91 9.71
N ALA A 67 -41.63 -13.15 8.49
CA ALA A 67 -41.94 -12.05 7.60
C ALA A 67 -42.95 -11.10 8.23
N SER A 68 -43.99 -11.64 8.87
CA SER A 68 -44.97 -10.81 9.57
C SER A 68 -44.30 -9.93 10.61
N THR A 69 -43.47 -10.55 11.47
CA THR A 69 -42.80 -9.80 12.53
C THR A 69 -41.88 -8.74 11.94
N ALA A 70 -41.11 -9.10 10.91
CA ALA A 70 -40.21 -8.15 10.30
C ALA A 70 -40.98 -6.97 9.70
N ARG A 71 -42.06 -7.25 8.97
CA ARG A 71 -42.88 -6.17 8.42
C ARG A 71 -43.41 -5.27 9.52
N LYS A 72 -43.93 -5.87 10.59
CA LYS A 72 -44.41 -5.10 11.73
C LYS A 72 -43.33 -4.16 12.26
N LEU A 73 -42.11 -4.68 12.43
CA LEU A 73 -41.02 -3.87 12.94
C LEU A 73 -40.68 -2.72 12.01
N ILE A 74 -40.60 -2.99 10.70
CA ILE A 74 -40.23 -1.96 9.74
C ILE A 74 -41.33 -0.91 9.62
N GLU A 75 -42.60 -1.35 9.69
CA GLU A 75 -43.69 -0.39 9.70
C GLU A 75 -43.57 0.54 10.92
N ALA A 76 -43.18 -0.01 12.07
CA ALA A 76 -43.04 0.82 13.26
C ALA A 76 -41.88 1.79 13.13
N LEU A 77 -40.78 1.37 12.52
CA LEU A 77 -39.63 2.25 12.39
C LEU A 77 -39.90 3.35 11.38
N ARG A 78 -40.42 2.98 10.21
CA ARG A 78 -40.74 3.98 9.20
C ARG A 78 -41.87 4.89 9.66
N GLY A 79 -42.61 4.52 10.70
CA GLY A 79 -43.60 5.38 11.29
C GLY A 79 -43.02 6.40 12.25
N LYS A 80 -41.72 6.67 12.12
CA LYS A 80 -41.06 7.68 12.95
C LYS A 80 -39.70 8.06 12.36
N GLY A 85 -31.67 16.68 13.28
CA GLY A 85 -30.27 16.77 13.69
C GLY A 85 -29.50 17.80 12.87
N VAL A 86 -28.37 17.39 12.30
CA VAL A 86 -27.68 18.26 11.35
C VAL A 86 -28.55 18.54 10.15
N GLU A 87 -29.36 17.56 9.74
CA GLU A 87 -30.26 17.75 8.61
C GLU A 87 -31.19 18.92 8.87
N GLY A 88 -31.70 19.06 10.10
CA GLY A 88 -32.57 20.18 10.40
C GLY A 88 -31.85 21.51 10.38
N LEU A 89 -30.58 21.53 10.77
CA LEU A 89 -29.79 22.76 10.68
C LEU A 89 -29.56 23.15 9.23
N VAL A 90 -29.26 22.17 8.38
CA VAL A 90 -29.09 22.43 6.96
C VAL A 90 -30.38 23.03 6.37
N GLN A 91 -31.53 22.42 6.68
CA GLN A 91 -32.79 22.91 6.12
C GLN A 91 -33.09 24.32 6.58
N GLU A 92 -32.87 24.60 7.87
CA GLU A 92 -33.28 25.89 8.42
C GLU A 92 -32.51 27.03 7.76
N TYR A 93 -31.20 26.86 7.54
CA TYR A 93 -30.38 27.93 6.99
C TYR A 93 -30.14 27.78 5.49
N SER A 94 -30.82 26.82 4.86
CA SER A 94 -30.68 26.56 3.42
C SER A 94 -29.22 26.36 3.04
N LEU A 95 -28.51 25.56 3.83
CA LEU A 95 -27.10 25.29 3.56
C LEU A 95 -26.96 24.26 2.45
N SER A 96 -25.93 24.46 1.62
CA SER A 96 -25.44 23.38 0.77
C SER A 96 -24.69 22.36 1.63
N SER A 97 -24.42 21.20 1.03
CA SER A 97 -23.64 20.16 1.73
C SER A 97 -22.28 20.69 2.18
N GLN A 98 -21.55 21.35 1.27
CA GLN A 98 -20.24 21.88 1.64
C GLN A 98 -20.36 22.92 2.75
N GLU A 99 -21.42 23.72 2.73
CA GLU A 99 -21.62 24.69 3.80
C GLU A 99 -21.88 23.99 5.13
N GLY A 100 -22.67 22.92 5.12
CA GLY A 100 -22.88 22.17 6.35
C GLY A 100 -21.61 21.55 6.91
N VAL A 101 -20.78 20.95 6.03
CA VAL A 101 -19.51 20.38 6.49
C VAL A 101 -18.62 21.47 7.05
N ALA A 102 -18.50 22.60 6.33
CA ALA A 102 -17.63 23.69 6.77
C ALA A 102 -18.11 24.29 8.09
N LEU A 103 -19.42 24.45 8.24
CA LEU A 103 -19.97 24.92 9.51
C LEU A 103 -19.57 24.02 10.67
N MET A 104 -19.74 22.70 10.52
CA MET A 104 -19.40 21.81 11.61
C MET A 104 -17.92 21.82 11.91
N CYS A 105 -17.07 21.95 10.88
CA CYS A 105 -15.64 22.09 11.11
C CYS A 105 -15.33 23.35 11.90
N LEU A 106 -15.99 24.45 11.56
CA LEU A 106 -15.84 25.69 12.30
C LEU A 106 -16.28 25.50 13.75
N ALA A 107 -17.44 24.88 13.95
CA ALA A 107 -17.95 24.67 15.29
C ALA A 107 -16.98 23.84 16.12
N GLU A 108 -16.48 22.76 15.53
CA GLU A 108 -15.50 21.90 16.20
C GLU A 108 -14.31 22.71 16.68
N ALA A 109 -13.75 23.54 15.80
CA ALA A 109 -12.62 24.39 16.20
C ALA A 109 -13.01 25.33 17.33
N LEU A 110 -14.16 26.00 17.20
CA LEU A 110 -14.58 26.96 18.22
C LEU A 110 -14.72 26.30 19.59
N LEU A 111 -15.15 25.03 19.62
CA LEU A 111 -15.29 24.32 20.87
C LEU A 111 -13.95 24.00 21.51
N ARG A 112 -12.85 24.15 20.79
CA ARG A 112 -11.53 23.98 21.41
C ARG A 112 -11.12 25.19 22.24
N ILE A 113 -11.84 26.30 22.15
CA ILE A 113 -11.62 27.45 23.01
C ILE A 113 -12.25 27.17 24.37
N PRO A 114 -11.46 27.02 25.43
CA PRO A 114 -12.04 26.52 26.69
C PRO A 114 -12.93 27.51 27.41
N ASP A 115 -12.72 28.81 27.26
CA ASP A 115 -13.51 29.82 27.96
C ASP A 115 -14.64 30.27 27.03
N THR A 116 -15.89 29.95 27.41
CA THR A 116 -17.05 30.31 26.61
C THR A 116 -17.13 31.82 26.39
N ALA A 117 -16.75 32.60 27.40
CA ALA A 117 -16.79 34.05 27.25
C ALA A 117 -15.83 34.50 26.16
N THR A 118 -14.62 33.95 26.16
CA THR A 118 -13.66 34.23 25.10
C THR A 118 -14.17 33.74 23.75
N ARG A 119 -14.74 32.54 23.72
CA ARG A 119 -15.27 32.00 22.48
C ARG A 119 -16.39 32.87 21.91
N ASP A 120 -17.33 33.28 22.77
CA ASP A 120 -18.48 34.05 22.30
C ASP A 120 -18.06 35.43 21.79
N ALA A 121 -17.15 36.09 22.51
CA ALA A 121 -16.62 37.36 22.04
C ALA A 121 -15.91 37.19 20.68
N LEU A 122 -15.15 36.10 20.53
CA LEU A 122 -14.49 35.86 19.25
C LEU A 122 -15.53 35.69 18.15
N ILE A 123 -16.62 34.98 18.44
CA ILE A 123 -17.68 34.79 17.46
C ILE A 123 -18.33 36.13 17.12
N ARG A 124 -18.80 36.84 18.15
CA ARG A 124 -19.59 38.05 17.94
C ARG A 124 -18.75 39.16 17.32
N ASP A 125 -17.46 39.18 17.58
CA ASP A 125 -16.66 40.36 17.26
C ASP A 125 -15.65 40.14 16.14
N LYS A 126 -15.34 38.90 15.81
CA LYS A 126 -14.32 38.67 14.78
C LYS A 126 -14.83 37.78 13.66
N ILE A 127 -15.48 36.66 14.01
CA ILE A 127 -15.81 35.66 13.02
C ILE A 127 -17.06 36.05 12.23
N ALA A 128 -18.06 36.60 12.92
CA ALA A 128 -19.35 36.83 12.27
C ALA A 128 -19.25 37.90 11.19
N ASP A 129 -18.32 38.84 11.33
CA ASP A 129 -18.18 39.97 10.40
C ASP A 129 -16.77 39.89 9.85
N GLY A 130 -16.60 39.14 8.77
CA GLY A 130 -15.33 39.11 8.09
C GLY A 130 -14.68 37.75 8.08
N ASN A 131 -13.38 37.73 7.83
CA ASN A 131 -12.66 36.48 7.64
C ASN A 131 -12.48 35.77 8.98
N TRP A 132 -13.14 34.63 9.10
CA TRP A 132 -12.80 33.64 10.12
C TRP A 132 -11.34 33.22 10.06
N LYS A 133 -10.70 33.36 8.89
CA LYS A 133 -9.34 32.86 8.72
C LYS A 133 -8.35 33.64 9.57
N SER A 134 -8.54 34.97 9.66
CA SER A 134 -7.60 35.81 10.38
C SER A 134 -7.50 35.44 11.85
N HIS A 135 -8.59 34.92 12.43
CA HIS A 135 -8.68 34.70 13.86
C HIS A 135 -8.81 33.22 14.22
N LEU A 136 -8.51 32.32 13.28
CA LEU A 136 -8.68 30.90 13.53
C LEU A 136 -7.83 30.07 12.58
N ARG A 140 -2.63 24.59 11.28
CA ARG A 140 -3.67 23.57 11.24
C ARG A 140 -4.93 24.04 10.50
N SER A 141 -5.24 23.35 9.40
CA SER A 141 -6.46 23.68 8.66
C SER A 141 -7.69 23.54 9.56
N LEU A 142 -8.65 24.43 9.34
CA LEU A 142 -9.96 24.27 9.96
C LEU A 142 -10.61 22.94 9.57
N PHE A 143 -10.24 22.37 8.43
CA PHE A 143 -10.98 21.27 7.83
C PHE A 143 -10.27 19.93 7.98
N VAL A 144 -9.39 19.77 8.97
CA VAL A 144 -8.67 18.51 9.11
C VAL A 144 -9.62 17.34 9.30
N ASN A 145 -10.76 17.56 9.96
CA ASN A 145 -11.73 16.49 10.20
C ASN A 145 -12.92 16.57 9.24
N ALA A 146 -12.75 17.20 8.08
CA ALA A 146 -13.91 17.40 7.21
C ALA A 146 -14.42 16.08 6.62
N ALA A 147 -13.55 15.07 6.46
CA ALA A 147 -14.05 13.81 5.92
C ALA A 147 -15.09 13.21 6.84
N THR A 148 -14.87 13.31 8.15
CA THR A 148 -15.83 12.81 9.12
C THR A 148 -17.12 13.62 9.08
N TRP A 149 -17.01 14.95 9.17
CA TRP A 149 -18.23 15.75 9.08
C TRP A 149 -18.92 15.55 7.73
N GLY A 150 -18.15 15.30 6.67
CA GLY A 150 -18.77 14.98 5.39
C GLY A 150 -19.66 13.76 5.47
N LEU A 151 -19.20 12.72 6.18
CA LEU A 151 -20.02 11.53 6.41
C LEU A 151 -21.27 11.88 7.19
N VAL A 152 -21.13 12.68 8.25
CA VAL A 152 -22.28 13.09 9.04
C VAL A 152 -23.30 13.85 8.19
N VAL A 153 -22.84 14.73 7.30
CA VAL A 153 -23.76 15.62 6.59
C VAL A 153 -24.33 14.97 5.34
N THR A 154 -23.51 14.29 4.54
CA THR A 154 -23.97 13.73 3.28
C THR A 154 -24.10 12.21 3.30
N GLY A 155 -23.53 11.52 4.29
CA GLY A 155 -23.50 10.08 4.27
C GLY A 155 -22.42 9.48 3.38
N LYS A 156 -21.72 10.28 2.60
CA LYS A 156 -20.66 9.80 1.73
C LYS A 156 -19.30 10.09 2.35
N LEU A 157 -18.33 9.21 2.11
CA LEU A 157 -16.98 9.41 2.58
C LEU A 157 -16.05 9.69 1.40
N THR A 158 -15.25 10.74 1.54
CA THR A 158 -14.14 11.03 0.64
C THR A 158 -12.84 10.86 1.41
N SER A 159 -11.80 10.37 0.74
CA SER A 159 -10.56 10.12 1.45
C SER A 159 -9.86 11.43 1.80
N THR A 160 -9.93 12.42 0.91
CA THR A 160 -9.37 13.74 1.17
C THR A 160 -10.46 14.78 0.97
N VAL A 161 -10.18 15.99 1.40
CA VAL A 161 -11.22 17.02 1.43
C VAL A 161 -10.79 18.17 0.53
N ASN A 162 -11.76 18.76 -0.15
CA ASN A 162 -11.50 19.94 -0.98
C ASN A 162 -11.58 21.15 -0.06
N ASP A 163 -10.43 21.52 0.50
CA ASP A 163 -10.41 22.58 1.50
C ASP A 163 -10.61 23.97 0.89
N ARG A 164 -10.37 24.14 -0.41
CA ARG A 164 -10.70 25.42 -1.05
C ARG A 164 -12.21 25.56 -1.21
N SER A 165 -12.89 24.47 -1.56
CA SER A 165 -14.35 24.52 -1.62
C SER A 165 -14.95 24.76 -0.23
N LEU A 166 -14.40 24.10 0.78
CA LEU A 166 -14.90 24.28 2.15
C LEU A 166 -14.65 25.70 2.63
N ALA A 167 -13.47 26.26 2.33
CA ALA A 167 -13.19 27.63 2.73
C ALA A 167 -14.16 28.59 2.05
N ALA A 168 -14.40 28.40 0.75
CA ALA A 168 -15.36 29.22 0.04
C ALA A 168 -16.74 29.12 0.70
N ALA A 169 -17.18 27.89 0.99
CA ALA A 169 -18.50 27.68 1.58
C ALA A 169 -18.61 28.33 2.95
N LEU A 170 -17.53 28.27 3.75
CA LEU A 170 -17.58 28.85 5.08
C LEU A 170 -17.71 30.36 5.00
N THR A 171 -16.90 30.99 4.13
CA THR A 171 -17.04 32.43 3.93
C THR A 171 -18.45 32.78 3.47
N ARG A 172 -19.01 31.98 2.57
CA ARG A 172 -20.33 32.29 2.00
C ARG A 172 -21.42 32.22 3.07
N LEU A 173 -21.43 31.14 3.87
CA LEU A 173 -22.51 30.97 4.84
C LEU A 173 -22.41 32.01 5.95
N ILE A 174 -21.19 32.34 6.39
CA ILE A 174 -21.04 33.37 7.43
C ILE A 174 -21.45 34.73 6.89
N SER A 175 -20.99 35.09 5.69
CA SER A 175 -21.37 36.39 5.15
C SER A 175 -22.87 36.47 4.92
N ARG A 176 -23.53 35.34 4.70
CA ARG A 176 -24.97 35.34 4.42
C ARG A 176 -25.78 35.35 5.71
N CYS A 177 -25.42 34.50 6.67
CA CYS A 177 -26.24 34.25 7.83
C CYS A 177 -25.63 34.73 9.16
N GLY A 178 -24.33 35.05 9.19
CA GLY A 178 -23.79 35.75 10.34
C GLY A 178 -23.79 34.92 11.62
N GLU A 179 -23.78 35.64 12.74
CA GLU A 179 -23.62 34.99 14.04
C GLU A 179 -24.66 33.90 14.33
N PRO A 180 -25.95 34.06 14.02
CA PRO A 180 -26.91 33.00 14.38
C PRO A 180 -26.56 31.61 13.85
N VAL A 181 -26.06 31.49 12.61
CA VAL A 181 -25.78 30.15 12.12
C VAL A 181 -24.55 29.57 12.81
N ILE A 182 -23.59 30.41 13.18
CA ILE A 182 -22.42 29.94 13.91
C ILE A 182 -22.83 29.36 15.26
N ARG A 183 -23.68 30.10 15.99
CA ARG A 183 -24.15 29.62 17.29
C ARG A 183 -24.89 28.30 17.17
N ARG A 184 -25.80 28.20 16.17
CA ARG A 184 -26.47 26.93 15.95
C ARG A 184 -25.48 25.82 15.65
N GLY A 185 -24.47 26.12 14.82
CA GLY A 185 -23.45 25.12 14.55
C GLY A 185 -22.71 24.67 15.80
N VAL A 186 -22.36 25.62 16.66
CA VAL A 186 -21.63 25.28 17.89
C VAL A 186 -22.48 24.38 18.78
N ASP A 187 -23.74 24.76 19.00
CA ASP A 187 -24.63 23.94 19.82
C ASP A 187 -24.83 22.56 19.21
N MET A 188 -24.96 22.50 17.88
CA MET A 188 -25.19 21.21 17.22
C MET A 188 -23.97 20.32 17.33
N ALA A 189 -22.78 20.90 17.15
CA ALA A 189 -21.55 20.12 17.29
C ALA A 189 -21.39 19.62 18.72
N MET A 190 -21.60 20.51 19.69
CA MET A 190 -21.55 20.14 21.11
C MET A 190 -22.41 18.92 21.39
N ARG A 191 -23.68 18.96 20.98
CA ARG A 191 -24.60 17.87 21.28
C ARG A 191 -24.20 16.56 20.57
N MET A 192 -23.69 16.66 19.35
CA MET A 192 -23.36 15.45 18.64
C MET A 192 -22.14 14.77 19.24
N MET A 193 -21.09 15.53 19.53
CA MET A 193 -19.84 14.95 20.01
C MET A 193 -19.97 14.43 21.44
N GLY A 194 -20.95 14.90 22.20
CA GLY A 194 -21.05 14.49 23.59
C GLY A 194 -22.20 13.55 23.92
N GLU A 195 -23.21 13.52 23.05
CA GLU A 195 -24.43 12.76 23.31
C GLU A 195 -24.72 11.69 22.28
N GLN A 196 -24.54 12.00 21.00
CA GLN A 196 -24.90 11.08 19.94
C GLN A 196 -23.75 10.15 19.59
N PHE A 197 -22.53 10.68 19.52
CA PHE A 197 -21.40 9.87 19.10
C PHE A 197 -20.99 8.88 20.19
N VAL A 198 -21.19 9.24 21.45
CA VAL A 198 -20.79 8.41 22.57
C VAL A 198 -21.94 8.38 23.57
N THR A 199 -21.91 7.35 24.43
CA THR A 199 -22.83 7.26 25.56
C THR A 199 -22.39 8.19 26.68
N GLY A 200 -21.11 8.52 26.74
CA GLY A 200 -20.60 9.48 27.69
C GLY A 200 -19.13 9.67 27.41
N GLU A 201 -18.60 10.78 27.90
CA GLU A 201 -17.18 11.04 27.71
C GLU A 201 -16.32 10.34 28.75
N THR A 202 -16.89 10.05 29.92
CA THR A 202 -16.23 9.27 30.95
C THR A 202 -17.16 8.13 31.35
N ILE A 203 -16.59 7.11 32.00
CA ILE A 203 -17.39 5.94 32.37
C ILE A 203 -18.47 6.33 33.37
N ARG A 204 -18.17 7.28 34.27
CA ARG A 204 -19.16 7.71 35.26
C ARG A 204 -20.37 8.33 34.58
N GLU A 205 -20.15 9.19 33.57
CA GLU A 205 -21.26 9.82 32.87
C GLU A 205 -22.03 8.81 32.03
N ALA A 206 -21.33 7.88 31.38
CA ALA A 206 -22.02 6.85 30.62
C ALA A 206 -22.87 5.97 31.53
N LEU A 207 -22.37 5.68 32.74
CA LEU A 207 -23.17 4.88 33.66
C LEU A 207 -24.39 5.66 34.15
N LYS A 208 -24.28 6.98 34.29
CA LYS A 208 -25.43 7.79 34.67
C LYS A 208 -26.52 7.73 33.61
N ARG A 209 -26.15 7.90 32.34
CA ARG A 209 -27.14 7.95 31.26
C ARG A 209 -27.78 6.60 30.97
N SER A 210 -27.23 5.51 31.49
CA SER A 210 -27.76 4.19 31.19
C SER A 210 -29.05 3.87 31.94
N LYS A 211 -29.32 4.58 33.04
CA LYS A 211 -30.44 4.22 33.90
C LYS A 211 -31.77 4.25 33.15
N GLU A 212 -31.96 5.20 32.23
CA GLU A 212 -33.26 5.33 31.59
C GLU A 212 -33.63 4.07 30.82
N LEU A 213 -32.70 3.57 30.00
CA LEU A 213 -33.00 2.38 29.21
C LEU A 213 -32.88 1.10 30.03
N GLU A 214 -32.07 1.10 31.09
CA GLU A 214 -31.98 -0.07 31.96
C GLU A 214 -33.29 -0.30 32.69
N GLU A 215 -33.95 0.77 33.12
CA GLU A 215 -35.28 0.65 33.73
C GLU A 215 -36.27 0.05 32.75
N LYS A 216 -36.05 0.26 31.46
CA LYS A 216 -36.92 -0.26 30.41
C LYS A 216 -36.53 -1.67 29.95
N GLY A 217 -35.50 -2.26 30.54
CA GLY A 217 -35.12 -3.62 30.22
C GLY A 217 -33.92 -3.78 29.29
N PHE A 218 -33.32 -2.69 28.84
CA PHE A 218 -32.05 -2.81 28.13
C PHE A 218 -30.92 -3.12 29.12
N SER A 219 -29.82 -3.65 28.60
CA SER A 219 -28.58 -3.76 29.37
C SER A 219 -27.48 -3.07 28.56
N TYR A 220 -26.27 -3.05 29.12
CA TYR A 220 -25.18 -2.29 28.51
C TYR A 220 -23.87 -3.08 28.50
N SER A 221 -23.08 -2.84 27.46
CA SER A 221 -21.69 -3.27 27.41
C SER A 221 -20.87 -2.05 27.00
N TYR A 222 -19.98 -1.61 27.89
CA TYR A 222 -19.26 -0.37 27.66
C TYR A 222 -17.94 -0.63 26.95
N ASP A 223 -17.60 0.26 26.04
CA ASP A 223 -16.32 0.19 25.34
C ASP A 223 -15.58 1.50 25.56
N MET A 224 -14.52 1.45 26.34
CA MET A 224 -13.56 2.54 26.42
C MET A 224 -12.84 2.59 25.09
N LEU A 225 -13.19 3.58 24.27
CA LEU A 225 -12.69 3.65 22.91
C LEU A 225 -11.17 3.57 22.87
N GLY A 226 -10.65 2.84 21.90
CA GLY A 226 -9.23 2.55 21.87
C GLY A 226 -8.91 1.23 21.18
N GLU A 227 -7.88 1.26 20.35
CA GLU A 227 -7.55 0.12 19.51
C GLU A 227 -6.21 0.43 18.85
N ALA A 228 -5.58 -0.63 18.35
CA ALA A 228 -4.36 -0.51 17.57
C ALA A 228 -3.32 0.35 18.30
N ALA A 229 -2.97 -0.09 19.50
CA ALA A 229 -1.85 0.52 20.20
C ALA A 229 -0.63 0.60 19.30
N THR A 230 -0.01 1.77 19.25
CA THR A 230 1.21 1.99 18.47
C THR A 230 2.47 1.88 19.29
N THR A 231 2.39 2.22 20.58
CA THR A 231 3.54 2.25 21.48
C THR A 231 3.22 1.49 22.76
N ALA A 232 4.27 1.13 23.50
CA ALA A 232 4.09 0.57 24.83
C ALA A 232 3.26 1.49 25.72
N ALA A 233 3.49 2.80 25.65
CA ALA A 233 2.70 3.73 26.47
C ALA A 233 1.23 3.74 26.07
N ASP A 234 0.93 3.57 24.78
CA ASP A 234 -0.47 3.46 24.35
C ASP A 234 -1.14 2.28 25.02
N ALA A 235 -0.50 1.11 24.96
CA ALA A 235 -1.09 -0.11 25.51
C ALA A 235 -1.31 0.01 27.01
N GLU A 236 -0.39 0.69 27.71
CA GLU A 236 -0.52 0.84 29.15
C GLU A 236 -1.69 1.74 29.50
N ARG A 237 -1.85 2.86 28.77
CA ARG A 237 -2.98 3.75 28.96
C ARG A 237 -4.31 3.03 28.71
N TYR A 238 -4.39 2.26 27.62
CA TYR A 238 -5.62 1.53 27.33
C TYR A 238 -5.91 0.49 28.40
N TYR A 239 -4.87 -0.21 28.87
CA TYR A 239 -5.05 -1.14 29.98
C TYR A 239 -5.65 -0.44 31.19
N ARG A 240 -5.09 0.71 31.56
CA ARG A 240 -5.57 1.41 32.73
C ARG A 240 -7.01 1.92 32.55
N ASP A 241 -7.40 2.26 31.32
CA ASP A 241 -8.78 2.65 31.08
C ASP A 241 -9.73 1.46 31.27
N TYR A 242 -9.37 0.30 30.72
CA TYR A 242 -10.18 -0.89 30.90
C TYR A 242 -10.31 -1.24 32.38
N GLU A 243 -9.19 -1.18 33.10
CA GLU A 243 -9.19 -1.50 34.53
C GLU A 243 -10.07 -0.55 35.32
N SER A 244 -9.94 0.76 35.07
CA SER A 244 -10.83 1.71 35.73
C SER A 244 -12.28 1.45 35.36
N ALA A 245 -12.54 1.15 34.10
CA ALA A 245 -13.92 0.94 33.69
C ALA A 245 -14.51 -0.29 34.37
N ILE A 246 -13.73 -1.36 34.50
CA ILE A 246 -14.26 -2.57 35.14
C ILE A 246 -14.66 -2.28 36.57
N HIS A 247 -13.80 -1.55 37.31
CA HIS A 247 -14.15 -1.20 38.68
C HIS A 247 -15.44 -0.39 38.74
N ALA A 248 -15.58 0.58 37.85
CA ALA A 248 -16.78 1.42 37.85
C ALA A 248 -18.01 0.63 37.44
N ILE A 249 -17.89 -0.17 36.38
CA ILE A 249 -19.01 -0.99 35.93
C ILE A 249 -19.34 -2.06 36.96
N GLY A 250 -18.32 -2.69 37.55
CA GLY A 250 -18.56 -3.69 38.56
C GLY A 250 -19.26 -3.13 39.78
N LYS A 251 -18.87 -1.92 40.19
CA LYS A 251 -19.57 -1.28 41.31
C LYS A 251 -20.98 -0.90 40.92
N ALA A 252 -21.17 -0.42 39.69
CA ALA A 252 -22.53 -0.10 39.24
C ALA A 252 -23.38 -1.35 39.14
N SER A 253 -22.80 -2.47 38.69
CA SER A 253 -23.58 -3.70 38.57
C SER A 253 -24.16 -4.11 39.91
N ALA A 254 -23.37 -3.96 40.98
CA ALA A 254 -23.83 -4.22 42.34
C ALA A 254 -24.41 -5.63 42.49
N GLY A 255 -23.74 -6.60 41.87
CA GLY A 255 -24.18 -7.98 41.98
C GLY A 255 -25.35 -8.36 41.09
N ARG A 256 -25.68 -7.55 40.09
CA ARG A 256 -26.74 -7.92 39.17
C ARG A 256 -26.39 -9.12 38.31
N GLY A 257 -25.13 -9.48 38.17
CA GLY A 257 -24.76 -10.65 37.40
C GLY A 257 -24.57 -10.33 35.93
N ILE A 258 -24.13 -11.35 35.19
CA ILE A 258 -23.62 -11.11 33.84
C ILE A 258 -24.74 -10.93 32.82
N TYR A 259 -25.98 -11.31 33.15
CA TYR A 259 -27.06 -11.21 32.18
C TYR A 259 -27.85 -9.92 32.33
N GLU A 260 -28.25 -9.56 33.57
CA GLU A 260 -29.02 -8.35 33.80
C GLU A 260 -28.15 -7.14 34.10
N GLY A 261 -26.94 -7.34 34.60
CA GLY A 261 -26.03 -6.26 34.88
C GLY A 261 -25.16 -5.88 33.69
N PRO A 262 -24.52 -4.72 33.77
CA PRO A 262 -23.69 -4.25 32.66
C PRO A 262 -22.39 -5.04 32.55
N GLY A 263 -21.79 -4.96 31.36
CA GLY A 263 -20.52 -5.60 31.11
C GLY A 263 -19.56 -4.68 30.39
N ILE A 264 -18.43 -5.23 29.96
CA ILE A 264 -17.42 -4.46 29.28
C ILE A 264 -16.98 -5.21 28.02
N SER A 265 -16.52 -4.45 27.04
CA SER A 265 -15.93 -4.99 25.82
C SER A 265 -14.53 -4.43 25.68
N ILE A 266 -13.62 -5.25 25.18
CA ILE A 266 -12.24 -4.84 24.99
C ILE A 266 -11.79 -5.26 23.60
N LYS A 267 -10.76 -4.58 23.10
CA LYS A 267 -10.08 -4.96 21.87
C LYS A 267 -8.64 -5.36 22.22
N LEU A 268 -8.23 -6.53 21.77
CA LEU A 268 -6.89 -7.00 22.10
C LEU A 268 -5.82 -6.11 21.48
N SER A 269 -6.08 -5.52 20.30
CA SER A 269 -5.08 -4.65 19.68
C SER A 269 -4.81 -3.41 20.51
N ALA A 270 -5.71 -3.05 21.44
CA ALA A 270 -5.45 -1.95 22.34
C ALA A 270 -4.40 -2.28 23.39
N LEU A 271 -4.18 -3.57 23.64
CA LEU A 271 -3.43 -3.99 24.82
C LEU A 271 -1.99 -4.39 24.51
N HIS A 272 -1.57 -4.33 23.24
CA HIS A 272 -0.18 -4.59 22.92
C HIS A 272 0.14 -3.94 21.57
N PRO A 273 1.29 -3.28 21.44
CA PRO A 273 1.62 -2.64 20.16
C PRO A 273 2.03 -3.62 19.06
N ARG A 274 2.27 -4.89 19.37
CA ARG A 274 2.62 -5.85 18.33
C ARG A 274 1.66 -7.04 18.35
N TYR A 275 0.36 -6.78 18.23
CA TYR A 275 -0.66 -7.84 18.28
C TYR A 275 -0.80 -8.45 16.90
N SER A 276 -0.03 -9.52 16.65
CA SER A 276 -0.06 -10.21 15.36
C SER A 276 0.49 -11.62 15.52
N ARG A 277 0.13 -12.47 14.56
CA ARG A 277 0.65 -13.84 14.54
C ARG A 277 2.16 -13.84 14.44
N ALA A 278 2.75 -12.88 13.71
CA ALA A 278 4.21 -12.86 13.58
C ALA A 278 4.89 -12.68 14.93
N GLN A 279 4.20 -12.06 15.89
CA GLN A 279 4.71 -11.81 17.23
C GLN A 279 3.99 -12.66 18.28
N ALA A 280 3.62 -13.88 17.93
CA ALA A 280 2.78 -14.69 18.82
C ALA A 280 3.43 -14.93 20.18
N ALA A 281 4.76 -15.12 20.21
CA ALA A 281 5.39 -15.36 21.50
C ALA A 281 5.26 -14.15 22.41
N ARG A 282 5.45 -12.95 21.87
CA ARG A 282 5.25 -11.73 22.67
C ARG A 282 3.79 -11.57 23.07
N VAL A 283 2.85 -11.90 22.16
CA VAL A 283 1.43 -11.80 22.50
C VAL A 283 1.11 -12.71 23.68
N MET A 284 1.53 -13.98 23.61
CA MET A 284 1.20 -14.89 24.70
C MET A 284 1.92 -14.54 25.99
N GLY A 285 3.15 -14.03 25.88
CA GLY A 285 3.93 -13.74 27.07
C GLY A 285 3.58 -12.41 27.72
N GLU A 286 3.15 -11.42 26.93
CA GLU A 286 2.92 -10.07 27.40
C GLU A 286 1.47 -9.62 27.32
N LEU A 287 0.76 -9.96 26.24
CA LEU A 287 -0.63 -9.52 26.14
C LEU A 287 -1.54 -10.38 27.02
N LEU A 288 -1.45 -11.70 26.88
CA LEU A 288 -2.29 -12.61 27.67
C LEU A 288 -2.34 -12.29 29.15
N PRO A 289 -1.22 -12.05 29.86
CA PRO A 289 -1.35 -11.76 31.30
C PRO A 289 -2.16 -10.50 31.59
N ARG A 290 -2.17 -9.52 30.68
CA ARG A 290 -2.98 -8.34 30.90
CA ARG A 290 -2.99 -8.33 30.89
C ARG A 290 -4.47 -8.65 30.74
N VAL A 291 -4.82 -9.49 29.76
CA VAL A 291 -6.23 -9.87 29.63
C VAL A 291 -6.66 -10.71 30.82
N LYS A 292 -5.79 -11.62 31.27
CA LYS A 292 -6.14 -12.43 32.44
C LYS A 292 -6.41 -11.54 33.64
N ALA A 293 -5.60 -10.51 33.84
CA ALA A 293 -5.81 -9.61 34.98
C ALA A 293 -7.17 -8.92 34.88
N LEU A 294 -7.52 -8.42 33.70
CA LEU A 294 -8.83 -7.79 33.53
C LEU A 294 -9.95 -8.80 33.72
N ALA A 295 -9.81 -10.01 33.16
CA ALA A 295 -10.83 -11.04 33.35
C ALA A 295 -11.00 -11.39 34.82
N LEU A 296 -9.89 -11.40 35.57
CA LEU A 296 -9.98 -11.67 37.00
C LEU A 296 -10.82 -10.62 37.70
N LEU A 297 -10.65 -9.35 37.33
CA LEU A 297 -11.49 -8.30 37.91
C LEU A 297 -12.95 -8.50 37.53
N ALA A 298 -13.21 -8.74 36.24
CA ALA A 298 -14.58 -8.97 35.79
C ALA A 298 -15.22 -10.13 36.53
N LYS A 299 -14.47 -11.22 36.73
CA LYS A 299 -14.99 -12.33 37.54
C LYS A 299 -15.30 -11.89 38.96
N ASN A 300 -14.42 -11.08 39.57
CA ASN A 300 -14.61 -10.71 40.97
C ASN A 300 -15.85 -9.85 41.15
N TYR A 301 -16.22 -9.06 40.14
CA TYR A 301 -17.46 -8.31 40.14
C TYR A 301 -18.62 -9.08 39.53
N ASP A 302 -18.37 -10.26 38.97
CA ASP A 302 -19.34 -11.04 38.21
C ASP A 302 -20.03 -10.19 37.15
N ILE A 303 -19.21 -9.59 36.28
CA ILE A 303 -19.72 -8.88 35.11
C ILE A 303 -19.17 -9.57 33.86
N GLY A 304 -19.82 -9.30 32.73
CA GLY A 304 -19.36 -9.84 31.47
C GLY A 304 -18.19 -9.06 30.92
N LEU A 305 -17.23 -9.80 30.33
CA LEU A 305 -16.09 -9.22 29.65
C LEU A 305 -15.99 -9.83 28.25
N ASN A 306 -16.14 -8.99 27.23
CA ASN A 306 -16.22 -9.45 25.85
C ASN A 306 -14.98 -9.02 25.07
N ILE A 307 -14.41 -9.96 24.32
CA ILE A 307 -13.30 -9.67 23.42
C ILE A 307 -13.87 -9.39 22.04
N ASP A 308 -13.73 -8.14 21.58
CA ASP A 308 -14.17 -7.76 20.24
C ASP A 308 -13.35 -8.48 19.19
N ALA A 309 -13.97 -8.72 18.03
CA ALA A 309 -13.29 -9.32 16.89
C ALA A 309 -12.78 -8.22 15.99
N GLU A 310 -11.59 -8.43 15.41
CA GLU A 310 -10.95 -7.39 14.62
C GLU A 310 -10.65 -7.93 13.24
N GLU A 311 -9.44 -7.69 12.72
CA GLU A 311 -9.11 -8.12 11.37
C GLU A 311 -9.04 -9.64 11.27
N ALA A 312 -9.25 -10.14 10.05
CA ALA A 312 -9.30 -11.57 9.80
C ALA A 312 -7.98 -12.27 10.19
N ASP A 313 -6.84 -11.61 9.97
CA ASP A 313 -5.57 -12.26 10.31
C ASP A 313 -5.27 -12.26 11.81
N ARG A 314 -6.23 -11.81 12.63
CA ARG A 314 -6.11 -11.91 14.08
C ARG A 314 -7.12 -12.88 14.68
N LEU A 315 -8.03 -13.43 13.88
CA LEU A 315 -9.05 -14.33 14.41
C LEU A 315 -8.41 -15.52 15.12
N GLU A 316 -7.60 -16.29 14.42
CA GLU A 316 -7.15 -17.54 15.02
C GLU A 316 -6.17 -17.30 16.16
N LEU A 317 -5.38 -16.21 16.09
CA LEU A 317 -4.52 -15.86 17.22
C LEU A 317 -5.35 -15.56 18.47
N SER A 318 -6.44 -14.81 18.30
CA SER A 318 -7.29 -14.49 19.44
C SER A 318 -7.88 -15.75 20.07
N LEU A 319 -8.08 -16.80 19.27
CA LEU A 319 -8.57 -18.07 19.81
C LEU A 319 -7.56 -18.68 20.78
N ASP A 320 -6.26 -18.53 20.52
CA ASP A 320 -5.29 -19.06 21.48
C ASP A 320 -5.37 -18.33 22.80
N LEU A 321 -5.61 -17.01 22.77
CA LEU A 321 -5.83 -16.28 24.01
C LEU A 321 -7.14 -16.70 24.66
N LEU A 322 -8.21 -16.86 23.88
CA LEU A 322 -9.46 -17.34 24.45
C LEU A 322 -9.26 -18.71 25.10
N GLU A 323 -8.54 -19.61 24.42
CA GLU A 323 -8.37 -20.95 24.96
C GLU A 323 -7.62 -20.94 26.28
N VAL A 324 -6.50 -20.19 26.33
CA VAL A 324 -5.71 -20.14 27.55
C VAL A 324 -6.51 -19.52 28.69
N LEU A 325 -7.32 -18.50 28.37
CA LEU A 325 -8.15 -17.90 29.41
C LEU A 325 -9.22 -18.87 29.90
N CYS A 326 -9.90 -19.53 28.98
CA CYS A 326 -10.99 -20.42 29.39
C CYS A 326 -10.48 -21.62 30.16
N LEU A 327 -9.25 -22.07 29.90
CA LEU A 327 -8.65 -23.21 30.61
C LEU A 327 -7.93 -22.81 31.90
N ASP A 328 -7.98 -21.55 32.27
CA ASP A 328 -7.33 -21.05 33.48
C ASP A 328 -8.26 -21.23 34.67
N GLY A 329 -7.85 -22.04 35.64
CA GLY A 329 -8.70 -22.31 36.78
C GLY A 329 -8.99 -21.09 37.64
N ASP A 330 -8.12 -20.08 37.63
CA ASP A 330 -8.43 -18.85 38.36
C ASP A 330 -9.68 -18.16 37.83
N LEU A 331 -10.12 -18.51 36.63
CA LEU A 331 -11.33 -17.93 36.06
C LEU A 331 -12.53 -18.86 36.17
N SER A 332 -12.38 -20.03 36.78
CA SER A 332 -13.49 -20.97 36.86
C SER A 332 -14.58 -20.41 37.78
N GLY A 333 -15.79 -20.94 37.61
CA GLY A 333 -16.92 -20.46 38.37
C GLY A 333 -17.49 -19.15 37.89
N TRP A 334 -17.07 -18.65 36.72
CA TRP A 334 -17.53 -17.38 36.17
C TRP A 334 -17.89 -17.61 34.71
N ASN A 335 -19.11 -17.25 34.33
CA ASN A 335 -19.59 -17.45 32.97
C ASN A 335 -19.58 -16.17 32.13
N GLY A 336 -18.86 -15.14 32.58
CA GLY A 336 -18.86 -13.85 31.94
C GLY A 336 -17.83 -13.65 30.85
N MET A 337 -17.03 -14.68 30.55
CA MET A 337 -16.09 -14.58 29.45
C MET A 337 -16.84 -14.57 28.13
N GLY A 338 -16.65 -13.51 27.34
CA GLY A 338 -17.33 -13.33 26.07
C GLY A 338 -16.41 -13.11 24.88
N PHE A 339 -16.90 -13.43 23.68
CA PHE A 339 -16.08 -13.48 22.47
C PHE A 339 -16.98 -13.27 21.26
N VAL A 340 -16.56 -12.40 20.35
CA VAL A 340 -17.29 -12.07 19.12
C VAL A 340 -16.86 -13.02 18.01
N VAL A 341 -17.82 -13.48 17.21
CA VAL A 341 -17.52 -14.16 15.96
C VAL A 341 -18.25 -13.44 14.83
N GLN A 342 -17.53 -13.19 13.73
CA GLN A 342 -18.01 -12.38 12.61
C GLN A 342 -18.60 -13.27 11.53
N ALA A 343 -19.91 -13.17 11.33
CA ALA A 343 -20.58 -13.98 10.33
C ALA A 343 -20.23 -13.61 8.91
N TYR A 344 -19.62 -12.45 8.65
CA TYR A 344 -19.15 -12.24 7.29
C TYR A 344 -17.89 -13.01 6.98
N GLY A 345 -17.36 -13.76 7.95
CA GLY A 345 -16.14 -14.55 7.77
C GLY A 345 -16.45 -16.00 7.46
N LYS A 346 -15.65 -16.59 6.57
CA LYS A 346 -15.87 -17.95 6.10
C LYS A 346 -15.61 -19.00 7.18
N ARG A 347 -14.84 -18.68 8.20
CA ARG A 347 -14.55 -19.64 9.27
C ARG A 347 -15.60 -19.65 10.36
N CYS A 348 -16.56 -18.72 10.30
CA CYS A 348 -17.48 -18.49 11.42
C CYS A 348 -18.11 -19.76 11.99
N PRO A 349 -18.73 -20.65 11.21
CA PRO A 349 -19.35 -21.82 11.84
C PRO A 349 -18.33 -22.77 12.48
N PHE A 350 -17.14 -22.86 11.91
CA PHE A 350 -16.12 -23.73 12.47
C PHE A 350 -15.50 -23.11 13.72
N VAL A 351 -15.40 -21.78 13.76
CA VAL A 351 -15.02 -21.11 14.99
C VAL A 351 -16.05 -21.40 16.08
N LEU A 352 -17.33 -21.37 15.73
CA LEU A 352 -18.36 -21.67 16.73
C LEU A 352 -18.26 -23.12 17.23
N ASP A 353 -17.97 -24.07 16.33
CA ASP A 353 -17.75 -25.44 16.79
C ASP A 353 -16.62 -25.48 17.81
N PHE A 354 -15.55 -24.74 17.57
CA PHE A 354 -14.42 -24.72 18.49
C PHE A 354 -14.83 -24.14 19.83
N ILE A 355 -15.55 -23.02 19.81
CA ILE A 355 -15.91 -22.34 21.05
C ILE A 355 -16.86 -23.19 21.86
N ILE A 356 -17.85 -23.81 21.20
CA ILE A 356 -18.81 -24.63 21.92
C ILE A 356 -18.10 -25.79 22.61
N ASP A 357 -17.14 -26.42 21.92
CA ASP A 357 -16.37 -27.50 22.53
C ASP A 357 -15.46 -26.98 23.62
N LEU A 358 -14.87 -25.79 23.45
CA LEU A 358 -14.04 -25.22 24.50
C LEU A 358 -14.86 -24.98 25.76
N ALA A 359 -16.09 -24.51 25.61
CA ALA A 359 -16.96 -24.34 26.76
C ALA A 359 -17.13 -25.65 27.51
N ARG A 360 -17.37 -26.74 26.78
CA ARG A 360 -17.59 -28.03 27.43
C ARG A 360 -16.31 -28.49 28.13
N ARG A 361 -15.16 -28.39 27.45
CA ARG A 361 -13.89 -28.81 28.03
C ARG A 361 -13.56 -28.04 29.30
N SER A 362 -13.89 -26.75 29.34
CA SER A 362 -13.43 -25.87 30.39
C SER A 362 -14.45 -25.69 31.51
N GLY A 363 -15.64 -26.29 31.38
CA GLY A 363 -16.60 -26.24 32.46
C GLY A 363 -17.26 -24.89 32.64
N ARG A 364 -17.29 -24.06 31.61
CA ARG A 364 -17.92 -22.77 31.75
C ARG A 364 -18.93 -22.60 30.62
N ARG A 365 -19.78 -21.59 30.78
CA ARG A 365 -20.61 -21.09 29.69
C ARG A 365 -19.90 -19.87 29.12
N ILE A 366 -19.77 -19.81 27.80
CA ILE A 366 -19.08 -18.72 27.12
C ILE A 366 -20.13 -17.84 26.45
N MET A 367 -20.01 -16.53 26.63
CA MET A 367 -20.88 -15.60 25.92
C MET A 367 -20.33 -15.41 24.51
N VAL A 368 -21.18 -15.57 23.50
CA VAL A 368 -20.76 -15.47 22.10
C VAL A 368 -21.60 -14.38 21.44
N ARG A 369 -20.96 -13.29 21.05
CA ARG A 369 -21.63 -12.23 20.31
C ARG A 369 -21.52 -12.53 18.83
N LEU A 370 -22.64 -12.85 18.20
CA LEU A 370 -22.67 -13.06 16.76
C LEU A 370 -22.91 -11.72 16.08
N VAL A 371 -21.93 -11.30 15.26
CA VAL A 371 -22.02 -10.09 14.46
C VAL A 371 -21.85 -10.46 13.00
N LYS A 372 -22.06 -9.46 12.13
CA LYS A 372 -21.74 -9.66 10.70
C LYS A 372 -20.28 -9.30 10.48
N GLY A 373 -19.90 -8.04 10.65
CA GLY A 373 -18.49 -7.69 10.68
C GLY A 373 -18.22 -6.26 10.21
N ALA A 374 -17.19 -5.65 10.81
CA ALA A 374 -16.99 -4.20 10.67
C ALA A 374 -15.84 -3.81 9.76
N TYR A 375 -15.12 -4.76 9.15
CA TYR A 375 -13.87 -4.47 8.44
C TYR A 375 -13.93 -4.90 6.97
N TRP A 376 -15.13 -4.94 6.40
CA TRP A 376 -15.28 -5.63 5.11
C TRP A 376 -14.41 -5.00 4.02
N ASP A 377 -14.48 -3.67 3.85
CA ASP A 377 -13.70 -2.98 2.80
C ASP A 377 -12.21 -3.29 2.93
N ALA A 378 -11.69 -3.19 4.15
CA ALA A 378 -10.27 -3.43 4.39
C ALA A 378 -9.88 -4.86 4.05
N GLU A 379 -10.76 -5.83 4.31
CA GLU A 379 -10.40 -7.22 4.03
C GLU A 379 -10.36 -7.49 2.53
N ILE A 380 -11.28 -6.88 1.76
CA ILE A 380 -11.20 -7.03 0.30
C ILE A 380 -9.86 -6.49 -0.21
N LYS A 381 -9.53 -5.26 0.21
CA LYS A 381 -8.29 -4.66 -0.29
C LYS A 381 -7.06 -5.46 0.15
N ARG A 382 -7.04 -5.94 1.40
CA ARG A 382 -5.86 -6.64 1.90
C ARG A 382 -5.59 -7.92 1.11
N ALA A 383 -6.64 -8.71 0.86
CA ALA A 383 -6.44 -9.97 0.15
C ALA A 383 -5.92 -9.72 -1.27
N GLN A 384 -6.42 -8.66 -1.93
CA GLN A 384 -5.92 -8.33 -3.27
C GLN A 384 -4.47 -7.88 -3.21
N LEU A 385 -4.13 -6.98 -2.28
CA LEU A 385 -2.74 -6.54 -2.16
C LEU A 385 -1.81 -7.72 -1.98
N ASP A 386 -2.23 -8.71 -1.18
CA ASP A 386 -1.36 -9.78 -0.78
C ASP A 386 -1.36 -10.94 -1.75
N GLY A 387 -2.18 -10.86 -2.80
CA GLY A 387 -2.15 -11.91 -3.83
C GLY A 387 -2.61 -13.27 -3.34
N LEU A 388 -3.57 -13.30 -2.42
CA LEU A 388 -3.91 -14.58 -1.81
C LEU A 388 -5.02 -15.29 -2.59
N ALA A 389 -5.28 -16.55 -2.23
CA ALA A 389 -6.11 -17.43 -3.05
C ALA A 389 -7.56 -16.93 -3.14
N ASP A 390 -8.08 -16.38 -2.05
CA ASP A 390 -9.46 -15.91 -2.02
C ASP A 390 -9.57 -14.91 -0.87
N PHE A 391 -10.78 -14.37 -0.69
CA PHE A 391 -11.04 -13.51 0.48
C PHE A 391 -11.37 -14.35 1.71
N PRO A 392 -11.09 -13.83 2.91
CA PRO A 392 -11.52 -14.48 4.14
C PRO A 392 -12.90 -14.05 4.61
N VAL A 393 -13.59 -13.23 3.81
CA VAL A 393 -14.95 -12.81 4.05
C VAL A 393 -15.75 -13.03 2.77
N PHE A 394 -17.08 -13.07 2.91
CA PHE A 394 -17.93 -13.17 1.73
C PHE A 394 -17.88 -11.87 0.92
N THR A 395 -18.27 -11.96 -0.36
CA THR A 395 -18.26 -10.78 -1.21
C THR A 395 -19.65 -10.32 -1.63
N ARG A 396 -20.69 -11.08 -1.31
CA ARG A 396 -22.07 -10.63 -1.49
C ARG A 396 -22.70 -10.47 -0.12
N LYS A 397 -23.33 -9.31 0.10
CA LYS A 397 -23.92 -9.03 1.40
C LYS A 397 -24.93 -10.11 1.81
N ILE A 398 -25.74 -10.61 0.88
CA ILE A 398 -26.74 -11.62 1.27
C ILE A 398 -26.07 -12.90 1.77
N HIS A 399 -24.87 -13.20 1.29
CA HIS A 399 -24.14 -14.36 1.81
C HIS A 399 -23.85 -14.18 3.29
N THR A 400 -23.40 -12.98 3.68
CA THR A 400 -23.21 -12.70 5.10
C THR A 400 -24.49 -12.92 5.89
N ASP A 401 -25.64 -12.47 5.35
CA ASP A 401 -26.92 -12.68 6.02
C ASP A 401 -27.24 -14.16 6.19
N VAL A 402 -27.00 -14.96 5.15
CA VAL A 402 -27.26 -16.40 5.26
C VAL A 402 -26.34 -17.03 6.29
N SER A 403 -25.06 -16.66 6.25
CA SER A 403 -24.09 -17.15 7.24
C SER A 403 -24.56 -16.85 8.67
N TYR A 404 -25.01 -15.61 8.88
CA TYR A 404 -25.49 -15.20 10.20
C TYR A 404 -26.63 -16.09 10.66
N ILE A 405 -27.64 -16.30 9.81
CA ILE A 405 -28.77 -17.13 10.17
C ILE A 405 -28.31 -18.55 10.49
N ALA A 406 -27.44 -19.11 9.64
CA ALA A 406 -26.97 -20.47 9.86
C ALA A 406 -26.18 -20.58 11.15
N CYS A 407 -25.40 -19.55 11.49
CA CYS A 407 -24.66 -19.60 12.74
C CYS A 407 -25.55 -19.38 13.94
N ALA A 408 -26.61 -18.57 13.79
CA ALA A 408 -27.60 -18.46 14.86
C ALA A 408 -28.23 -19.82 15.17
N ALA A 409 -28.53 -20.61 14.13
CA ALA A 409 -29.08 -21.93 14.36
C ALA A 409 -28.13 -22.78 15.20
N LYS A 410 -26.83 -22.70 14.92
CA LYS A 410 -25.86 -23.45 15.70
C LYS A 410 -25.80 -22.97 17.15
N LEU A 411 -25.83 -21.65 17.36
CA LEU A 411 -25.76 -21.13 18.72
C LEU A 411 -26.97 -21.54 19.54
N LEU A 412 -28.17 -21.46 18.93
CA LEU A 412 -29.38 -21.78 19.66
C LEU A 412 -29.48 -23.27 19.99
N ALA A 413 -28.74 -24.13 19.28
CA ALA A 413 -28.75 -25.54 19.62
C ALA A 413 -27.85 -25.87 20.80
N ALA A 414 -27.07 -24.91 21.30
CA ALA A 414 -26.09 -25.18 22.34
C ALA A 414 -26.18 -24.15 23.47
N THR A 415 -27.40 -23.67 23.76
CA THR A 415 -27.55 -22.65 24.79
C THR A 415 -27.18 -23.16 26.18
N ASP A 416 -26.99 -24.46 26.35
CA ASP A 416 -26.55 -24.96 27.64
C ASP A 416 -25.11 -24.52 27.94
N VAL A 417 -24.28 -24.35 26.92
CA VAL A 417 -22.86 -24.10 27.14
C VAL A 417 -22.38 -22.79 26.51
N VAL A 418 -23.19 -22.11 25.70
CA VAL A 418 -22.86 -20.77 25.23
C VAL A 418 -24.08 -19.89 25.45
N PHE A 419 -23.83 -18.58 25.64
CA PHE A 419 -24.88 -17.58 25.74
C PHE A 419 -24.91 -16.80 24.44
N PRO A 420 -25.86 -17.07 23.54
CA PRO A 420 -25.85 -16.39 22.23
C PRO A 420 -26.31 -14.95 22.37
N GLN A 421 -25.55 -14.04 21.75
CA GLN A 421 -25.83 -12.60 21.77
C GLN A 421 -25.93 -12.15 20.32
N PHE A 422 -27.15 -11.89 19.85
CA PHE A 422 -27.37 -11.63 18.43
C PHE A 422 -27.31 -10.14 18.17
N ALA A 423 -26.14 -9.67 17.74
CA ALA A 423 -25.90 -8.26 17.45
C ALA A 423 -26.35 -7.96 16.03
N THR A 424 -27.39 -7.14 15.88
CA THR A 424 -27.89 -6.80 14.56
C THR A 424 -28.85 -5.62 14.66
N HIS A 425 -28.84 -4.78 13.63
CA HIS A 425 -29.86 -3.75 13.44
C HIS A 425 -30.84 -4.10 12.33
N ASN A 426 -30.73 -5.31 11.80
CA ASN A 426 -31.50 -5.73 10.62
C ASN A 426 -32.79 -6.40 11.09
N ALA A 427 -33.94 -5.77 10.79
CA ALA A 427 -35.20 -6.28 11.29
C ALA A 427 -35.53 -7.65 10.71
N GLN A 428 -35.10 -7.93 9.47
CA GLN A 428 -35.35 -9.24 8.90
C GLN A 428 -34.52 -10.30 9.60
N THR A 429 -33.24 -10.02 9.84
CA THR A 429 -32.37 -10.90 10.61
C THR A 429 -32.94 -11.16 11.99
N LEU A 430 -33.32 -10.09 12.70
CA LEU A 430 -33.87 -10.23 14.05
C LEU A 430 -35.10 -11.13 14.06
N ALA A 431 -36.03 -10.89 13.14
CA ALA A 431 -37.28 -11.65 13.17
C ALA A 431 -37.02 -13.11 12.85
N ALA A 432 -36.08 -13.38 11.93
CA ALA A 432 -35.74 -14.77 11.61
C ALA A 432 -35.26 -15.51 12.85
N ILE A 433 -34.36 -14.89 13.62
CA ILE A 433 -33.84 -15.54 14.81
C ILE A 433 -34.91 -15.63 15.90
N TYR A 434 -35.68 -14.55 16.07
CA TYR A 434 -36.73 -14.52 17.11
C TYR A 434 -37.66 -15.72 16.98
N HIS A 435 -38.13 -16.01 15.76
CA HIS A 435 -38.99 -17.17 15.55
C HIS A 435 -38.20 -18.48 15.52
N MET A 436 -36.94 -18.45 15.08
CA MET A 436 -36.09 -19.63 15.16
C MET A 436 -35.95 -20.10 16.62
N ALA A 437 -35.80 -19.15 17.55
CA ALA A 437 -35.53 -19.50 18.94
C ALA A 437 -36.71 -20.18 19.62
N GLY A 438 -37.91 -20.07 19.06
CA GLY A 438 -39.07 -20.75 19.63
C GLY A 438 -39.76 -19.95 20.70
N LYS A 439 -40.80 -20.56 21.27
CA LYS A 439 -41.67 -19.88 22.21
C LYS A 439 -41.15 -19.91 23.64
N ASP A 440 -40.29 -20.86 23.99
CA ASP A 440 -39.71 -20.92 25.32
C ASP A 440 -38.58 -19.92 25.45
N PHE A 441 -38.70 -18.98 26.38
CA PHE A 441 -37.65 -18.02 26.65
C PHE A 441 -37.56 -17.73 28.14
N HIS A 442 -36.33 -17.59 28.61
CA HIS A 442 -36.03 -17.07 29.95
C HIS A 442 -34.81 -16.18 29.83
N VAL A 443 -34.73 -15.17 30.69
CA VAL A 443 -33.55 -14.32 30.70
C VAL A 443 -32.32 -15.18 30.95
N GLY A 444 -31.29 -15.00 30.14
CA GLY A 444 -30.12 -15.84 30.18
C GLY A 444 -30.06 -16.89 29.09
N LYS A 445 -31.19 -17.20 28.44
CA LYS A 445 -31.16 -18.13 27.31
C LYS A 445 -30.36 -17.55 26.16
N TYR A 446 -30.74 -16.34 25.71
CA TYR A 446 -30.00 -15.57 24.70
C TYR A 446 -30.44 -14.12 24.84
N GLU A 447 -29.76 -13.24 24.11
CA GLU A 447 -30.11 -11.83 24.09
C GLU A 447 -29.80 -11.26 22.70
N PHE A 448 -30.35 -10.08 22.43
CA PHE A 448 -29.99 -9.30 21.26
C PHE A 448 -29.02 -8.20 21.67
N GLN A 449 -28.34 -7.64 20.67
CA GLN A 449 -27.45 -6.51 20.93
C GLN A 449 -27.58 -5.47 19.84
N CYS A 450 -27.28 -4.22 20.21
CA CYS A 450 -27.27 -3.10 19.27
C CYS A 450 -26.20 -2.10 19.69
N LEU A 451 -25.84 -1.22 18.76
CA LEU A 451 -24.87 -0.16 19.00
C LEU A 451 -25.57 1.11 19.44
N HIS A 452 -24.96 1.83 20.38
CA HIS A 452 -25.54 3.06 20.91
C HIS A 452 -25.81 4.07 19.79
N GLY A 453 -26.99 4.67 19.81
CA GLY A 453 -27.37 5.64 18.81
C GLY A 453 -27.72 5.07 17.45
N MET A 454 -27.72 3.76 17.30
CA MET A 454 -28.14 3.13 16.04
C MET A 454 -29.34 2.22 16.22
N GLY A 455 -29.39 1.41 17.27
CA GLY A 455 -30.35 0.34 17.35
C GLY A 455 -31.54 0.59 18.25
N GLU A 456 -31.49 1.65 19.06
CA GLU A 456 -32.57 1.89 20.00
C GLU A 456 -33.94 2.00 19.34
N PRO A 457 -34.12 2.69 18.20
CA PRO A 457 -35.47 2.71 17.60
C PRO A 457 -36.00 1.33 17.25
N LEU A 458 -35.15 0.43 16.75
CA LEU A 458 -35.59 -0.92 16.45
C LEU A 458 -35.87 -1.72 17.71
N TYR A 459 -34.97 -1.65 18.69
CA TYR A 459 -35.14 -2.44 19.90
C TYR A 459 -36.10 -1.81 20.89
N GLU A 460 -36.49 -0.55 20.68
CA GLU A 460 -37.69 -0.06 21.35
C GLU A 460 -38.92 -0.86 20.95
N GLU A 461 -38.90 -1.45 19.75
CA GLU A 461 -39.98 -2.29 19.27
C GLU A 461 -39.80 -3.76 19.66
N VAL A 462 -38.79 -4.08 20.46
CA VAL A 462 -38.45 -5.47 20.78
C VAL A 462 -38.49 -5.73 22.28
N VAL A 463 -37.79 -4.90 23.06
CA VAL A 463 -37.74 -5.11 24.50
C VAL A 463 -39.10 -4.83 25.12
N GLY A 464 -39.47 -5.63 26.10
CA GLY A 464 -40.62 -5.32 26.93
C GLY A 464 -41.79 -6.26 26.68
N ARG A 465 -42.59 -6.48 27.73
CA ARG A 465 -43.71 -7.40 27.65
C ARG A 465 -44.75 -6.98 26.62
N GLY A 466 -44.72 -5.72 26.17
CA GLY A 466 -45.64 -5.26 25.15
C GLY A 466 -45.10 -5.32 23.74
N LYS A 467 -43.86 -5.78 23.55
CA LYS A 467 -43.28 -5.89 22.22
C LYS A 467 -43.01 -7.38 22.00
N LEU A 468 -41.75 -7.77 21.77
CA LEU A 468 -41.36 -9.17 21.65
C LEU A 468 -40.90 -9.77 22.98
N ASP A 469 -40.68 -8.95 24.00
CA ASP A 469 -40.26 -9.41 25.33
C ASP A 469 -38.93 -10.16 25.27
N ARG A 470 -37.95 -9.56 24.59
CA ARG A 470 -36.59 -10.06 24.50
C ARG A 470 -35.63 -8.97 24.91
N PRO A 471 -34.58 -9.27 25.67
CA PRO A 471 -33.64 -8.23 26.08
C PRO A 471 -32.66 -7.88 24.97
N CYS A 472 -32.11 -6.67 25.09
CA CYS A 472 -31.10 -6.18 24.18
C CYS A 472 -30.02 -5.48 25.00
N ARG A 473 -28.77 -5.79 24.71
CA ARG A 473 -27.62 -5.13 25.32
C ARG A 473 -27.08 -4.09 24.35
N ILE A 474 -26.87 -2.88 24.87
CA ILE A 474 -26.41 -1.74 24.06
C ILE A 474 -24.90 -1.61 24.19
N TYR A 475 -24.19 -1.75 23.08
CA TYR A 475 -22.76 -1.49 23.05
C TYR A 475 -22.55 0.02 23.12
N ALA A 476 -21.90 0.48 24.19
CA ALA A 476 -21.86 1.91 24.53
C ALA A 476 -20.45 2.46 24.47
N PRO A 477 -20.09 3.21 23.43
CA PRO A 477 -18.74 3.78 23.37
C PRO A 477 -18.58 4.92 24.36
N VAL A 478 -17.44 4.93 25.05
CA VAL A 478 -17.14 5.87 26.13
C VAL A 478 -15.80 6.53 25.82
N GLY A 479 -15.78 7.86 25.79
CA GLY A 479 -14.55 8.60 25.61
C GLY A 479 -14.82 9.96 24.99
N THR A 480 -13.73 10.63 24.64
CA THR A 480 -13.75 11.92 23.95
C THR A 480 -13.23 11.75 22.51
N HIS A 481 -13.16 12.87 21.79
CA HIS A 481 -12.73 12.85 20.39
C HIS A 481 -11.34 12.27 20.20
N GLU A 482 -10.49 12.29 21.23
CA GLU A 482 -9.12 11.82 21.09
C GLU A 482 -9.05 10.34 20.73
N THR A 483 -10.07 9.55 21.09
CA THR A 483 -10.13 8.14 20.76
C THR A 483 -11.30 7.79 19.86
N LEU A 484 -12.03 8.80 19.36
CA LEU A 484 -13.32 8.55 18.72
C LEU A 484 -13.20 8.17 17.26
N LEU A 485 -12.20 8.71 16.54
CA LEU A 485 -12.18 8.71 15.08
C LEU A 485 -12.51 7.37 14.44
N ALA A 486 -11.63 6.39 14.65
CA ALA A 486 -11.71 5.13 13.91
C ALA A 486 -13.08 4.48 14.07
N TYR A 487 -13.55 4.37 15.31
CA TYR A 487 -14.86 3.76 15.58
C TYR A 487 -15.99 4.58 14.97
N LEU A 488 -15.90 5.90 15.03
CA LEU A 488 -16.99 6.73 14.52
C LEU A 488 -17.15 6.57 13.02
N VAL A 489 -16.03 6.55 12.28
CA VAL A 489 -16.07 6.38 10.84
C VAL A 489 -16.71 5.04 10.49
N ARG A 490 -16.33 3.97 11.20
CA ARG A 490 -16.93 2.67 10.94
C ARG A 490 -18.44 2.71 11.10
N ARG A 491 -18.93 3.37 12.16
CA ARG A 491 -20.37 3.53 12.33
C ARG A 491 -20.97 4.31 11.17
N LEU A 492 -20.37 5.46 10.84
CA LEU A 492 -20.94 6.31 9.80
C LEU A 492 -20.93 5.63 8.44
N LEU A 493 -19.86 4.88 8.15
CA LEU A 493 -19.80 4.11 6.91
C LEU A 493 -20.90 3.06 6.87
N GLU A 494 -21.04 2.31 7.96
CA GLU A 494 -22.13 1.36 8.08
C GLU A 494 -23.49 2.02 7.92
N ASN A 495 -23.64 3.25 8.44
CA ASN A 495 -24.93 3.92 8.37
C ASN A 495 -25.28 4.38 6.95
N GLY A 496 -24.27 4.77 6.18
CA GLY A 496 -24.49 5.30 4.85
C GLY A 496 -24.26 4.34 3.70
N ALA A 497 -23.82 3.12 3.97
CA ALA A 497 -23.58 2.15 2.91
C ALA A 497 -24.90 1.70 2.30
N ASN A 498 -24.94 1.62 0.97
CA ASN A 498 -26.21 1.40 0.29
C ASN A 498 -26.76 0.00 0.52
N SER A 499 -25.91 -0.94 0.93
CA SER A 499 -26.36 -2.29 1.24
C SER A 499 -26.80 -2.47 2.69
N SER A 500 -26.60 -1.45 3.53
CA SER A 500 -26.88 -1.57 4.97
C SER A 500 -28.35 -1.38 5.28
N PHE A 501 -28.84 -2.18 6.24
CA PHE A 501 -30.25 -2.12 6.60
C PHE A 501 -30.64 -0.74 7.12
N VAL A 502 -29.81 -0.16 7.99
CA VAL A 502 -30.14 1.14 8.57
C VAL A 502 -30.19 2.23 7.51
N HIS A 503 -29.49 2.04 6.39
CA HIS A 503 -29.59 2.99 5.28
C HIS A 503 -30.83 2.71 4.43
N ARG A 504 -31.02 1.45 4.02
CA ARG A 504 -32.15 1.10 3.16
C ARG A 504 -33.49 1.40 3.82
N ILE A 505 -33.55 1.36 5.15
CA ILE A 505 -34.84 1.60 5.82
C ILE A 505 -35.29 3.05 5.64
N ASN A 506 -34.35 3.96 5.40
CA ASN A 506 -34.67 5.36 5.18
C ASN A 506 -34.81 5.70 3.71
N ASP A 507 -34.46 4.79 2.80
CA ASP A 507 -34.57 5.01 1.37
C ASP A 507 -36.00 4.74 0.91
N PRO A 508 -36.78 5.79 0.64
CA PRO A 508 -38.19 5.57 0.25
C PRO A 508 -38.32 4.74 -1.02
N LYS A 509 -37.29 4.74 -1.88
CA LYS A 509 -37.23 3.89 -3.06
C LYS A 509 -37.13 2.41 -2.72
N VAL A 510 -36.86 2.05 -1.48
CA VAL A 510 -36.79 0.66 -1.04
C VAL A 510 -38.09 0.32 -0.32
N SER A 511 -38.80 -0.68 -0.83
CA SER A 511 -40.09 -1.06 -0.28
C SER A 511 -39.91 -2.04 0.89
N ILE A 512 -40.99 -2.21 1.66
CA ILE A 512 -40.92 -3.11 2.80
C ILE A 512 -40.79 -4.56 2.34
N ASP A 513 -41.49 -4.93 1.26
CA ASP A 513 -41.38 -6.29 0.76
C ASP A 513 -39.94 -6.63 0.38
N GLU A 514 -39.20 -5.67 -0.14
CA GLU A 514 -37.78 -5.89 -0.38
C GLU A 514 -37.02 -6.03 0.93
N LEU A 515 -37.39 -5.23 1.93
CA LEU A 515 -36.69 -5.28 3.22
C LEU A 515 -36.93 -6.60 3.94
N ILE A 516 -38.06 -7.25 3.71
CA ILE A 516 -38.39 -8.47 4.46
C ILE A 516 -38.07 -9.67 3.59
N ALA A 517 -37.40 -9.44 2.46
CA ALA A 517 -37.01 -10.54 1.60
C ALA A 517 -36.06 -11.47 2.35
N ASP A 518 -36.34 -12.78 2.32
CA ASP A 518 -35.58 -13.80 3.01
C ASP A 518 -34.29 -14.09 2.26
N PRO A 519 -33.14 -13.65 2.76
CA PRO A 519 -31.89 -13.90 2.02
C PRO A 519 -31.57 -15.37 1.84
N VAL A 520 -32.11 -16.24 2.71
CA VAL A 520 -31.85 -17.67 2.57
C VAL A 520 -32.51 -18.22 1.30
N GLU A 521 -33.75 -17.81 1.03
CA GLU A 521 -34.43 -18.26 -0.17
C GLU A 521 -33.91 -17.57 -1.43
N VAL A 522 -33.53 -16.30 -1.32
CA VAL A 522 -32.94 -15.60 -2.46
C VAL A 522 -31.65 -16.27 -2.90
N VAL A 523 -30.80 -16.63 -1.93
CA VAL A 523 -29.56 -17.32 -2.25
C VAL A 523 -29.86 -18.72 -2.81
N ARG A 524 -30.82 -19.43 -2.20
CA ARG A 524 -31.14 -20.77 -2.63
C ARG A 524 -31.57 -20.83 -4.09
N ALA A 525 -32.23 -19.78 -4.58
CA ALA A 525 -32.78 -19.73 -5.92
C ALA A 525 -31.80 -19.20 -6.96
N MET A 526 -30.60 -18.80 -6.56
CA MET A 526 -29.67 -18.22 -7.51
C MET A 526 -29.11 -19.31 -8.43
N PRO A 527 -28.77 -18.94 -9.68
CA PRO A 527 -28.31 -19.98 -10.63
C PRO A 527 -27.04 -20.69 -10.20
N VAL A 528 -26.10 -19.97 -9.59
CA VAL A 528 -24.92 -20.57 -8.98
C VAL A 528 -24.90 -20.15 -7.51
N VAL A 529 -25.21 -21.09 -6.63
CA VAL A 529 -25.30 -20.79 -5.20
C VAL A 529 -23.91 -20.44 -4.69
N GLY A 530 -23.77 -19.25 -4.11
CA GLY A 530 -22.52 -18.84 -3.54
C GLY A 530 -21.55 -18.21 -4.51
N ALA A 531 -22.02 -17.81 -5.69
CA ALA A 531 -21.14 -17.17 -6.65
C ALA A 531 -20.55 -15.88 -6.08
N LYS A 532 -19.25 -15.70 -6.31
CA LYS A 532 -18.57 -14.46 -5.98
C LYS A 532 -19.31 -13.27 -6.56
N HIS A 533 -19.21 -12.12 -5.90
CA HIS A 533 -19.71 -10.87 -6.46
C HIS A 533 -19.09 -10.62 -7.83
N ASP A 534 -19.93 -10.23 -8.79
CA ASP A 534 -19.48 -10.06 -10.18
C ASP A 534 -18.50 -8.91 -10.34
N ARG A 535 -18.54 -7.91 -9.46
CA ARG A 535 -17.74 -6.71 -9.63
C ARG A 535 -16.55 -6.64 -8.66
N ILE A 536 -16.20 -7.76 -8.03
CA ILE A 536 -15.01 -7.82 -7.18
C ILE A 536 -14.07 -8.89 -7.72
N ALA A 537 -12.85 -8.50 -8.07
CA ALA A 537 -11.90 -9.44 -8.64
C ALA A 537 -11.24 -10.25 -7.54
N LEU A 538 -11.13 -11.56 -7.77
CA LEU A 538 -10.18 -12.34 -6.98
C LEU A 538 -8.79 -11.75 -7.14
N PRO A 539 -7.94 -11.86 -6.13
CA PRO A 539 -6.56 -11.35 -6.26
C PRO A 539 -5.83 -11.86 -7.50
N ALA A 540 -5.98 -13.13 -7.88
CA ALA A 540 -5.31 -13.61 -9.07
C ALA A 540 -5.84 -12.95 -10.34
N GLU A 541 -7.03 -12.34 -10.28
CA GLU A 541 -7.68 -11.80 -11.47
C GLU A 541 -7.61 -10.28 -11.57
N LEU A 542 -6.76 -9.63 -10.77
CA LEU A 542 -6.75 -8.17 -10.75
C LEU A 542 -6.56 -7.58 -12.14
N PHE A 543 -5.81 -8.27 -13.01
CA PHE A 543 -5.49 -7.72 -14.33
C PHE A 543 -6.32 -8.35 -15.43
N GLY A 544 -7.36 -9.11 -15.09
CA GLY A 544 -8.25 -9.64 -16.11
C GLY A 544 -7.55 -10.59 -17.06
N ASP A 545 -7.93 -10.52 -18.34
CA ASP A 545 -7.38 -11.40 -19.36
C ASP A 545 -5.94 -11.07 -19.72
N ALA A 546 -5.43 -9.91 -19.33
CA ALA A 546 -4.07 -9.54 -19.74
C ALA A 546 -3.04 -10.51 -19.17
N ARG A 547 -3.15 -10.84 -17.89
CA ARG A 547 -2.16 -11.71 -17.27
C ARG A 547 -2.68 -12.14 -15.91
N THR A 548 -2.06 -13.19 -15.38
CA THR A 548 -2.37 -13.71 -14.05
C THR A 548 -1.49 -13.02 -13.02
N ASN A 549 -2.12 -12.50 -11.96
CA ASN A 549 -1.38 -11.87 -10.89
C ASN A 549 -0.52 -12.92 -10.18
N SER A 550 0.68 -12.51 -9.75
CA SER A 550 1.47 -13.39 -8.87
C SER A 550 0.68 -13.67 -7.59
N ALA A 551 0.92 -14.86 -7.03
CA ALA A 551 0.30 -15.28 -5.77
C ALA A 551 1.29 -15.16 -4.64
N GLY A 552 0.80 -14.65 -3.50
CA GLY A 552 1.59 -14.62 -2.28
C GLY A 552 1.32 -15.83 -1.41
N LEU A 553 1.63 -15.68 -0.13
CA LEU A 553 1.45 -16.71 0.88
C LEU A 553 0.92 -16.05 2.13
N ASP A 554 0.00 -16.71 2.83
CA ASP A 554 -0.65 -16.11 4.00
C ASP A 554 0.13 -16.54 5.23
N LEU A 555 0.93 -15.63 5.79
CA LEU A 555 1.72 -15.97 6.96
C LEU A 555 0.91 -15.95 8.26
N SER A 556 -0.41 -15.76 8.19
CA SER A 556 -1.28 -15.98 9.35
C SER A 556 -1.97 -17.34 9.31
N ASN A 557 -1.75 -18.11 8.26
CA ASN A 557 -2.39 -19.41 8.09
C ASN A 557 -1.45 -20.48 8.64
N GLU A 558 -1.91 -21.25 9.65
CA GLU A 558 -1.03 -22.22 10.30
C GLU A 558 -0.63 -23.37 9.38
N GLU A 559 -1.52 -23.78 8.46
CA GLU A 559 -1.12 -24.78 7.48
C GLU A 559 0.05 -24.27 6.66
N THR A 560 -0.06 -23.02 6.19
CA THR A 560 1.01 -22.43 5.40
C THR A 560 2.29 -22.31 6.22
N LEU A 561 2.19 -21.86 7.46
CA LEU A 561 3.40 -21.73 8.27
C LEU A 561 4.06 -23.09 8.53
N ALA A 562 3.27 -24.14 8.67
CA ALA A 562 3.88 -25.45 8.92
C ALA A 562 4.56 -26.01 7.66
N SER A 563 3.90 -25.90 6.50
CA SER A 563 4.53 -26.43 5.29
C SER A 563 5.70 -25.56 4.87
N LEU A 564 5.57 -24.23 5.05
CA LEU A 564 6.68 -23.33 4.79
C LEU A 564 7.88 -23.66 5.66
N THR A 565 7.66 -23.83 6.97
CA THR A 565 8.75 -24.21 7.87
C THR A 565 9.55 -25.37 7.31
N GLU A 566 8.86 -26.40 6.83
CA GLU A 566 9.57 -27.58 6.32
C GLU A 566 10.31 -27.27 5.02
N ALA A 567 9.67 -26.55 4.10
CA ALA A 567 10.34 -26.17 2.86
C ALA A 567 11.52 -25.23 3.12
N LEU A 568 11.42 -24.35 4.12
CA LEU A 568 12.52 -23.44 4.40
C LEU A 568 13.70 -24.19 5.01
N ARG A 569 13.44 -25.07 5.97
CA ARG A 569 14.52 -25.90 6.50
C ARG A 569 15.18 -26.71 5.40
N GLU A 570 14.37 -27.28 4.49
CA GLU A 570 14.93 -28.09 3.42
C GLU A 570 15.77 -27.25 2.48
N SER A 571 15.35 -25.99 2.25
CA SER A 571 16.15 -25.09 1.43
C SER A 571 17.50 -24.80 2.07
N ALA A 572 17.56 -24.78 3.41
CA ALA A 572 18.83 -24.51 4.08
C ALA A 572 19.76 -25.72 4.05
N ALA A 573 19.25 -26.92 3.80
CA ALA A 573 20.16 -28.06 3.63
C ALA A 573 20.71 -28.16 2.22
N MET A 574 20.20 -27.38 1.26
CA MET A 574 20.69 -27.50 -0.12
C MET A 574 22.06 -26.85 -0.27
N LYS A 575 22.90 -27.44 -1.13
CA LYS A 575 24.24 -26.93 -1.40
C LYS A 575 24.19 -25.99 -2.59
N TRP A 576 23.65 -24.80 -2.33
CA TRP A 576 23.49 -23.79 -3.39
C TRP A 576 24.84 -23.42 -4.00
N THR A 577 24.88 -23.25 -5.32
CA THR A 577 26.10 -22.81 -6.00
C THR A 577 25.75 -21.82 -7.10
N ALA A 578 26.76 -21.01 -7.46
CA ALA A 578 26.67 -20.08 -8.58
C ALA A 578 27.98 -20.16 -9.33
N LEU A 579 27.91 -20.33 -10.64
CA LEU A 579 29.08 -20.51 -11.48
C LEU A 579 28.98 -19.60 -12.69
N PRO A 580 30.12 -19.27 -13.34
CA PRO A 580 30.01 -18.62 -14.65
C PRO A 580 29.43 -19.61 -15.64
N GLN A 581 28.20 -19.40 -16.06
CA GLN A 581 27.51 -20.33 -16.95
C GLN A 581 27.59 -19.75 -18.35
N LEU A 582 28.64 -20.13 -19.06
CA LEU A 582 28.79 -19.65 -20.43
C LEU A 582 28.01 -20.55 -21.37
N ALA A 583 27.92 -20.13 -22.64
CA ALA A 583 27.19 -20.92 -23.62
C ALA A 583 27.80 -22.31 -23.80
N THR A 584 29.11 -22.42 -23.61
CA THR A 584 29.84 -23.67 -23.74
C THR A 584 29.85 -24.51 -22.45
N GLY A 585 29.27 -24.01 -21.37
CA GLY A 585 29.28 -24.71 -20.10
C GLY A 585 29.87 -23.88 -18.98
N PRO A 586 29.83 -24.42 -17.75
CA PRO A 586 30.33 -23.64 -16.60
C PRO A 586 31.84 -23.51 -16.61
N ALA A 587 32.32 -22.31 -16.27
CA ALA A 587 33.74 -22.05 -16.23
C ALA A 587 34.23 -22.07 -14.78
N ALA A 588 35.52 -22.39 -14.61
CA ALA A 588 36.12 -22.34 -13.28
C ALA A 588 36.57 -20.91 -12.96
N GLY A 589 37.06 -20.74 -11.74
CA GLY A 589 37.49 -19.43 -11.29
C GLY A 589 37.66 -19.42 -9.79
N GLU A 590 37.97 -18.23 -9.27
CA GLU A 590 38.09 -18.07 -7.83
C GLU A 590 36.77 -18.43 -7.18
N THR A 591 36.82 -19.31 -6.19
CA THR A 591 35.63 -19.85 -5.55
C THR A 591 35.66 -19.51 -4.07
N ARG A 592 34.52 -19.07 -3.54
CA ARG A 592 34.42 -18.73 -2.13
C ARG A 592 33.04 -19.05 -1.61
N THR A 593 32.93 -19.12 -0.29
CA THR A 593 31.64 -19.30 0.36
C THR A 593 30.81 -18.03 0.31
N VAL A 594 29.50 -18.22 0.32
CA VAL A 594 28.53 -17.16 0.49
C VAL A 594 27.95 -17.31 1.89
N LEU A 595 28.03 -16.25 2.69
CA LEU A 595 27.69 -16.31 4.12
C LEU A 595 26.43 -15.49 4.39
N ASN A 596 25.60 -15.98 5.28
CA ASN A 596 24.40 -15.25 5.74
C ASN A 596 24.83 -13.91 6.35
N PRO A 597 24.40 -12.77 5.80
CA PRO A 597 24.82 -11.49 6.40
C PRO A 597 24.37 -11.32 7.85
N GLY A 598 23.35 -12.06 8.28
CA GLY A 598 22.89 -11.96 9.64
C GLY A 598 23.60 -12.89 10.62
N ASP A 599 24.46 -13.77 10.10
CA ASP A 599 25.20 -14.72 10.91
C ASP A 599 26.27 -15.37 10.03
N HIS A 600 27.50 -14.90 10.11
CA HIS A 600 28.51 -15.40 9.19
C HIS A 600 28.86 -16.85 9.43
N ARG A 601 28.38 -17.44 10.53
CA ARG A 601 28.59 -18.86 10.74
C ARG A 601 27.70 -19.69 9.83
N ASP A 602 26.65 -19.11 9.28
CA ASP A 602 25.68 -19.83 8.46
C ASP A 602 26.13 -19.73 7.00
N VAL A 603 26.78 -20.79 6.52
CA VAL A 603 27.22 -20.85 5.13
C VAL A 603 26.02 -21.18 4.26
N VAL A 604 25.74 -20.30 3.27
CA VAL A 604 24.58 -20.49 2.41
C VAL A 604 24.95 -21.27 1.15
N GLY A 605 26.15 -21.05 0.62
CA GLY A 605 26.53 -21.71 -0.61
C GLY A 605 27.93 -21.32 -1.03
N SER A 606 28.23 -21.55 -2.30
CA SER A 606 29.54 -21.23 -2.84
CA SER A 606 29.54 -21.26 -2.85
C SER A 606 29.37 -20.56 -4.20
N VAL A 607 30.23 -19.57 -4.47
CA VAL A 607 30.20 -18.87 -5.75
C VAL A 607 31.57 -18.98 -6.39
N THR A 608 31.57 -19.26 -7.70
CA THR A 608 32.76 -19.22 -8.52
C THR A 608 32.65 -18.00 -9.42
N GLU A 609 33.65 -17.12 -9.37
CA GLU A 609 33.49 -15.82 -10.00
C GLU A 609 34.23 -15.76 -11.34
N THR A 610 33.74 -14.89 -12.22
CA THR A 610 34.12 -14.89 -13.64
C THR A 610 35.43 -14.14 -13.86
N SER A 611 36.35 -14.73 -14.60
CA SER A 611 37.52 -13.99 -15.02
C SER A 611 37.10 -12.91 -16.02
N GLU A 612 37.89 -11.84 -16.10
CA GLU A 612 37.58 -10.81 -17.09
C GLU A 612 37.69 -11.36 -18.50
N GLU A 613 38.59 -12.33 -18.71
CA GLU A 613 38.73 -12.95 -20.03
C GLU A 613 37.48 -13.76 -20.39
N ASP A 614 36.91 -14.48 -19.42
CA ASP A 614 35.68 -15.22 -19.69
C ASP A 614 34.48 -14.30 -19.88
N ALA A 615 34.44 -13.16 -19.18
CA ALA A 615 33.37 -12.19 -19.45
C ALA A 615 33.40 -11.76 -20.92
N ARG A 616 34.60 -11.46 -21.44
CA ARG A 616 34.71 -11.07 -22.84
C ARG A 616 34.32 -12.22 -23.77
N ARG A 617 34.74 -13.43 -23.42
CA ARG A 617 34.37 -14.59 -24.23
C ARG A 617 32.86 -14.78 -24.25
N ALA A 618 32.21 -14.58 -23.10
CA ALA A 618 30.76 -14.74 -23.06
C ALA A 618 30.07 -13.79 -24.04
N VAL A 619 30.57 -12.56 -24.17
CA VAL A 619 29.95 -11.61 -25.08
C VAL A 619 30.11 -12.08 -26.52
N ARG A 620 31.27 -12.64 -26.87
CA ARG A 620 31.45 -13.14 -28.23
C ARG A 620 30.51 -14.29 -28.50
N LEU A 621 30.30 -15.17 -27.50
CA LEU A 621 29.37 -16.27 -27.65
C LEU A 621 27.95 -15.75 -27.82
N ALA A 622 27.57 -14.73 -27.05
CA ALA A 622 26.25 -14.15 -27.21
C ALA A 622 26.08 -13.58 -28.60
N ALA A 623 27.12 -12.91 -29.12
CA ALA A 623 27.06 -12.32 -30.46
C ALA A 623 26.85 -13.40 -31.52
N ASP A 624 27.56 -14.52 -31.40
CA ASP A 624 27.40 -15.62 -32.35
C ASP A 624 26.01 -16.22 -32.27
N ALA A 625 25.44 -16.28 -31.06
CA ALA A 625 24.13 -16.89 -30.87
C ALA A 625 22.96 -15.94 -31.13
N ALA A 626 23.23 -14.66 -31.38
CA ALA A 626 22.15 -13.67 -31.43
C ALA A 626 21.16 -13.91 -32.55
N PRO A 627 21.56 -14.28 -33.78
CA PRO A 627 20.53 -14.50 -34.82
C PRO A 627 19.59 -15.65 -34.49
N ASP A 628 20.11 -16.71 -33.86
CA ASP A 628 19.27 -17.85 -33.50
C ASP A 628 18.18 -17.44 -32.51
N TRP A 629 18.52 -16.61 -31.53
CA TRP A 629 17.51 -16.23 -30.54
C TRP A 629 16.54 -15.20 -31.12
N ALA A 630 17.03 -14.28 -31.95
CA ALA A 630 16.13 -13.32 -32.59
C ALA A 630 15.11 -14.00 -33.49
N ALA A 631 15.46 -15.16 -34.05
CA ALA A 631 14.58 -15.90 -34.94
C ALA A 631 13.47 -16.65 -34.19
N VAL A 632 13.58 -16.79 -32.88
CA VAL A 632 12.47 -17.31 -32.08
C VAL A 632 11.37 -16.25 -32.06
N PRO A 633 10.16 -16.57 -32.51
CA PRO A 633 9.14 -15.53 -32.66
C PRO A 633 8.77 -14.93 -31.32
N PRO A 634 8.33 -13.68 -31.29
CA PRO A 634 8.02 -13.01 -30.01
C PRO A 634 7.05 -13.79 -29.13
N SER A 635 5.99 -14.37 -29.67
CA SER A 635 5.05 -15.07 -28.80
C SER A 635 5.68 -16.30 -28.16
N GLU A 636 6.63 -16.95 -28.85
CA GLU A 636 7.31 -18.09 -28.26
C GLU A 636 8.34 -17.65 -27.24
N ARG A 637 9.00 -16.50 -27.47
CA ARG A 637 9.86 -15.95 -26.41
C ARG A 637 9.05 -15.62 -25.17
N ALA A 638 7.86 -15.03 -25.37
CA ALA A 638 7.00 -14.70 -24.24
C ALA A 638 6.52 -15.96 -23.53
N ALA A 639 6.26 -17.03 -24.29
CA ALA A 639 5.90 -18.31 -23.67
C ALA A 639 7.01 -18.79 -22.72
N CYS A 640 8.27 -18.56 -23.09
CA CYS A 640 9.36 -18.91 -22.18
C CYS A 640 9.22 -18.16 -20.87
N LEU A 641 8.96 -16.84 -20.94
CA LEU A 641 8.81 -16.06 -19.72
C LEU A 641 7.66 -16.57 -18.87
N ASP A 642 6.52 -16.85 -19.51
CA ASP A 642 5.35 -17.34 -18.78
C ASP A 642 5.64 -18.68 -18.11
N ARG A 643 6.32 -19.59 -18.81
CA ARG A 643 6.73 -20.85 -18.16
C ARG A 643 7.67 -20.58 -16.99
N ALA A 644 8.63 -19.66 -17.16
CA ALA A 644 9.54 -19.35 -16.06
C ALA A 644 8.78 -18.82 -14.86
N ALA A 645 7.72 -18.03 -15.09
CA ALA A 645 6.92 -17.52 -13.98
C ALA A 645 6.20 -18.64 -13.24
N GLU A 646 5.65 -19.62 -13.99
CA GLU A 646 5.05 -20.80 -13.35
C GLU A 646 6.06 -21.56 -12.51
N LEU A 647 7.27 -21.75 -13.04
CA LEU A 647 8.30 -22.47 -12.30
C LEU A 647 8.68 -21.75 -11.01
N MET A 648 8.79 -20.41 -11.06
CA MET A 648 9.13 -19.65 -9.86
C MET A 648 7.99 -19.68 -8.86
N GLN A 649 6.75 -19.50 -9.33
CA GLN A 649 5.60 -19.60 -8.42
C GLN A 649 5.58 -20.95 -7.71
N ALA A 650 5.80 -22.04 -8.45
CA ALA A 650 5.79 -23.37 -7.84
C ALA A 650 6.93 -23.54 -6.86
N ARG A 651 8.07 -22.92 -7.12
CA ARG A 651 9.24 -23.05 -6.26
C ARG A 651 9.33 -21.95 -5.22
N MET A 652 8.30 -21.09 -5.10
CA MET A 652 8.39 -19.96 -4.18
C MET A 652 8.88 -20.33 -2.79
N PRO A 653 8.36 -21.36 -2.11
CA PRO A 653 8.87 -21.66 -0.76
C PRO A 653 10.38 -21.83 -0.72
N THR A 654 10.94 -22.59 -1.66
CA THR A 654 12.39 -22.78 -1.69
C THR A 654 13.12 -21.47 -1.96
N LEU A 655 12.63 -20.68 -2.93
CA LEU A 655 13.27 -19.42 -3.26
C LEU A 655 13.25 -18.46 -2.07
N LEU A 656 12.14 -18.42 -1.34
CA LEU A 656 12.07 -17.60 -0.12
C LEU A 656 13.21 -17.90 0.83
N GLY A 657 13.45 -19.19 1.08
CA GLY A 657 14.48 -19.59 2.03
C GLY A 657 15.86 -19.15 1.60
N LEU A 658 16.15 -19.24 0.30
CA LEU A 658 17.44 -18.80 -0.20
C LEU A 658 17.59 -17.29 -0.05
N ILE A 659 16.57 -16.54 -0.48
CA ILE A 659 16.61 -15.08 -0.38
C ILE A 659 16.71 -14.64 1.08
N ILE A 660 15.96 -15.30 1.97
CA ILE A 660 16.00 -14.96 3.40
C ILE A 660 17.44 -15.06 3.92
N ARG A 661 18.15 -16.14 3.58
CA ARG A 661 19.47 -16.38 4.15
C ARG A 661 20.59 -15.69 3.39
N GLU A 662 20.44 -15.50 2.08
CA GLU A 662 21.52 -14.88 1.31
C GLU A 662 21.51 -13.36 1.42
N ALA A 663 20.34 -12.73 1.43
CA ALA A 663 20.24 -11.30 1.22
C ALA A 663 19.63 -10.54 2.40
N GLY A 664 19.53 -11.18 3.56
CA GLY A 664 19.12 -10.44 4.74
C GLY A 664 17.65 -10.10 4.78
N LYS A 665 16.83 -10.85 4.07
CA LYS A 665 15.41 -10.51 3.90
C LYS A 665 14.56 -11.26 4.92
N SER A 666 13.50 -10.59 5.38
CA SER A 666 12.44 -11.25 6.13
C SER A 666 11.57 -12.08 5.19
N ALA A 667 10.73 -12.94 5.79
CA ALA A 667 9.80 -13.73 4.99
C ALA A 667 8.92 -12.83 4.13
N LEU A 668 8.34 -11.78 4.71
CA LEU A 668 7.52 -10.88 3.90
C LEU A 668 8.33 -10.22 2.79
N ASN A 669 9.54 -9.74 3.11
CA ASN A 669 10.41 -9.17 2.09
C ASN A 669 10.62 -10.15 0.94
N ALA A 670 10.89 -11.41 1.28
CA ALA A 670 11.21 -12.41 0.28
C ALA A 670 9.99 -12.76 -0.57
N ILE A 671 8.80 -12.80 0.04
CA ILE A 671 7.59 -13.05 -0.76
C ILE A 671 7.41 -11.93 -1.78
N ALA A 672 7.59 -10.68 -1.36
CA ALA A 672 7.50 -9.56 -2.28
C ALA A 672 8.52 -9.68 -3.39
N GLU A 673 9.74 -10.12 -3.04
CA GLU A 673 10.80 -10.30 -4.03
C GLU A 673 10.39 -11.32 -5.10
N VAL A 674 9.91 -12.49 -4.68
CA VAL A 674 9.57 -13.53 -5.66
C VAL A 674 8.33 -13.14 -6.46
N ARG A 675 7.31 -12.58 -5.78
CA ARG A 675 6.13 -12.11 -6.52
C ARG A 675 6.53 -11.10 -7.60
N GLU A 676 7.45 -10.20 -7.27
CA GLU A 676 7.83 -9.17 -8.22
C GLU A 676 8.52 -9.78 -9.45
N ALA A 677 9.36 -10.80 -9.24
CA ALA A 677 9.99 -11.48 -10.38
C ALA A 677 8.94 -12.15 -11.25
N ILE A 678 7.97 -12.82 -10.63
CA ILE A 678 6.88 -13.44 -11.37
C ILE A 678 6.13 -12.40 -12.17
N ASP A 679 5.85 -11.24 -11.55
CA ASP A 679 5.08 -10.20 -12.23
C ASP A 679 5.86 -9.61 -13.40
N PHE A 680 7.17 -9.38 -13.24
CA PHE A 680 7.98 -8.92 -14.38
C PHE A 680 7.86 -9.90 -15.55
N LEU A 681 8.03 -11.19 -15.27
CA LEU A 681 8.00 -12.20 -16.32
C LEU A 681 6.68 -12.14 -17.08
N ARG A 682 5.56 -12.13 -16.36
CA ARG A 682 4.26 -12.19 -17.03
C ARG A 682 3.89 -10.86 -17.67
N TYR A 683 4.38 -9.76 -17.12
CA TYR A 683 4.06 -8.46 -17.68
C TYR A 683 4.82 -8.24 -18.98
N TYR A 684 6.13 -8.50 -18.99
CA TYR A 684 6.87 -8.35 -20.24
C TYR A 684 6.41 -9.36 -21.28
N ALA A 685 5.96 -10.55 -20.86
CA ALA A 685 5.36 -11.48 -21.82
C ALA A 685 4.11 -10.88 -22.46
N GLU A 686 3.22 -10.34 -21.63
CA GLU A 686 2.00 -9.77 -22.19
C GLU A 686 2.31 -8.55 -23.04
N GLN A 687 3.22 -7.66 -22.57
CA GLN A 687 3.57 -6.49 -23.37
C GLN A 687 4.15 -6.90 -24.72
N THR A 688 4.95 -7.96 -24.73
CA THR A 688 5.46 -8.50 -25.98
C THR A 688 4.33 -8.96 -26.90
N ARG A 689 3.37 -9.71 -26.36
CA ARG A 689 2.28 -10.18 -27.23
C ARG A 689 1.45 -9.02 -27.77
N ARG A 690 1.46 -7.88 -27.08
CA ARG A 690 0.70 -6.72 -27.52
C ARG A 690 1.44 -5.90 -28.57
N THR A 691 2.77 -6.08 -28.73
CA THR A 691 3.53 -5.08 -29.50
C THR A 691 4.48 -5.63 -30.54
N LEU A 692 5.29 -6.65 -30.23
CA LEU A 692 6.49 -6.91 -31.01
C LEU A 692 6.19 -7.65 -32.30
N GLY A 693 6.69 -7.11 -33.41
CA GLY A 693 6.58 -7.75 -34.71
C GLY A 693 7.92 -7.84 -35.40
N PRO A 694 7.91 -8.29 -36.66
CA PRO A 694 9.19 -8.51 -37.37
C PRO A 694 10.02 -7.25 -37.55
N GLY A 695 9.38 -6.08 -37.62
CA GLY A 695 10.15 -4.87 -37.82
C GLY A 695 10.80 -4.32 -36.57
N HIS A 696 10.57 -4.94 -35.41
CA HIS A 696 11.17 -4.47 -34.17
C HIS A 696 12.38 -5.37 -33.88
N GLY A 697 13.46 -5.08 -34.59
CA GLY A 697 14.67 -5.86 -34.51
C GLY A 697 15.39 -5.72 -33.19
N PRO A 698 15.99 -6.80 -32.71
CA PRO A 698 16.76 -6.73 -31.46
C PRO A 698 18.01 -5.87 -31.61
N LEU A 699 18.50 -5.38 -30.48
CA LEU A 699 19.79 -4.69 -30.45
C LEU A 699 20.95 -5.66 -30.69
N GLY A 700 20.92 -6.82 -30.05
CA GLY A 700 22.07 -7.69 -30.00
C GLY A 700 22.36 -8.06 -28.56
N PRO A 701 23.57 -8.54 -28.27
CA PRO A 701 23.89 -8.92 -26.88
C PRO A 701 23.67 -7.75 -25.92
N ILE A 702 22.91 -8.01 -24.85
CA ILE A 702 22.63 -7.00 -23.84
C ILE A 702 23.26 -7.44 -22.53
N VAL A 703 23.98 -6.52 -21.90
CA VAL A 703 24.58 -6.75 -20.59
C VAL A 703 23.61 -6.24 -19.53
N CYS A 704 23.18 -7.13 -18.63
CA CYS A 704 22.29 -6.80 -17.53
C CYS A 704 23.08 -6.85 -16.23
N ILE A 705 23.21 -5.71 -15.57
CA ILE A 705 23.98 -5.57 -14.33
C ILE A 705 23.01 -5.16 -13.23
N SER A 706 23.01 -5.89 -12.12
CA SER A 706 21.92 -5.75 -11.16
C SER A 706 22.44 -5.52 -9.75
N PRO A 707 21.63 -4.91 -8.90
CA PRO A 707 22.06 -4.61 -7.52
C PRO A 707 21.83 -5.80 -6.60
N TRP A 708 22.48 -5.76 -5.42
CA TRP A 708 22.30 -6.86 -4.47
C TRP A 708 20.93 -6.80 -3.81
N ASN A 709 20.33 -5.61 -3.66
CA ASN A 709 19.27 -5.45 -2.66
C ASN A 709 17.92 -6.02 -3.09
N PHE A 710 17.68 -6.14 -4.40
CA PHE A 710 16.54 -6.89 -4.94
C PHE A 710 17.13 -7.97 -5.83
N PRO A 711 17.72 -9.02 -5.24
CA PRO A 711 18.62 -9.90 -5.98
C PRO A 711 17.93 -10.89 -6.91
N LEU A 712 16.61 -11.05 -6.81
CA LEU A 712 15.86 -11.83 -7.81
C LEU A 712 14.95 -10.97 -8.66
N ALA A 713 14.25 -9.99 -8.06
CA ALA A 713 13.23 -9.22 -8.78
C ALA A 713 13.85 -8.39 -9.89
N ILE A 714 14.77 -7.49 -9.56
CA ILE A 714 15.33 -6.64 -10.60
C ILE A 714 16.27 -7.44 -11.49
N PHE A 715 17.01 -8.38 -10.91
CA PHE A 715 17.78 -9.34 -11.69
C PHE A 715 16.93 -9.96 -12.78
N THR A 716 15.80 -10.55 -12.39
CA THR A 716 14.91 -11.22 -13.36
C THR A 716 14.28 -10.22 -14.31
N GLY A 717 13.86 -9.06 -13.81
CA GLY A 717 13.13 -8.13 -14.67
C GLY A 717 13.95 -7.69 -15.86
N GLN A 718 15.20 -7.27 -15.62
CA GLN A 718 16.03 -6.76 -16.71
C GLN A 718 16.30 -7.86 -17.73
N ILE A 719 16.69 -9.03 -17.24
CA ILE A 719 16.98 -10.16 -18.11
C ILE A 719 15.76 -10.53 -18.94
N ALA A 720 14.61 -10.64 -18.29
CA ALA A 720 13.40 -11.08 -18.97
C ALA A 720 13.01 -10.11 -20.09
N ALA A 721 13.05 -8.81 -19.81
CA ALA A 721 12.73 -7.83 -20.84
C ALA A 721 13.69 -7.95 -22.02
N ALA A 722 15.00 -8.05 -21.74
CA ALA A 722 15.97 -8.11 -22.83
C ALA A 722 15.78 -9.38 -23.67
N LEU A 723 15.58 -10.53 -23.01
CA LEU A 723 15.35 -11.77 -23.73
C LEU A 723 14.11 -11.68 -24.61
N VAL A 724 13.01 -11.22 -24.05
CA VAL A 724 11.74 -11.30 -24.78
C VAL A 724 11.75 -10.31 -25.94
N ALA A 725 12.58 -9.26 -25.85
CA ALA A 725 12.75 -8.35 -26.97
C ALA A 725 13.65 -8.94 -28.05
N GLY A 726 14.13 -10.16 -27.86
CA GLY A 726 14.89 -10.86 -28.87
C GLY A 726 16.40 -10.80 -28.70
N ASN A 727 16.90 -10.37 -27.54
CA ASN A 727 18.33 -10.18 -27.34
C ASN A 727 18.91 -11.28 -26.46
N PRO A 728 20.08 -11.83 -26.80
CA PRO A 728 20.79 -12.68 -25.85
C PRO A 728 21.38 -11.82 -24.74
N VAL A 729 21.54 -12.41 -23.56
CA VAL A 729 21.78 -11.68 -22.34
C VAL A 729 23.04 -12.19 -21.64
N LEU A 730 23.87 -11.25 -21.20
CA LEU A 730 24.94 -11.51 -20.25
C LEU A 730 24.45 -10.97 -18.90
N ALA A 731 24.21 -11.87 -17.96
CA ALA A 731 23.60 -11.51 -16.68
C ALA A 731 24.69 -11.45 -15.62
N LYS A 732 24.94 -10.25 -15.10
CA LYS A 732 26.00 -10.04 -14.10
C LYS A 732 25.36 -9.63 -12.79
N PRO A 733 25.10 -10.55 -11.88
CA PRO A 733 24.50 -10.18 -10.60
C PRO A 733 25.53 -9.53 -9.70
N ALA A 734 25.02 -8.80 -8.70
CA ALA A 734 25.88 -8.21 -7.68
C ALA A 734 26.70 -9.29 -6.98
N GLU A 735 27.91 -8.89 -6.56
CA GLU A 735 28.85 -9.81 -5.92
C GLU A 735 28.27 -10.44 -4.65
N GLU A 736 27.39 -9.71 -3.96
CA GLU A 736 26.91 -10.16 -2.66
C GLU A 736 25.88 -11.28 -2.77
N THR A 737 25.14 -11.35 -3.87
CA THR A 737 23.95 -12.20 -3.97
C THR A 737 23.95 -13.06 -5.24
N PRO A 738 25.00 -13.87 -5.46
CA PRO A 738 25.03 -14.68 -6.69
C PRO A 738 24.11 -15.91 -6.67
N LEU A 739 23.77 -16.45 -5.50
CA LEU A 739 23.10 -17.74 -5.46
C LEU A 739 21.68 -17.64 -5.99
N ILE A 740 20.90 -16.66 -5.52
CA ILE A 740 19.54 -16.55 -6.04
C ILE A 740 19.56 -16.21 -7.52
N ALA A 741 20.58 -15.48 -7.99
CA ALA A 741 20.67 -15.17 -9.41
C ALA A 741 20.95 -16.42 -10.25
N ALA A 742 21.85 -17.28 -9.78
CA ALA A 742 22.09 -18.55 -10.47
C ALA A 742 20.82 -19.37 -10.51
N GLU A 743 20.04 -19.37 -9.44
CA GLU A 743 18.81 -20.13 -9.42
C GLU A 743 17.80 -19.54 -10.39
N GLY A 744 17.75 -18.20 -10.48
CA GLY A 744 16.91 -17.55 -11.49
C GLY A 744 17.32 -17.91 -12.91
N VAL A 745 18.62 -17.99 -13.17
CA VAL A 745 19.07 -18.38 -14.52
C VAL A 745 18.74 -19.85 -14.79
N ARG A 746 18.90 -20.72 -13.78
CA ARG A 746 18.55 -22.13 -13.96
C ARG A 746 17.08 -22.27 -14.34
N ILE A 747 16.22 -21.49 -13.69
CA ILE A 747 14.79 -21.56 -13.95
C ILE A 747 14.47 -21.06 -15.34
N LEU A 748 15.06 -19.93 -15.75
CA LEU A 748 14.80 -19.42 -17.10
C LEU A 748 15.27 -20.42 -18.16
N ARG A 749 16.44 -21.03 -17.96
CA ARG A 749 16.92 -22.04 -18.90
C ARG A 749 15.99 -23.25 -18.92
N GLU A 750 15.55 -23.69 -17.74
CA GLU A 750 14.56 -24.77 -17.65
C GLU A 750 13.30 -24.43 -18.44
N ALA A 751 12.88 -23.16 -18.40
CA ALA A 751 11.68 -22.71 -19.09
C ALA A 751 11.84 -22.65 -20.60
N GLY A 752 13.05 -22.85 -21.13
CA GLY A 752 13.28 -22.87 -22.57
C GLY A 752 14.25 -21.85 -23.09
N ILE A 753 14.73 -20.89 -22.29
CA ILE A 753 15.76 -19.97 -22.78
C ILE A 753 17.03 -20.77 -23.07
N PRO A 754 17.57 -20.75 -24.30
CA PRO A 754 18.80 -21.51 -24.57
C PRO A 754 19.98 -20.99 -23.75
N ALA A 755 20.92 -21.90 -23.47
CA ALA A 755 22.10 -21.51 -22.72
C ALA A 755 22.86 -20.38 -23.42
N SER A 756 22.88 -20.40 -24.76
CA SER A 756 23.62 -19.38 -25.48
C SER A 756 22.91 -18.03 -25.44
N ALA A 757 21.62 -18.01 -25.12
CA ALA A 757 20.88 -16.77 -25.04
C ALA A 757 20.90 -16.17 -23.64
N LEU A 758 21.29 -16.94 -22.62
CA LEU A 758 21.31 -16.42 -21.25
C LEU A 758 22.51 -17.02 -20.51
N GLN A 759 23.56 -16.20 -20.34
CA GLN A 759 24.77 -16.60 -19.65
C GLN A 759 24.88 -15.85 -18.33
N LEU A 760 25.31 -16.56 -17.28
CA LEU A 760 25.46 -15.98 -15.94
C LEU A 760 26.94 -15.75 -15.67
N LEU A 761 27.29 -14.52 -15.28
CA LEU A 761 28.67 -14.14 -14.99
C LEU A 761 28.78 -13.55 -13.59
N PRO A 762 28.91 -14.39 -12.56
CA PRO A 762 29.08 -13.87 -11.20
C PRO A 762 30.42 -13.17 -11.04
N GLY A 763 30.48 -12.23 -10.09
CA GLY A 763 31.72 -11.56 -9.78
C GLY A 763 31.47 -10.11 -9.40
N ASP A 764 32.57 -9.34 -9.27
CA ASP A 764 32.50 -8.00 -8.71
C ASP A 764 32.31 -6.97 -9.84
N GLY A 765 32.57 -5.69 -9.53
CA GLY A 765 32.38 -4.65 -10.52
C GLY A 765 33.30 -4.76 -11.73
N ARG A 766 34.46 -5.40 -11.56
CA ARG A 766 35.37 -5.57 -12.70
C ARG A 766 34.74 -6.47 -13.75
N VAL A 767 33.95 -7.46 -13.32
CA VAL A 767 33.25 -8.30 -14.29
C VAL A 767 32.20 -7.48 -15.02
N GLY A 768 31.45 -6.65 -14.30
CA GLY A 768 30.52 -5.75 -14.95
C GLY A 768 31.21 -4.86 -15.97
N ALA A 769 32.37 -4.29 -15.59
CA ALA A 769 33.05 -3.38 -16.49
C ALA A 769 33.57 -4.11 -17.73
N ALA A 770 34.04 -5.34 -17.58
CA ALA A 770 34.55 -6.08 -18.74
C ALA A 770 33.42 -6.37 -19.73
N LEU A 771 32.23 -6.68 -19.23
CA LEU A 771 31.08 -6.87 -20.10
C LEU A 771 30.71 -5.57 -20.83
N VAL A 772 30.60 -4.48 -20.07
CA VAL A 772 30.20 -3.19 -20.64
C VAL A 772 31.13 -2.80 -21.79
N ALA A 773 32.43 -3.07 -21.63
CA ALA A 773 33.44 -2.64 -22.59
C ALA A 773 33.58 -3.59 -23.78
N ALA A 774 33.01 -4.79 -23.72
CA ALA A 774 33.22 -5.76 -24.80
C ALA A 774 32.66 -5.25 -26.12
N ALA A 775 33.34 -5.60 -27.21
CA ALA A 775 33.07 -4.97 -28.50
C ALA A 775 31.68 -5.30 -29.02
N GLU A 776 31.17 -6.50 -28.77
CA GLU A 776 29.86 -6.89 -29.30
C GLU A 776 28.70 -6.52 -28.38
N THR A 777 28.95 -5.84 -27.26
CA THR A 777 27.87 -5.42 -26.37
C THR A 777 27.00 -4.39 -27.09
N ALA A 778 25.71 -4.68 -27.25
CA ALA A 778 24.81 -3.83 -28.02
C ALA A 778 23.87 -3.00 -27.16
N GLY A 779 23.92 -3.19 -25.84
CA GLY A 779 23.03 -2.46 -24.95
C GLY A 779 23.36 -2.86 -23.52
N VAL A 780 23.04 -1.96 -22.60
CA VAL A 780 23.35 -2.19 -21.18
C VAL A 780 22.12 -1.80 -20.37
N MET A 781 21.69 -2.72 -19.50
CA MET A 781 20.62 -2.45 -18.53
C MET A 781 21.27 -2.47 -17.16
N PHE A 782 21.31 -1.31 -16.51
CA PHE A 782 22.00 -1.18 -15.24
C PHE A 782 21.03 -0.70 -14.17
N THR A 783 21.00 -1.38 -13.05
CA THR A 783 20.36 -0.87 -11.84
C THR A 783 21.40 -0.94 -10.72
N GLY A 784 21.58 0.17 -10.02
CA GLY A 784 22.68 0.28 -9.07
C GLY A 784 22.87 1.74 -8.68
N SER A 785 24.04 2.02 -8.10
CA SER A 785 24.31 3.37 -7.60
C SER A 785 24.55 4.33 -8.75
N THR A 786 24.20 5.60 -8.51
CA THR A 786 24.46 6.65 -9.49
C THR A 786 25.94 6.73 -9.83
N GLU A 787 26.81 6.54 -8.83
CA GLU A 787 28.25 6.66 -9.05
C GLU A 787 28.74 5.64 -10.06
N VAL A 788 28.26 4.40 -9.94
CA VAL A 788 28.70 3.35 -10.86
C VAL A 788 28.10 3.58 -12.25
N ALA A 789 26.85 4.05 -12.30
CA ALA A 789 26.22 4.32 -13.59
C ALA A 789 26.99 5.36 -14.37
N ARG A 790 27.55 6.37 -13.70
CA ARG A 790 28.33 7.38 -14.40
C ARG A 790 29.54 6.78 -15.08
N LEU A 791 30.21 5.84 -14.41
CA LEU A 791 31.37 5.17 -15.01
C LEU A 791 30.97 4.38 -16.24
N ILE A 792 29.82 3.70 -16.18
CA ILE A 792 29.34 2.89 -17.30
C ILE A 792 29.02 3.79 -18.50
N GLN A 793 28.30 4.89 -18.25
CA GLN A 793 27.99 5.83 -19.32
C GLN A 793 29.27 6.34 -19.98
N ALA A 794 30.29 6.65 -19.17
CA ALA A 794 31.56 7.10 -19.71
C ALA A 794 32.15 6.05 -20.65
N GLN A 795 32.16 4.79 -20.21
CA GLN A 795 32.73 3.73 -21.05
C GLN A 795 31.93 3.56 -22.34
N LEU A 796 30.60 3.63 -22.25
CA LEU A 796 29.77 3.39 -23.43
C LEU A 796 29.92 4.51 -24.46
N ALA A 797 30.19 5.74 -24.01
CA ALA A 797 30.36 6.85 -24.95
C ALA A 797 31.55 6.68 -25.87
N ASP A 798 32.46 5.75 -25.58
CA ASP A 798 33.55 5.41 -26.48
C ASP A 798 33.12 4.48 -27.60
N ARG A 799 31.92 3.92 -27.53
CA ARG A 799 31.46 2.87 -28.42
C ARG A 799 30.29 3.37 -29.27
N LEU A 800 30.10 2.69 -30.40
CA LEU A 800 28.92 2.88 -31.23
C LEU A 800 28.43 1.52 -31.69
N SER A 801 27.14 1.43 -31.98
CA SER A 801 26.62 0.26 -32.64
C SER A 801 27.24 0.16 -34.04
N PRO A 802 27.20 -1.02 -34.66
CA PRO A 802 27.67 -1.11 -36.06
C PRO A 802 26.90 -0.24 -37.02
N ALA A 803 25.69 0.21 -36.65
CA ALA A 803 24.96 1.19 -37.44
C ALA A 803 25.40 2.62 -37.16
N GLY A 804 26.39 2.83 -36.30
CA GLY A 804 26.88 4.16 -36.03
C GLY A 804 26.05 4.98 -35.07
N ARG A 805 25.33 4.33 -34.15
CA ARG A 805 24.45 5.00 -33.20
C ARG A 805 24.85 4.65 -31.76
N PRO A 806 24.41 5.44 -30.79
CA PRO A 806 24.81 5.18 -29.39
C PRO A 806 24.28 3.84 -28.90
N ILE A 807 25.07 3.21 -28.04
CA ILE A 807 24.68 1.98 -27.34
C ILE A 807 23.62 2.35 -26.30
N PRO A 808 22.39 1.84 -26.40
CA PRO A 808 21.37 2.22 -25.42
C PRO A 808 21.78 1.84 -24.00
N LEU A 809 21.51 2.73 -23.07
CA LEU A 809 21.77 2.49 -21.66
C LEU A 809 20.52 2.82 -20.88
N ILE A 810 19.98 1.84 -20.15
CA ILE A 810 18.99 2.10 -19.11
C ILE A 810 19.74 2.07 -17.80
N ALA A 811 19.71 3.17 -17.07
CA ALA A 811 20.50 3.30 -15.84
C ALA A 811 19.56 3.81 -14.76
N GLU A 812 19.07 2.89 -13.94
CA GLU A 812 18.11 3.20 -12.88
C GLU A 812 18.88 3.24 -11.56
N THR A 813 18.94 4.42 -10.94
CA THR A 813 19.95 4.64 -9.91
C THR A 813 19.36 5.06 -8.56
N GLY A 814 20.12 5.81 -7.76
CA GLY A 814 19.79 5.98 -6.37
C GLY A 814 18.64 6.98 -6.14
N GLY A 815 18.24 7.09 -4.87
CA GLY A 815 17.25 8.06 -4.48
C GLY A 815 17.69 8.83 -3.24
N GLN A 816 17.04 9.97 -3.02
CA GLN A 816 17.13 10.69 -1.75
C GLN A 816 15.70 11.05 -1.34
N ASN A 817 14.94 10.03 -0.96
CA ASN A 817 13.48 10.09 -1.05
C ASN A 817 12.87 10.74 0.19
N ALA A 818 11.96 11.68 -0.03
CA ALA A 818 11.33 12.44 1.04
C ALA A 818 9.86 12.05 1.20
N MET A 819 9.35 12.30 2.40
CA MET A 819 7.92 12.26 2.67
C MET A 819 7.54 13.54 3.42
N ILE A 820 6.55 14.26 2.91
CA ILE A 820 6.07 15.48 3.54
C ILE A 820 4.79 15.16 4.29
N VAL A 821 4.71 15.60 5.54
CA VAL A 821 3.58 15.31 6.42
C VAL A 821 3.09 16.63 7.00
N ASP A 822 1.83 16.97 6.78
CA ASP A 822 1.31 18.20 7.35
C ASP A 822 0.47 17.87 8.58
N SER A 823 -0.10 18.91 9.20
CA SER A 823 -0.84 18.74 10.44
C SER A 823 -2.22 18.12 10.25
N SER A 824 -2.64 17.85 9.01
CA SER A 824 -3.89 17.17 8.78
C SER A 824 -3.76 15.65 8.72
N ALA A 825 -2.54 15.13 8.67
CA ALA A 825 -2.36 13.68 8.55
C ALA A 825 -2.70 12.98 9.86
N LEU A 826 -3.01 11.69 9.77
CA LEU A 826 -3.28 10.87 10.94
C LEU A 826 -1.97 10.27 11.45
N ALA A 827 -1.58 10.63 12.68
CA ALA A 827 -0.25 10.27 13.18
C ALA A 827 0.01 8.77 13.10
N GLU A 828 -0.96 7.96 13.55
CA GLU A 828 -0.78 6.50 13.52
C GLU A 828 -0.46 6.02 12.12
N GLN A 829 -1.19 6.53 11.14
CA GLN A 829 -0.97 6.12 9.76
C GLN A 829 0.41 6.56 9.27
N VAL A 830 0.81 7.78 9.59
CA VAL A 830 2.14 8.27 9.24
C VAL A 830 3.21 7.34 9.78
N VAL A 831 3.12 7.03 11.08
CA VAL A 831 4.18 6.27 11.73
C VAL A 831 4.29 4.87 11.12
N GLY A 832 3.16 4.21 10.88
CA GLY A 832 3.20 2.92 10.22
C GLY A 832 3.88 2.99 8.85
N ASP A 833 3.50 3.99 8.04
CA ASP A 833 4.08 4.12 6.72
C ASP A 833 5.56 4.55 6.77
N VAL A 834 5.94 5.30 7.80
CA VAL A 834 7.35 5.69 7.96
C VAL A 834 8.19 4.50 8.37
N ILE A 835 7.71 3.73 9.35
CA ILE A 835 8.45 2.55 9.81
C ILE A 835 8.69 1.60 8.65
N THR A 836 7.64 1.35 7.86
CA THR A 836 7.76 0.52 6.67
C THR A 836 8.71 1.15 5.65
N SER A 837 8.49 2.41 5.32
CA SER A 837 9.24 2.99 4.21
C SER A 837 10.73 3.15 4.53
N ALA A 838 11.06 3.49 5.78
CA ALA A 838 12.45 3.78 6.11
C ALA A 838 13.22 2.56 6.60
N PHE A 839 12.55 1.62 7.26
CA PHE A 839 13.26 0.55 7.94
C PHE A 839 12.94 -0.85 7.43
N ASP A 840 11.94 -1.00 6.56
CA ASP A 840 11.76 -2.27 5.85
C ASP A 840 13.07 -2.65 5.18
N SER A 841 13.48 -3.92 5.34
CA SER A 841 14.72 -4.41 4.74
C SER A 841 15.93 -3.60 5.20
N ALA A 842 15.87 -3.08 6.43
CA ALA A 842 16.92 -2.21 6.99
C ALA A 842 17.23 -1.04 6.06
N GLY A 843 16.18 -0.47 5.46
CA GLY A 843 16.40 0.67 4.60
C GLY A 843 17.10 0.37 3.29
N GLN A 844 17.27 -0.90 2.95
CA GLN A 844 18.01 -1.28 1.74
C GLN A 844 17.06 -1.49 0.54
N ARG A 845 16.22 -0.49 0.32
CA ARG A 845 15.42 -0.33 -0.89
C ARG A 845 15.80 1.00 -1.52
N CYS A 846 15.91 1.02 -2.85
CA CYS A 846 16.17 2.29 -3.53
C CYS A 846 15.06 3.29 -3.26
N SER A 847 13.85 2.80 -3.05
CA SER A 847 12.65 3.56 -2.75
C SER A 847 12.56 4.02 -1.30
N ALA A 848 13.49 3.58 -0.44
CA ALA A 848 13.33 3.78 1.00
C ALA A 848 13.24 5.26 1.39
N LEU A 849 12.44 5.53 2.40
CA LEU A 849 12.30 6.88 2.94
C LEU A 849 13.59 7.32 3.63
N ARG A 850 14.15 8.44 3.16
CA ARG A 850 15.41 8.98 3.67
C ARG A 850 15.24 10.28 4.44
N VAL A 851 14.26 11.11 4.08
CA VAL A 851 14.04 12.41 4.74
C VAL A 851 12.55 12.55 5.05
N LEU A 852 12.21 12.53 6.33
CA LEU A 852 10.84 12.75 6.80
C LEU A 852 10.69 14.23 7.14
N CYS A 853 9.76 14.90 6.47
CA CYS A 853 9.54 16.34 6.66
C CYS A 853 8.23 16.51 7.39
N LEU A 854 8.33 16.97 8.64
CA LEU A 854 7.17 17.11 9.53
C LEU A 854 6.84 18.59 9.71
N GLN A 855 5.58 18.95 9.48
CA GLN A 855 5.16 20.31 9.79
C GLN A 855 5.33 20.57 11.30
N GLU A 856 5.80 21.77 11.63
CA GLU A 856 6.41 22.04 12.93
C GLU A 856 5.47 21.71 14.09
N ASP A 857 4.18 22.02 13.94
CA ASP A 857 3.28 21.91 15.10
C ASP A 857 2.81 20.48 15.38
N VAL A 858 3.13 19.50 14.53
CA VAL A 858 2.84 18.11 14.84
C VAL A 858 4.10 17.27 14.95
N ALA A 859 5.28 17.86 14.76
CA ALA A 859 6.49 17.06 14.65
C ALA A 859 6.83 16.34 15.95
N ASP A 860 6.69 17.02 17.10
CA ASP A 860 7.05 16.39 18.36
C ASP A 860 6.17 15.19 18.66
N ARG A 861 4.84 15.36 18.50
CA ARG A 861 3.93 14.26 18.76
C ARG A 861 4.19 13.08 17.82
N ILE A 862 4.44 13.36 16.54
CA ILE A 862 4.71 12.27 15.61
C ILE A 862 6.05 11.60 15.92
N LEU A 863 7.07 12.39 16.25
CA LEU A 863 8.36 11.82 16.58
C LEU A 863 8.29 10.97 17.84
N THR A 864 7.51 11.39 18.83
CA THR A 864 7.36 10.58 20.04
C THR A 864 6.71 9.24 19.71
N MET A 865 5.66 9.25 18.89
CA MET A 865 5.00 8.01 18.49
C MET A 865 5.93 7.14 17.65
N LEU A 866 6.69 7.77 16.73
CA LEU A 866 7.60 7.02 15.89
C LEU A 866 8.69 6.32 16.72
N LYS A 867 9.25 7.01 17.71
CA LYS A 867 10.28 6.37 18.52
C LYS A 867 9.70 5.25 19.36
N GLY A 868 8.47 5.43 19.87
CA GLY A 868 7.83 4.35 20.59
C GLY A 868 7.60 3.13 19.72
N ALA A 869 7.19 3.35 18.46
CA ALA A 869 7.02 2.23 17.54
C ALA A 869 8.35 1.59 17.19
N LEU A 870 9.41 2.39 17.05
CA LEU A 870 10.74 1.84 16.75
C LEU A 870 11.20 0.86 17.81
N HIS A 871 10.89 1.14 19.07
CA HIS A 871 11.36 0.26 20.12
C HIS A 871 10.61 -1.06 20.17
N GLU A 872 9.58 -1.25 19.34
CA GLU A 872 8.89 -2.54 19.26
C GLU A 872 9.37 -3.42 18.13
N LEU A 873 10.37 -2.97 17.35
CA LEU A 873 10.87 -3.77 16.25
C LEU A 873 11.89 -4.79 16.74
N HIS A 874 11.88 -5.96 16.12
CA HIS A 874 12.83 -7.02 16.42
C HIS A 874 13.84 -7.09 15.28
N ILE A 875 15.11 -6.88 15.60
CA ILE A 875 16.20 -6.89 14.63
C ILE A 875 17.00 -8.17 14.86
N GLY A 876 17.21 -8.96 13.81
CA GLY A 876 18.02 -10.15 13.99
C GLY A 876 18.12 -11.00 12.74
N ARG A 877 18.65 -12.20 12.93
CA ARG A 877 18.79 -13.13 11.82
C ARG A 877 17.40 -13.49 11.29
N THR A 878 17.24 -13.47 9.99
CA THR A 878 15.89 -13.31 9.42
C THR A 878 15.15 -14.62 9.23
N ASP A 879 15.70 -15.75 9.70
CA ASP A 879 15.01 -17.04 9.60
C ASP A 879 14.04 -17.28 10.77
N ARG A 880 13.53 -16.22 11.39
CA ARG A 880 12.40 -16.31 12.32
C ARG A 880 11.32 -15.34 11.88
N LEU A 881 10.06 -15.81 11.87
CA LEU A 881 8.94 -14.96 11.48
C LEU A 881 8.87 -13.69 12.32
N SER A 882 9.31 -13.77 13.58
CA SER A 882 9.22 -12.64 14.48
C SER A 882 10.24 -11.55 14.17
N VAL A 883 11.15 -11.77 13.23
CA VAL A 883 12.15 -10.74 12.92
C VAL A 883 11.58 -9.74 11.91
N ASP A 884 11.62 -8.45 12.29
CA ASP A 884 11.11 -7.37 11.44
C ASP A 884 12.17 -6.81 10.52
N VAL A 885 13.39 -6.63 11.04
CA VAL A 885 14.45 -5.90 10.37
C VAL A 885 15.69 -6.78 10.37
N GLY A 886 16.25 -7.00 9.19
CA GLY A 886 17.40 -7.86 9.05
C GLY A 886 18.71 -7.11 9.03
N PRO A 887 19.78 -7.78 8.61
CA PRO A 887 21.11 -7.17 8.64
C PRO A 887 21.34 -6.28 7.43
N VAL A 888 22.45 -5.53 7.48
CA VAL A 888 22.96 -4.90 6.27
C VAL A 888 23.85 -5.92 5.56
N ILE A 889 24.08 -5.71 4.27
CA ILE A 889 24.54 -6.83 3.44
C ILE A 889 25.99 -7.21 3.76
N THR A 890 26.84 -6.24 4.11
CA THR A 890 28.26 -6.54 4.33
C THR A 890 28.84 -5.63 5.41
N SER A 891 30.05 -5.98 5.86
CA SER A 891 30.84 -5.10 6.72
C SER A 891 31.11 -3.77 6.05
N GLU A 892 31.42 -3.79 4.74
CA GLU A 892 31.68 -2.56 4.02
C GLU A 892 30.46 -1.65 4.05
N ALA A 893 29.28 -2.22 3.81
CA ALA A 893 28.07 -1.41 3.88
C ALA A 893 27.88 -0.85 5.28
N LYS A 894 28.03 -1.71 6.29
CA LYS A 894 27.90 -1.29 7.68
C LYS A 894 28.85 -0.14 8.02
N ASP A 895 30.10 -0.24 7.59
CA ASP A 895 31.05 0.82 7.90
C ASP A 895 30.71 2.10 7.15
N ASN A 896 30.25 1.98 5.90
CA ASN A 896 29.86 3.14 5.13
C ASN A 896 28.68 3.87 5.78
N ILE A 897 27.72 3.11 6.30
CA ILE A 897 26.58 3.71 6.99
C ILE A 897 27.03 4.35 8.30
N GLU A 898 27.81 3.63 9.10
CA GLU A 898 28.27 4.18 10.38
C GLU A 898 29.16 5.40 10.19
N LYS A 899 29.89 5.48 9.08
CA LYS A 899 30.70 6.68 8.82
C LYS A 899 29.83 7.90 8.58
N HIS A 900 28.69 7.71 7.90
CA HIS A 900 27.74 8.81 7.74
C HIS A 900 27.16 9.21 9.08
N ILE A 901 26.74 8.23 9.88
CA ILE A 901 26.17 8.53 11.18
C ILE A 901 27.20 9.26 12.04
N GLU A 902 28.47 8.90 11.90
CA GLU A 902 29.54 9.60 12.62
C GLU A 902 29.66 11.05 12.17
N ARG A 903 29.71 11.28 10.85
CA ARG A 903 29.83 12.64 10.35
C ARG A 903 28.66 13.50 10.80
N MET A 904 27.46 12.91 10.87
CA MET A 904 26.30 13.62 11.38
C MET A 904 26.45 13.93 12.86
N ARG A 905 26.83 12.93 13.66
CA ARG A 905 27.11 13.18 15.06
C ARG A 905 28.14 14.29 15.21
N GLY A 906 29.16 14.29 14.36
CA GLY A 906 30.23 15.26 14.44
C GLY A 906 29.80 16.68 14.18
N LEU A 907 28.68 16.86 13.48
CA LEU A 907 28.12 18.19 13.26
C LEU A 907 27.20 18.63 14.39
N GLY A 908 27.06 17.82 15.44
CA GLY A 908 26.15 18.14 16.51
C GLY A 908 24.70 17.78 16.27
N ARG A 909 24.40 17.09 15.17
CA ARG A 909 23.03 16.65 14.93
C ARG A 909 22.62 15.62 15.97
N LYS A 910 21.38 15.71 16.43
CA LYS A 910 20.85 14.72 17.36
C LYS A 910 20.63 13.39 16.63
N VAL A 911 21.32 12.35 17.08
CA VAL A 911 21.25 11.02 16.47
C VAL A 911 20.72 10.05 17.50
N GLU A 912 19.66 9.33 17.15
CA GLU A 912 19.07 8.32 18.04
C GLU A 912 19.03 6.97 17.36
N GLN A 913 19.32 5.91 18.12
CA GLN A 913 19.31 4.55 17.62
C GLN A 913 18.62 3.64 18.62
N ILE A 914 18.05 2.54 18.13
CA ILE A 914 17.49 1.53 19.03
C ILE A 914 18.56 0.50 19.35
N GLY A 915 18.42 -0.17 20.50
CA GLY A 915 19.42 -1.15 20.89
C GLY A 915 19.30 -2.44 20.12
N LEU A 916 20.45 -3.09 19.93
CA LEU A 916 20.51 -4.38 19.24
C LEU A 916 20.84 -5.49 20.24
N ALA A 917 20.15 -6.62 20.10
CA ALA A 917 20.46 -7.79 20.91
C ALA A 917 21.90 -8.24 20.66
N SER A 918 22.48 -8.92 21.65
CA SER A 918 23.87 -9.36 21.54
C SER A 918 24.02 -10.44 20.46
N GLU A 919 22.94 -11.17 20.16
CA GLU A 919 22.99 -12.16 19.10
C GLU A 919 23.35 -11.55 17.74
N THR A 920 23.12 -10.25 17.53
CA THR A 920 23.43 -9.67 16.23
C THR A 920 24.93 -9.57 15.97
N GLY A 921 25.77 -9.89 16.97
CA GLY A 921 27.21 -9.77 16.84
C GLY A 921 27.86 -10.69 15.82
N VAL A 922 27.23 -11.82 15.48
CA VAL A 922 27.80 -12.73 14.49
C VAL A 922 27.45 -12.33 13.05
N GLY A 923 26.61 -11.32 12.87
CA GLY A 923 26.29 -10.77 11.55
C GLY A 923 26.67 -9.31 11.44
N THR A 924 26.24 -8.63 10.39
CA THR A 924 26.54 -7.21 10.19
C THR A 924 25.21 -6.43 10.25
N PHE A 925 24.90 -5.87 11.42
CA PHE A 925 23.64 -5.17 11.64
C PHE A 925 23.89 -3.69 11.95
N VAL A 926 22.95 -2.85 11.50
CA VAL A 926 22.88 -1.45 11.90
C VAL A 926 21.49 -1.21 12.46
N PRO A 927 21.34 -0.62 13.64
CA PRO A 927 20.00 -0.40 14.19
C PRO A 927 19.30 0.71 13.45
N PRO A 928 17.96 0.63 13.31
CA PRO A 928 17.19 1.81 12.91
C PRO A 928 17.67 3.07 13.62
N THR A 929 17.95 4.11 12.84
CA THR A 929 18.59 5.33 13.32
C THR A 929 17.78 6.53 12.85
N ILE A 930 17.55 7.49 13.76
CA ILE A 930 16.84 8.73 13.44
C ILE A 930 17.76 9.91 13.70
N ILE A 931 17.98 10.72 12.69
CA ILE A 931 18.90 11.86 12.74
C ILE A 931 18.12 13.13 12.42
N GLU A 932 18.22 14.13 13.29
CA GLU A 932 17.52 15.40 13.06
C GLU A 932 18.43 16.35 12.30
N LEU A 933 17.98 16.81 11.13
CA LEU A 933 18.74 17.74 10.32
C LEU A 933 18.28 19.17 10.57
N GLU A 934 19.16 20.12 10.23
CA GLU A 934 18.82 21.54 10.20
C GLU A 934 18.33 21.95 8.81
N LYS A 935 19.08 21.58 7.78
CA LYS A 935 18.74 21.87 6.39
C LYS A 935 18.89 20.60 5.59
N LEU A 936 18.06 20.46 4.55
CA LEU A 936 18.17 19.29 3.69
C LEU A 936 19.56 19.19 3.07
N SER A 937 20.23 20.33 2.88
CA SER A 937 21.60 20.37 2.36
C SER A 937 22.61 19.68 3.26
N ASP A 938 22.25 19.34 4.51
CA ASP A 938 23.14 18.53 5.35
C ASP A 938 23.43 17.18 4.70
N LEU A 939 22.49 16.66 3.92
CA LEU A 939 22.68 15.40 3.21
C LEU A 939 23.41 15.65 1.90
N GLN A 940 24.41 14.82 1.63
CA GLN A 940 25.23 14.96 0.42
C GLN A 940 25.11 13.78 -0.53
N ARG A 941 24.60 12.64 -0.07
CA ARG A 941 24.65 11.42 -0.86
C ARG A 941 23.60 10.46 -0.34
N GLU A 942 23.19 9.55 -1.20
CA GLU A 942 22.31 8.47 -0.77
C GLU A 942 23.03 7.61 0.28
N VAL A 943 22.40 7.42 1.44
CA VAL A 943 22.94 6.56 2.49
C VAL A 943 22.05 5.33 2.56
N PHE A 944 22.56 4.21 2.06
CA PHE A 944 21.75 3.01 1.78
C PHE A 944 21.71 2.11 3.02
N GLY A 945 20.86 2.49 3.98
CA GLY A 945 20.75 1.77 5.22
C GLY A 945 19.60 2.26 6.06
N PRO A 946 19.47 1.76 7.29
CA PRO A 946 18.28 2.08 8.10
C PRO A 946 18.42 3.41 8.84
N VAL A 947 18.56 4.50 8.08
CA VAL A 947 18.90 5.81 8.63
C VAL A 947 17.89 6.82 8.11
N LEU A 948 16.96 7.22 8.97
CA LEU A 948 15.91 8.18 8.66
C LEU A 948 16.33 9.55 9.15
N HIS A 949 16.32 10.53 8.26
CA HIS A 949 16.60 11.91 8.63
C HIS A 949 15.29 12.67 8.75
N VAL A 950 15.25 13.63 9.66
CA VAL A 950 14.02 14.34 9.97
C VAL A 950 14.28 15.84 9.88
N ILE A 951 13.39 16.56 9.20
CA ILE A 951 13.41 18.01 9.24
C ILE A 951 12.01 18.50 9.58
N ARG A 952 11.96 19.63 10.27
CA ARG A 952 10.71 20.30 10.60
C ARG A 952 10.53 21.48 9.66
N TYR A 953 9.28 21.78 9.32
CA TYR A 953 9.04 22.93 8.45
C TYR A 953 7.82 23.71 8.91
N ARG A 954 7.87 25.03 8.69
CA ARG A 954 6.71 25.89 8.88
C ARG A 954 5.80 25.78 7.66
N ARG A 955 4.48 25.80 7.92
CA ARG A 955 3.51 25.62 6.83
C ARG A 955 3.76 26.58 5.67
N ASP A 956 4.05 27.85 5.96
CA ASP A 956 4.26 28.80 4.87
C ASP A 956 5.50 28.48 4.04
N ASP A 957 6.40 27.64 4.55
CA ASP A 957 7.61 27.26 3.81
C ASP A 957 7.42 26.02 2.95
N LEU A 958 6.18 25.58 2.72
CA LEU A 958 5.96 24.32 2.03
C LEU A 958 6.53 24.35 0.62
N ASP A 959 6.28 25.44 -0.12
CA ASP A 959 6.80 25.52 -1.49
C ASP A 959 8.32 25.49 -1.49
N ARG A 960 8.96 26.21 -0.57
CA ARG A 960 10.41 26.20 -0.51
C ARG A 960 10.94 24.84 -0.09
N LEU A 961 10.25 24.15 0.83
CA LEU A 961 10.65 22.78 1.17
C LEU A 961 10.69 21.89 -0.06
N VAL A 962 9.63 21.95 -0.89
CA VAL A 962 9.62 21.16 -2.13
C VAL A 962 10.84 21.47 -2.99
N ASP A 963 11.20 22.76 -3.09
CA ASP A 963 12.45 23.13 -3.76
C ASP A 963 13.65 22.41 -3.15
N ASP A 964 13.74 22.40 -1.81
CA ASP A 964 14.88 21.76 -1.16
C ASP A 964 14.92 20.27 -1.46
N VAL A 965 13.77 19.61 -1.54
CA VAL A 965 13.75 18.19 -1.89
C VAL A 965 14.24 18.01 -3.32
N ASN A 966 13.73 18.83 -4.24
CA ASN A 966 14.16 18.75 -5.64
C ASN A 966 15.64 19.08 -5.80
N ALA A 967 16.18 19.91 -4.91
CA ALA A 967 17.53 20.44 -5.06
C ALA A 967 18.61 19.39 -4.87
N THR A 968 18.29 18.22 -4.30
CA THR A 968 19.30 17.16 -4.21
C THR A 968 19.71 16.65 -5.58
N GLY A 969 18.89 16.87 -6.61
CA GLY A 969 19.12 16.31 -7.92
C GLY A 969 18.53 14.92 -8.13
N TYR A 970 18.12 14.24 -7.06
CA TYR A 970 17.45 12.96 -7.18
C TYR A 970 15.96 13.15 -7.47
N GLY A 971 15.27 12.05 -7.76
CA GLY A 971 13.85 12.12 -8.06
C GLY A 971 13.26 10.73 -8.27
N LEU A 972 13.36 9.88 -7.24
CA LEU A 972 12.90 8.52 -7.34
C LEU A 972 11.52 8.40 -6.71
N THR A 973 11.44 8.18 -5.40
CA THR A 973 10.14 8.10 -4.74
C THR A 973 9.89 9.32 -3.88
N PHE A 974 8.61 9.58 -3.62
CA PHE A 974 8.21 10.73 -2.83
C PHE A 974 6.84 10.47 -2.23
N GLY A 975 6.69 10.80 -0.96
CA GLY A 975 5.43 10.61 -0.25
C GLY A 975 4.84 11.92 0.26
N LEU A 976 3.51 11.96 0.30
CA LEU A 976 2.78 13.07 0.88
C LEU A 976 1.67 12.50 1.74
N HIS A 977 1.63 12.89 3.01
CA HIS A 977 0.53 12.54 3.90
C HIS A 977 -0.22 13.82 4.23
N THR A 978 -1.45 13.92 3.71
CA THR A 978 -2.32 15.06 3.96
C THR A 978 -3.72 14.64 3.58
N ARG A 979 -4.71 15.28 4.20
CA ARG A 979 -6.09 15.12 3.79
C ARG A 979 -6.59 16.30 2.98
N LEU A 980 -5.73 17.28 2.68
CA LEU A 980 -6.15 18.52 2.03
C LEU A 980 -5.83 18.51 0.55
N ASP A 981 -6.88 18.60 -0.29
CA ASP A 981 -6.71 18.55 -1.75
C ASP A 981 -5.82 19.69 -2.26
N GLU A 982 -5.90 20.87 -1.66
CA GLU A 982 -5.08 21.98 -2.16
C GLU A 982 -3.61 21.67 -1.96
N THR A 983 -3.26 21.02 -0.84
CA THR A 983 -1.88 20.65 -0.60
C THR A 983 -1.44 19.53 -1.55
N ILE A 984 -2.33 18.58 -1.81
CA ILE A 984 -2.03 17.52 -2.78
C ILE A 984 -1.74 18.13 -4.14
N ALA A 985 -2.59 19.07 -4.57
CA ALA A 985 -2.43 19.67 -5.89
C ALA A 985 -1.13 20.47 -5.96
N HIS A 986 -0.88 21.31 -4.95
CA HIS A 986 0.34 22.11 -4.89
C HIS A 986 1.58 21.22 -4.93
N VAL A 987 1.68 20.27 -3.99
CA VAL A 987 2.91 19.50 -3.85
C VAL A 987 3.16 18.61 -5.06
N THR A 988 2.12 17.93 -5.58
CA THR A 988 2.35 17.04 -6.71
C THR A 988 2.58 17.79 -8.02
N SER A 989 2.22 19.07 -8.11
CA SER A 989 2.55 19.80 -9.32
C SER A 989 3.96 20.38 -9.28
N ARG A 990 4.61 20.39 -8.12
CA ARG A 990 5.91 21.02 -7.96
C ARG A 990 7.04 20.04 -7.67
N ILE A 991 6.73 18.89 -7.07
CA ILE A 991 7.75 17.88 -6.82
C ILE A 991 8.19 17.27 -8.16
N LYS A 992 9.45 16.87 -8.25
CA LYS A 992 10.01 16.30 -9.48
C LYS A 992 10.52 14.89 -9.18
N ALA A 993 9.61 13.92 -9.11
CA ALA A 993 9.98 12.54 -8.80
C ALA A 993 9.17 11.60 -9.66
N GLY A 994 9.73 10.41 -9.93
CA GLY A 994 9.08 9.47 -10.82
C GLY A 994 7.97 8.65 -10.20
N ASN A 995 7.99 8.46 -8.90
CA ASN A 995 6.99 7.66 -8.20
C ASN A 995 6.48 8.41 -6.99
N LEU A 996 5.19 8.76 -7.02
CA LEU A 996 4.53 9.53 -5.97
C LEU A 996 3.58 8.63 -5.22
N TYR A 997 3.44 8.88 -3.92
CA TYR A 997 2.55 8.07 -3.10
C TYR A 997 1.82 8.99 -2.14
N ILE A 998 0.49 8.91 -2.12
CA ILE A 998 -0.32 9.79 -1.29
C ILE A 998 -0.96 8.95 -0.19
N ASN A 999 -0.67 9.31 1.07
CA ASN A 999 -1.27 8.70 2.26
C ASN A 999 -1.00 7.19 2.31
N ARG A 1000 0.21 6.78 1.94
CA ARG A 1000 0.60 5.39 2.01
C ARG A 1000 2.13 5.34 2.09
N ASN A 1001 2.68 4.12 2.16
CA ASN A 1001 4.13 4.03 2.16
C ASN A 1001 4.66 4.39 0.77
N ILE A 1002 5.98 4.54 0.65
CA ILE A 1002 6.58 4.99 -0.60
C ILE A 1002 7.46 3.93 -1.26
N ILE A 1003 7.18 2.65 -0.99
CA ILE A 1003 8.02 1.59 -1.52
C ILE A 1003 7.25 0.70 -2.50
N GLY A 1004 6.09 1.13 -2.96
CA GLY A 1004 5.33 0.32 -3.90
C GLY A 1004 5.97 0.31 -5.29
N ALA A 1005 6.04 -0.87 -5.88
CA ALA A 1005 6.61 -1.02 -7.22
C ALA A 1005 5.87 -2.12 -7.97
N VAL A 1006 4.57 -2.24 -7.72
CA VAL A 1006 3.80 -3.31 -8.34
C VAL A 1006 3.84 -3.17 -9.85
N VAL A 1007 4.26 -4.24 -10.52
CA VAL A 1007 4.52 -4.19 -11.95
C VAL A 1007 3.24 -3.86 -12.69
N GLY A 1008 3.32 -2.90 -13.62
CA GLY A 1008 2.15 -2.52 -14.40
C GLY A 1008 1.09 -1.77 -13.62
N VAL A 1009 1.34 -1.45 -12.36
CA VAL A 1009 0.43 -0.72 -11.49
C VAL A 1009 1.09 0.53 -10.94
N GLN A 1010 2.27 0.39 -10.31
CA GLN A 1010 3.21 1.51 -10.13
C GLN A 1010 4.46 1.24 -10.95
N PRO A 1011 4.44 1.47 -12.26
CA PRO A 1011 5.68 1.42 -13.04
C PRO A 1011 6.73 2.27 -12.34
N PHE A 1012 7.90 1.69 -12.14
CA PHE A 1012 8.83 2.22 -11.16
C PHE A 1012 10.07 2.77 -11.84
N GLY A 1013 10.47 3.97 -11.45
CA GLY A 1013 11.67 4.56 -11.99
C GLY A 1013 11.63 6.07 -11.92
N GLY A 1014 12.79 6.68 -11.72
CA GLY A 1014 12.80 8.11 -11.51
C GLY A 1014 13.62 8.88 -12.54
N ARG A 1015 13.94 10.13 -12.19
CA ARG A 1015 14.52 11.10 -13.10
C ARG A 1015 15.73 11.73 -12.42
N GLY A 1016 16.40 12.63 -13.13
CA GLY A 1016 17.57 13.28 -12.54
C GLY A 1016 18.64 12.26 -12.23
N LEU A 1017 19.22 12.37 -11.02
CA LEU A 1017 20.25 11.43 -10.57
C LEU A 1017 19.69 10.03 -10.27
N SER A 1018 18.36 9.87 -10.36
CA SER A 1018 17.68 8.62 -10.04
C SER A 1018 17.42 7.73 -11.25
N GLY A 1019 17.58 8.23 -12.48
CA GLY A 1019 17.31 7.36 -13.62
C GLY A 1019 17.34 8.02 -14.98
N THR A 1020 17.56 7.21 -16.01
CA THR A 1020 17.36 7.61 -17.40
C THR A 1020 15.95 7.32 -17.88
N GLY A 1021 15.30 6.34 -17.28
CA GLY A 1021 14.12 5.73 -17.86
C GLY A 1021 14.52 4.92 -19.09
N PRO A 1022 13.53 4.27 -19.73
CA PRO A 1022 12.12 4.21 -19.32
C PRO A 1022 11.90 3.37 -18.04
N LYS A 1023 10.73 3.49 -17.42
CA LYS A 1023 10.46 2.77 -16.18
C LYS A 1023 10.39 1.25 -16.40
N ALA A 1024 11.11 0.51 -15.58
CA ALA A 1024 10.83 -0.91 -15.41
C ALA A 1024 9.38 -1.12 -15.00
N GLY A 1025 8.78 -2.21 -15.48
CA GLY A 1025 7.43 -2.50 -15.08
C GLY A 1025 6.39 -1.58 -15.70
N GLY A 1026 6.75 -0.87 -16.75
CA GLY A 1026 5.86 -0.01 -17.48
C GLY A 1026 5.93 -0.26 -18.98
N PRO A 1027 5.07 0.43 -19.73
CA PRO A 1027 4.84 0.03 -21.13
C PRO A 1027 5.87 0.56 -22.11
N LEU A 1028 6.76 1.47 -21.70
CA LEU A 1028 7.80 1.98 -22.58
C LEU A 1028 9.08 1.15 -22.52
N TYR A 1029 9.15 0.19 -21.61
CA TYR A 1029 10.42 -0.47 -21.31
C TYR A 1029 10.92 -1.31 -22.48
N LEU A 1030 10.08 -2.20 -23.01
CA LEU A 1030 10.55 -3.12 -24.04
C LEU A 1030 11.03 -2.38 -25.28
N GLY A 1031 10.44 -1.21 -25.57
CA GLY A 1031 10.78 -0.50 -26.80
C GLY A 1031 12.18 0.04 -26.83
N ARG A 1032 12.82 0.18 -25.65
CA ARG A 1032 14.20 0.62 -25.59
C ARG A 1032 15.17 -0.49 -25.99
N LEU A 1033 14.71 -1.74 -26.01
CA LEU A 1033 15.56 -2.91 -26.22
C LEU A 1033 15.45 -3.45 -27.64
N VAL A 1034 14.90 -2.66 -28.57
CA VAL A 1034 14.82 -3.02 -29.98
C VAL A 1034 15.29 -1.80 -30.77
N THR A 1035 15.70 -2.03 -32.01
CA THR A 1035 16.20 -0.90 -32.80
C THR A 1035 15.09 0.00 -33.30
N THR A 1036 13.86 -0.52 -33.42
CA THR A 1036 12.69 0.28 -33.82
C THR A 1036 11.60 0.06 -32.78
N ALA A 1037 11.27 1.09 -32.04
CA ALA A 1037 10.38 0.86 -30.91
C ALA A 1037 8.94 0.71 -31.38
N PRO A 1038 8.16 -0.15 -30.76
CA PRO A 1038 6.75 -0.25 -31.12
C PRO A 1038 5.95 0.84 -30.42
N VAL A 1039 4.69 0.95 -30.82
CA VAL A 1039 3.71 1.79 -30.11
C VAL A 1039 3.14 0.97 -28.95
N PRO A 1040 3.35 1.38 -27.71
CA PRO A 1040 2.87 0.59 -26.57
C PRO A 1040 1.35 0.61 -26.49
N PRO A 1041 0.76 -0.35 -25.78
CA PRO A 1041 -0.69 -0.28 -25.52
C PRO A 1041 -1.05 1.03 -24.84
N GLN A 1042 -2.17 1.61 -25.27
CA GLN A 1042 -2.77 2.80 -24.69
C GLN A 1042 -1.89 4.04 -24.82
N HIS A 1043 -0.84 3.98 -25.62
CA HIS A 1043 0.15 5.07 -25.69
C HIS A 1043 -0.25 6.03 -26.81
N SER A 1044 -0.98 7.09 -26.44
CA SER A 1044 -1.37 8.17 -27.33
C SER A 1044 -1.85 9.35 -26.48
N SER A 1045 -2.09 10.47 -27.15
CA SER A 1045 -2.63 11.66 -26.48
C SER A 1045 -3.34 12.52 -27.52
N VAL A 1046 -4.51 13.05 -27.14
CA VAL A 1046 -5.22 13.98 -28.03
C VAL A 1046 -4.69 15.40 -27.88
N HIS A 1047 -3.81 15.66 -26.91
CA HIS A 1047 -3.30 17.00 -26.70
C HIS A 1047 -2.17 17.29 -27.69
N THR A 1048 -2.15 18.51 -28.21
CA THR A 1048 -1.09 18.98 -29.08
C THR A 1048 -0.41 20.17 -28.39
N ASP A 1049 0.90 20.09 -28.25
CA ASP A 1049 1.65 21.17 -27.60
C ASP A 1049 1.48 22.48 -28.37
N PRO A 1050 1.07 23.58 -27.72
CA PRO A 1050 0.78 24.81 -28.47
C PRO A 1050 2.02 25.52 -28.99
N VAL A 1051 3.18 25.35 -28.33
CA VAL A 1051 4.41 25.91 -28.87
C VAL A 1051 4.84 25.15 -30.12
N LEU A 1052 4.69 23.82 -30.12
CA LEU A 1052 4.90 23.07 -31.36
C LEU A 1052 4.01 23.62 -32.48
N LEU A 1053 2.75 23.91 -32.16
CA LEU A 1053 1.84 24.47 -33.16
C LEU A 1053 2.35 25.81 -33.70
N ASP A 1054 2.80 26.69 -32.80
CA ASP A 1054 3.33 27.98 -33.25
C ASP A 1054 4.56 27.79 -34.12
N PHE A 1055 5.39 26.79 -33.80
CA PHE A 1055 6.59 26.52 -34.56
C PHE A 1055 6.25 26.06 -35.98
N ALA A 1056 5.26 25.17 -36.09
CA ALA A 1056 4.83 24.71 -37.42
C ALA A 1056 4.32 25.87 -38.27
N LYS A 1057 3.60 26.80 -37.64
CA LYS A 1057 3.11 27.96 -38.39
C LYS A 1057 4.25 28.84 -38.84
N TRP A 1058 5.26 29.04 -37.98
CA TRP A 1058 6.43 29.81 -38.38
C TRP A 1058 7.20 29.10 -39.49
N LEU A 1059 7.25 27.77 -39.45
CA LEU A 1059 7.90 27.03 -40.53
C LEU A 1059 7.15 27.23 -41.85
N ASP A 1060 5.82 27.18 -41.82
CA ASP A 1060 5.05 27.44 -43.03
C ASP A 1060 5.27 28.87 -43.51
N GLY A 1061 5.38 29.81 -42.56
CA GLY A 1061 5.56 31.21 -42.91
C GLY A 1061 6.86 31.52 -43.62
N LYS A 1062 7.88 30.69 -43.45
CA LYS A 1062 9.14 30.85 -44.16
C LYS A 1062 9.31 29.81 -45.26
N GLY A 1063 8.22 29.19 -45.70
CA GLY A 1063 8.24 28.30 -46.84
C GLY A 1063 8.80 26.92 -46.59
N ALA A 1064 9.17 26.59 -45.36
CA ALA A 1064 9.74 25.27 -45.04
C ALA A 1064 8.59 24.27 -44.93
N ARG A 1065 8.02 23.94 -46.08
CA ARG A 1065 6.80 23.14 -46.11
C ARG A 1065 7.02 21.74 -45.54
N ALA A 1066 8.10 21.08 -45.95
CA ALA A 1066 8.33 19.70 -45.51
C ALA A 1066 8.66 19.63 -44.03
N GLU A 1067 9.32 20.65 -43.48
CA GLU A 1067 9.58 20.64 -42.04
C GLU A 1067 8.32 20.99 -41.25
N ALA A 1068 7.54 21.95 -41.73
CA ALA A 1068 6.26 22.25 -41.09
C ALA A 1068 5.37 21.03 -41.02
N GLU A 1069 5.32 20.26 -42.11
CA GLU A 1069 4.58 19.01 -42.12
C GLU A 1069 5.11 18.03 -41.07
N ALA A 1070 6.44 17.89 -41.01
CA ALA A 1070 7.03 17.00 -40.03
C ALA A 1070 6.71 17.46 -38.62
N ALA A 1071 6.71 18.78 -38.41
CA ALA A 1071 6.40 19.32 -37.07
C ALA A 1071 4.98 18.95 -36.66
N ARG A 1072 4.02 19.15 -37.57
CA ARG A 1072 2.64 18.78 -37.26
C ARG A 1072 2.51 17.28 -37.02
N ASN A 1073 3.26 16.47 -37.76
CA ASN A 1073 3.24 15.03 -37.52
C ASN A 1073 3.78 14.69 -36.15
N ALA A 1074 4.87 15.36 -35.73
CA ALA A 1074 5.39 15.14 -34.38
C ALA A 1074 4.37 15.57 -33.33
N GLY A 1075 3.68 16.69 -33.59
CA GLY A 1075 2.68 17.15 -32.63
C GLY A 1075 1.61 16.11 -32.36
N SER A 1076 1.18 15.41 -33.41
CA SER A 1076 0.13 14.39 -33.29
C SER A 1076 0.69 13.11 -32.67
N SER A 1077 1.86 12.66 -33.16
CA SER A 1077 2.44 11.42 -32.68
C SER A 1077 2.83 11.49 -31.20
N SER A 1078 3.11 12.69 -30.68
CA SER A 1078 3.51 12.83 -29.29
C SER A 1078 2.42 12.31 -28.36
N ALA A 1079 2.85 11.62 -27.29
CA ALA A 1079 1.95 11.13 -26.25
C ALA A 1079 2.00 12.02 -25.01
N LEU A 1080 2.64 13.19 -25.12
CA LEU A 1080 2.60 14.19 -24.06
C LEU A 1080 1.15 14.45 -23.63
N GLY A 1081 0.89 14.33 -22.34
CA GLY A 1081 -0.46 14.52 -21.84
C GLY A 1081 -1.24 13.25 -21.61
N LEU A 1082 -0.70 12.08 -21.97
CA LEU A 1082 -1.33 10.82 -21.60
CA LEU A 1082 -1.32 10.82 -21.60
C LEU A 1082 -1.61 10.81 -20.10
N ASP A 1083 -2.79 10.32 -19.73
CA ASP A 1083 -3.22 10.41 -18.33
C ASP A 1083 -4.16 9.23 -18.08
N LEU A 1084 -3.63 8.14 -17.54
CA LEU A 1084 -4.33 6.86 -17.45
C LEU A 1084 -4.48 6.42 -16.00
N GLU A 1085 -5.55 5.70 -15.71
CA GLU A 1085 -5.63 4.96 -14.44
C GLU A 1085 -5.32 3.49 -14.75
N LEU A 1086 -4.32 2.92 -14.03
CA LEU A 1086 -3.97 1.54 -14.26
C LEU A 1086 -4.80 0.60 -13.37
N PRO A 1087 -5.14 -0.59 -13.86
CA PRO A 1087 -5.88 -1.55 -13.02
C PRO A 1087 -5.04 -1.95 -11.82
N GLY A 1088 -5.68 -2.05 -10.66
CA GLY A 1088 -5.02 -2.44 -9.45
C GLY A 1088 -6.01 -2.84 -8.36
N PRO A 1089 -5.57 -2.86 -7.10
CA PRO A 1089 -6.48 -3.22 -6.01
C PRO A 1089 -7.52 -2.15 -5.74
N VAL A 1090 -8.62 -2.57 -5.10
CA VAL A 1090 -9.59 -1.60 -4.63
C VAL A 1090 -8.96 -0.74 -3.54
N GLY A 1091 -9.59 0.41 -3.26
CA GLY A 1091 -9.03 1.25 -2.21
C GLY A 1091 -7.76 1.97 -2.60
N GLU A 1092 -7.42 1.99 -3.88
CA GLU A 1092 -6.22 2.65 -4.34
C GLU A 1092 -6.50 3.20 -5.73
N ARG A 1093 -5.93 4.35 -6.05
CA ARG A 1093 -5.98 4.85 -7.43
C ARG A 1093 -4.55 4.96 -7.93
N ASN A 1094 -4.24 4.21 -8.98
CA ASN A 1094 -2.89 4.16 -9.52
C ASN A 1094 -2.87 4.80 -10.90
N LEU A 1095 -2.12 5.89 -11.01
CA LEU A 1095 -2.19 6.80 -12.15
C LEU A 1095 -0.85 6.82 -12.86
N TYR A 1096 -0.90 7.01 -14.17
CA TYR A 1096 0.30 6.99 -15.02
C TYR A 1096 0.18 8.11 -16.03
N THR A 1097 1.14 9.03 -16.04
CA THR A 1097 1.05 10.22 -16.86
C THR A 1097 2.37 10.48 -17.57
N LEU A 1098 2.29 11.13 -18.73
CA LEU A 1098 3.47 11.49 -19.52
C LEU A 1098 3.60 12.99 -19.56
N HIS A 1099 4.73 13.48 -19.06
CA HIS A 1099 5.07 14.90 -18.98
C HIS A 1099 6.24 15.22 -19.88
N ALA A 1100 6.54 16.51 -20.01
CA ALA A 1100 7.80 16.91 -20.62
C ALA A 1100 8.95 16.43 -19.76
N ARG A 1101 10.10 16.18 -20.40
CA ARG A 1101 11.30 15.79 -19.64
C ARG A 1101 11.97 17.01 -19.00
N GLY A 1102 11.97 18.13 -19.71
CA GLY A 1102 12.60 19.34 -19.20
C GLY A 1102 13.28 20.10 -20.32
N ARG A 1103 14.56 20.42 -20.16
CA ARG A 1103 15.33 21.10 -21.19
C ARG A 1103 16.21 20.08 -21.91
N ILE A 1104 16.06 20.01 -23.23
CA ILE A 1104 16.73 19.03 -24.07
C ILE A 1104 17.90 19.71 -24.74
N LEU A 1105 19.08 19.09 -24.65
CA LEU A 1105 20.25 19.59 -25.37
C LEU A 1105 20.15 19.18 -26.84
N LEU A 1106 20.18 20.17 -27.72
CA LEU A 1106 20.13 19.95 -29.16
C LEU A 1106 21.51 20.20 -29.76
N VAL A 1107 22.02 19.20 -30.48
CA VAL A 1107 23.31 19.31 -31.18
C VAL A 1107 23.06 19.07 -32.67
N PRO A 1108 22.60 20.08 -33.41
CA PRO A 1108 22.33 19.89 -34.84
C PRO A 1108 23.59 20.01 -35.69
N ALA A 1109 23.45 19.57 -36.95
CA ALA A 1109 24.44 19.75 -38.01
C ALA A 1109 23.92 20.62 -39.16
N THR A 1110 22.65 20.49 -39.52
CA THR A 1110 22.10 21.26 -40.62
C THR A 1110 20.87 22.02 -40.15
N GLU A 1111 20.43 22.98 -40.97
CA GLU A 1111 19.24 23.76 -40.65
C GLU A 1111 18.02 22.86 -40.56
N SER A 1112 17.84 21.99 -41.54
CA SER A 1112 16.69 21.08 -41.49
C SER A 1112 16.81 20.11 -40.33
N GLY A 1113 18.04 19.69 -40.01
CA GLY A 1113 18.23 18.86 -38.83
C GLY A 1113 17.78 19.57 -37.57
N LEU A 1114 18.13 20.85 -37.44
CA LEU A 1114 17.70 21.63 -36.28
C LEU A 1114 16.17 21.72 -36.22
N TYR A 1115 15.54 22.00 -37.37
CA TYR A 1115 14.08 22.09 -37.40
C TYR A 1115 13.44 20.78 -36.94
N HIS A 1116 13.97 19.64 -37.39
CA HIS A 1116 13.42 18.36 -37.00
C HIS A 1116 13.62 18.11 -35.51
N GLN A 1117 14.81 18.42 -34.98
CA GLN A 1117 15.05 18.25 -33.54
C GLN A 1117 14.14 19.14 -32.72
N LEU A 1118 13.98 20.40 -33.15
CA LEU A 1118 13.11 21.32 -32.45
C LEU A 1118 11.67 20.81 -32.42
N ALA A 1119 11.17 20.35 -33.58
CA ALA A 1119 9.81 19.83 -33.64
C ALA A 1119 9.64 18.67 -32.66
N ALA A 1120 10.62 17.76 -32.60
CA ALA A 1120 10.53 16.62 -31.69
C ALA A 1120 10.47 17.07 -30.24
N ALA A 1121 11.35 18.00 -29.85
CA ALA A 1121 11.41 18.44 -28.47
C ALA A 1121 10.19 19.26 -28.09
N LEU A 1122 9.74 20.16 -28.98
CA LEU A 1122 8.57 20.97 -28.66
C LEU A 1122 7.31 20.12 -28.60
N ALA A 1123 7.16 19.15 -29.51
CA ALA A 1123 5.98 18.32 -29.53
C ALA A 1123 5.81 17.54 -28.24
N THR A 1124 6.91 17.30 -27.52
CA THR A 1124 6.87 16.58 -26.26
C THR A 1124 6.93 17.52 -25.07
N GLY A 1125 6.69 18.82 -25.27
CA GLY A 1125 6.54 19.76 -24.19
C GLY A 1125 7.83 20.36 -23.65
N ASN A 1126 8.98 20.02 -24.23
CA ASN A 1126 10.28 20.40 -23.69
C ASN A 1126 10.71 21.81 -24.13
N SER A 1127 11.62 22.38 -23.36
CA SER A 1127 12.45 23.48 -23.86
C SER A 1127 13.77 22.90 -24.37
N VAL A 1128 14.59 23.76 -24.97
CA VAL A 1128 15.82 23.31 -25.63
C VAL A 1128 16.98 24.25 -25.34
N ALA A 1129 18.18 23.67 -25.36
CA ALA A 1129 19.42 24.41 -25.42
C ALA A 1129 20.14 23.96 -26.69
N ILE A 1130 20.34 24.88 -27.63
CA ILE A 1130 20.94 24.54 -28.91
C ILE A 1130 22.43 24.81 -28.86
N ASP A 1131 23.24 23.85 -29.31
CA ASP A 1131 24.68 24.01 -29.37
C ASP A 1131 25.06 25.23 -30.20
N ALA A 1132 25.62 26.25 -29.55
CA ALA A 1132 25.99 27.47 -30.25
C ALA A 1132 27.06 27.20 -31.31
N ALA A 1133 27.92 26.22 -31.08
CA ALA A 1133 28.96 25.87 -32.05
C ALA A 1133 28.38 25.32 -33.34
N SER A 1134 27.09 24.99 -33.38
CA SER A 1134 26.47 24.57 -34.63
C SER A 1134 26.51 25.67 -35.67
N GLY A 1135 26.56 26.92 -35.23
CA GLY A 1135 26.55 28.04 -36.17
C GLY A 1135 25.25 28.25 -36.91
N LEU A 1136 24.15 27.66 -36.45
CA LEU A 1136 22.87 27.78 -37.15
C LEU A 1136 22.00 28.91 -36.60
N GLN A 1137 22.60 29.91 -35.95
CA GLN A 1137 21.82 30.93 -35.25
C GLN A 1137 20.89 31.68 -36.20
N ALA A 1138 21.35 31.94 -37.42
CA ALA A 1138 20.51 32.70 -38.34
C ALA A 1138 19.26 31.94 -38.74
N SER A 1139 19.24 30.61 -38.56
CA SER A 1139 18.12 29.79 -38.99
C SER A 1139 16.86 30.00 -38.16
N LEU A 1140 16.93 30.69 -37.02
CA LEU A 1140 15.79 30.86 -36.14
C LEU A 1140 15.46 32.34 -35.93
N LYS A 1141 15.60 33.15 -36.98
CA LYS A 1141 15.27 34.57 -36.90
C LYS A 1141 13.77 34.78 -37.07
N ASN A 1142 13.24 35.75 -36.35
CA ASN A 1142 11.81 36.07 -36.33
C ASN A 1142 10.99 34.95 -35.72
N LEU A 1143 11.58 34.25 -34.76
CA LEU A 1143 10.86 33.22 -34.04
C LEU A 1143 9.68 33.82 -33.28
N PRO A 1144 8.52 33.21 -33.32
CA PRO A 1144 7.43 33.66 -32.44
C PRO A 1144 7.88 33.63 -30.99
N GLN A 1145 7.44 34.63 -30.22
CA GLN A 1145 7.88 34.74 -28.82
C GLN A 1145 7.60 33.47 -28.03
N THR A 1146 6.47 32.82 -28.29
CA THR A 1146 6.13 31.59 -27.59
C THR A 1146 7.18 30.52 -27.81
N VAL A 1147 7.72 30.43 -29.02
CA VAL A 1147 8.77 29.46 -29.31
C VAL A 1147 10.11 29.95 -28.75
N GLY A 1148 10.46 31.22 -28.97
CA GLY A 1148 11.72 31.73 -28.46
C GLY A 1148 11.85 31.58 -26.95
N LEU A 1149 10.72 31.68 -26.25
CA LEU A 1149 10.70 31.50 -24.81
C LEU A 1149 11.17 30.10 -24.40
N ARG A 1150 11.06 29.11 -25.28
CA ARG A 1150 11.53 27.78 -24.99
C ARG A 1150 12.95 27.52 -25.47
N VAL A 1151 13.58 28.47 -26.15
CA VAL A 1151 14.81 28.24 -26.88
C VAL A 1151 15.95 29.06 -26.27
N SER A 1152 17.03 28.39 -25.93
CA SER A 1152 18.27 29.09 -25.60
C SER A 1152 19.41 28.47 -26.41
N TRP A 1153 20.51 29.22 -26.50
CA TRP A 1153 21.73 28.77 -27.18
C TRP A 1153 22.83 28.59 -26.14
N SER A 1154 23.55 27.48 -26.24
CA SER A 1154 24.56 27.12 -25.24
C SER A 1154 25.93 27.07 -25.87
N LYS A 1155 26.87 27.85 -25.33
CA LYS A 1155 28.27 27.66 -25.68
C LYS A 1155 28.91 26.63 -24.76
N ASP A 1156 28.71 26.78 -23.46
CA ASP A 1156 29.30 25.91 -22.43
C ASP A 1156 28.20 25.00 -21.90
N TRP A 1157 28.10 23.78 -22.46
CA TRP A 1157 26.98 22.91 -22.10
C TRP A 1157 26.97 22.60 -20.61
N ALA A 1158 28.13 22.52 -19.98
CA ALA A 1158 28.19 22.14 -18.58
C ALA A 1158 27.59 23.21 -17.68
N ALA A 1159 27.69 24.48 -18.09
CA ALA A 1159 27.20 25.57 -17.26
C ALA A 1159 25.69 25.76 -17.38
N ASP A 1160 25.08 25.27 -18.46
CA ASP A 1160 23.67 25.52 -18.73
C ASP A 1160 22.76 24.34 -18.37
N GLY A 1161 23.30 23.30 -17.75
CA GLY A 1161 22.50 22.16 -17.33
C GLY A 1161 21.77 22.43 -16.03
N PRO A 1162 21.11 21.41 -15.47
CA PRO A 1162 21.08 20.05 -16.01
C PRO A 1162 20.09 19.90 -17.15
N PHE A 1163 20.42 19.05 -18.12
CA PHE A 1163 19.49 18.70 -19.17
C PHE A 1163 18.77 17.41 -18.82
N ALA A 1164 17.76 17.07 -19.62
CA ALA A 1164 16.96 15.88 -19.38
C ALA A 1164 16.99 14.94 -20.57
N GLY A 1165 17.82 15.23 -21.56
CA GLY A 1165 17.98 14.38 -22.73
C GLY A 1165 18.74 15.16 -23.78
N ALA A 1166 19.06 14.47 -24.87
CA ALA A 1166 19.80 15.12 -25.93
C ALA A 1166 19.42 14.53 -27.29
N LEU A 1167 19.51 15.37 -28.31
CA LEU A 1167 19.27 15.01 -29.72
C LEU A 1167 20.49 15.44 -30.53
N VAL A 1168 21.06 14.51 -31.27
CA VAL A 1168 22.33 14.71 -31.96
C VAL A 1168 22.17 14.38 -33.44
N GLU A 1169 22.71 15.25 -34.29
CA GLU A 1169 22.74 15.03 -35.74
C GLU A 1169 24.19 14.99 -36.20
N GLY A 1170 24.54 13.97 -36.97
CA GLY A 1170 25.89 13.87 -37.51
C GLY A 1170 26.14 12.51 -38.10
N ASP A 1171 27.36 12.33 -38.60
CA ASP A 1171 27.82 11.00 -38.97
C ASP A 1171 28.34 10.27 -37.73
N ALA A 1172 28.74 9.01 -37.90
CA ALA A 1172 29.19 8.22 -36.76
C ALA A 1172 30.28 8.92 -35.96
N GLU A 1173 31.24 9.55 -36.67
CA GLU A 1173 32.35 10.23 -36.00
C GLU A 1173 31.86 11.38 -35.14
N ARG A 1174 30.97 12.22 -35.68
CA ARG A 1174 30.41 13.33 -34.92
C ARG A 1174 29.60 12.80 -33.74
N ILE A 1175 28.81 11.77 -33.97
CA ILE A 1175 27.94 11.23 -32.92
C ILE A 1175 28.77 10.73 -31.74
N ARG A 1176 29.89 10.06 -32.01
CA ARG A 1176 30.73 9.61 -30.92
C ARG A 1176 31.39 10.78 -30.19
N ALA A 1177 31.90 11.76 -30.94
CA ALA A 1177 32.51 12.93 -30.31
C ALA A 1177 31.52 13.65 -29.40
N VAL A 1178 30.30 13.87 -29.90
CA VAL A 1178 29.27 14.51 -29.08
C VAL A 1178 28.91 13.64 -27.89
N ASN A 1179 28.78 12.33 -28.11
CA ASN A 1179 28.36 11.44 -27.04
C ASN A 1179 29.37 11.46 -25.89
N LYS A 1180 30.66 11.51 -26.21
CA LYS A 1180 31.67 11.60 -25.16
C LYS A 1180 31.55 12.89 -24.38
N ALA A 1181 31.32 14.01 -25.07
CA ALA A 1181 31.22 15.29 -24.37
C ALA A 1181 30.01 15.31 -23.46
N ILE A 1182 28.91 14.69 -23.89
CA ILE A 1182 27.71 14.62 -23.05
C ILE A 1182 27.97 13.73 -21.83
N ALA A 1183 28.68 12.62 -22.01
CA ALA A 1183 28.99 11.78 -20.86
C ALA A 1183 29.82 12.54 -19.83
N ALA A 1184 30.63 13.51 -20.28
CA ALA A 1184 31.45 14.33 -19.39
C ALA A 1184 30.64 15.36 -18.61
N LEU A 1185 29.41 15.66 -19.03
CA LEU A 1185 28.64 16.71 -18.36
C LEU A 1185 28.38 16.31 -16.90
N PRO A 1186 28.38 17.28 -15.98
CA PRO A 1186 28.04 16.96 -14.58
C PRO A 1186 26.56 16.73 -14.41
N GLY A 1187 26.21 15.95 -13.38
CA GLY A 1187 24.83 15.74 -13.01
C GLY A 1187 24.25 14.44 -13.52
N PRO A 1188 23.01 14.49 -14.02
CA PRO A 1188 22.33 13.25 -14.40
C PRO A 1188 22.91 12.66 -15.69
N LEU A 1189 22.74 11.36 -15.82
CA LEU A 1189 22.96 10.70 -17.09
C LEU A 1189 21.89 11.12 -18.08
N LEU A 1190 22.28 11.48 -19.30
CA LEU A 1190 21.34 11.94 -20.31
C LEU A 1190 20.99 10.79 -21.25
N LEU A 1191 19.69 10.62 -21.53
CA LEU A 1191 19.24 9.74 -22.59
C LEU A 1191 19.47 10.45 -23.91
N VAL A 1192 20.39 9.92 -24.74
CA VAL A 1192 20.84 10.56 -25.97
C VAL A 1192 20.26 9.81 -27.17
N GLN A 1193 19.80 10.57 -28.17
CA GLN A 1193 19.39 10.00 -29.45
C GLN A 1193 20.16 10.67 -30.57
N ALA A 1194 20.58 9.87 -31.55
CA ALA A 1194 21.40 10.38 -32.65
C ALA A 1194 20.88 9.87 -33.99
N ALA A 1195 21.12 10.66 -35.03
CA ALA A 1195 20.69 10.34 -36.39
C ALA A 1195 21.55 11.10 -37.37
N SER A 1196 21.77 10.49 -38.54
CA SER A 1196 22.45 11.18 -39.61
C SER A 1196 21.49 12.12 -40.34
N SER A 1197 22.06 13.06 -41.09
CA SER A 1197 21.23 13.96 -41.89
C SER A 1197 20.32 13.17 -42.83
N GLY A 1198 20.86 12.15 -43.49
CA GLY A 1198 20.04 11.36 -44.40
C GLY A 1198 18.97 10.56 -43.67
N GLU A 1199 19.27 10.11 -42.46
CA GLU A 1199 18.26 9.41 -41.66
C GLU A 1199 17.13 10.35 -41.29
N ILE A 1200 17.45 11.58 -40.87
CA ILE A 1200 16.42 12.57 -40.59
C ILE A 1200 15.57 12.84 -41.82
N ALA A 1201 16.19 12.92 -43.00
CA ALA A 1201 15.44 13.16 -44.22
C ALA A 1201 14.61 11.95 -44.61
N ARG A 1202 15.09 10.74 -44.30
CA ARG A 1202 14.44 9.51 -44.76
C ARG A 1202 13.46 8.92 -43.75
N ASN A 1203 13.69 9.10 -42.45
CA ASN A 1203 12.90 8.43 -41.43
C ASN A 1203 12.19 9.44 -40.55
N PRO A 1204 10.86 9.55 -40.61
CA PRO A 1204 10.16 10.50 -39.74
C PRO A 1204 10.29 10.16 -38.27
N ASP A 1205 10.66 8.93 -37.94
CA ASP A 1205 10.88 8.51 -36.56
C ASP A 1205 12.36 8.36 -36.26
N ALA A 1206 13.21 9.09 -37.00
CA ALA A 1206 14.63 9.12 -36.71
C ALA A 1206 14.90 9.46 -35.25
N TYR A 1207 14.15 10.41 -34.71
CA TYR A 1207 14.14 10.69 -33.28
C TYR A 1207 12.83 10.15 -32.70
N CYS A 1208 12.94 9.30 -31.69
CA CYS A 1208 11.77 8.63 -31.12
C CYS A 1208 11.18 9.49 -30.01
N LEU A 1209 9.89 9.80 -30.13
CA LEU A 1209 9.26 10.64 -29.12
C LEU A 1209 9.04 9.90 -27.81
N ASN A 1210 9.15 8.57 -27.78
CA ASN A 1210 9.04 7.83 -26.52
C ASN A 1210 10.01 8.34 -25.48
N TRP A 1211 11.20 8.74 -25.90
CA TRP A 1211 12.29 9.04 -24.97
C TRP A 1211 12.39 10.52 -24.66
N LEU A 1212 11.48 11.34 -25.20
CA LEU A 1212 11.44 12.76 -24.94
C LEU A 1212 10.34 13.15 -23.97
N VAL A 1213 9.59 12.19 -23.45
CA VAL A 1213 8.63 12.43 -22.39
C VAL A 1213 9.14 11.74 -21.13
N GLU A 1214 8.56 12.13 -20.00
CA GLU A 1214 8.92 11.58 -18.72
C GLU A 1214 7.70 10.94 -18.10
N GLU A 1215 7.84 9.69 -17.67
CA GLU A 1215 6.73 8.98 -17.03
C GLU A 1215 6.66 9.35 -15.56
N VAL A 1216 5.43 9.52 -15.05
CA VAL A 1216 5.21 9.72 -13.62
C VAL A 1216 4.12 8.76 -13.17
N SER A 1217 4.41 7.99 -12.13
CA SER A 1217 3.47 7.11 -11.46
C SER A 1217 3.00 7.77 -10.17
N ALA A 1218 1.68 7.75 -9.92
CA ALA A 1218 1.16 8.22 -8.65
C ALA A 1218 0.21 7.18 -8.09
N SER A 1219 0.42 6.78 -6.84
CA SER A 1219 -0.42 5.82 -6.14
C SER A 1219 -1.07 6.53 -4.97
N ILE A 1220 -2.40 6.60 -4.99
CA ILE A 1220 -3.18 7.27 -3.96
C ILE A 1220 -3.96 6.22 -3.18
N ASN A 1221 -3.75 6.18 -1.87
CA ASN A 1221 -4.55 5.37 -0.96
C ASN A 1221 -5.88 6.08 -0.73
N THR A 1222 -6.94 5.59 -1.34
CA THR A 1222 -8.26 6.18 -1.20
C THR A 1222 -9.07 5.54 -0.08
N ALA A 1223 -8.50 4.56 0.60
CA ALA A 1223 -9.12 4.02 1.80
C ALA A 1223 -8.65 4.73 3.07
N ALA A 1224 -7.87 5.80 2.93
CA ALA A 1224 -7.09 6.31 4.06
C ALA A 1224 -7.96 6.98 5.12
N ALA A 1225 -9.08 7.61 4.72
CA ALA A 1225 -9.96 8.26 5.69
C ALA A 1225 -10.69 7.25 6.58
N GLY A 1226 -10.66 5.97 6.25
CA GLY A 1226 -11.28 4.97 7.09
C GLY A 1226 -12.03 3.90 6.33
N GLY A 1227 -12.38 4.16 5.08
CA GLY A 1227 -13.14 3.20 4.31
C GLY A 1227 -13.00 3.41 2.83
N ASN A 1228 -13.80 2.66 2.07
CA ASN A 1228 -13.78 2.65 0.61
C ASN A 1228 -15.11 3.16 0.09
N ALA A 1229 -15.08 4.28 -0.65
CA ALA A 1229 -16.33 4.91 -1.10
C ALA A 1229 -16.98 4.14 -2.25
N SER A 1230 -16.18 3.64 -3.19
CA SER A 1230 -16.74 2.86 -4.29
C SER A 1230 -17.30 1.53 -3.80
N LEU A 1231 -16.65 0.91 -2.80
CA LEU A 1231 -17.14 -0.33 -2.22
C LEU A 1231 -18.31 -0.12 -1.27
N MET A 1232 -18.55 1.12 -0.81
CA MET A 1232 -19.80 1.42 -0.11
C MET A 1232 -21.03 1.25 -0.99
N ALA A 1233 -20.84 0.97 -2.28
CA ALA A 1233 -21.94 0.69 -3.20
C ALA A 1233 -21.96 -0.81 -3.52
PA FAD B . -26.87 -5.15 7.79
O1A FAD B . -27.20 -3.97 6.86
O2A FAD B . -27.75 -6.30 7.77
O5B FAD B . -25.57 -5.86 7.52
C5B FAD B . -24.43 -5.10 7.15
C4B FAD B . -23.16 -5.95 7.09
O4B FAD B . -23.10 -6.76 5.95
C3B FAD B . -21.92 -5.13 7.01
O3B FAD B . -21.52 -4.58 8.22
C2B FAD B . -20.92 -6.12 6.53
O2B FAD B . -20.49 -6.90 7.59
C1B FAD B . -21.73 -6.96 5.63
N9A FAD B . -21.53 -6.70 4.23
C8A FAD B . -21.75 -5.52 3.56
N7A FAD B . -21.46 -5.65 2.26
C5A FAD B . -21.04 -6.95 2.02
C6A FAD B . -20.63 -7.65 0.89
N6A FAD B . -20.59 -7.00 -0.40
N1A FAD B . -20.27 -8.94 1.00
C2A FAD B . -20.32 -9.59 2.20
N3A FAD B . -20.71 -8.93 3.32
C4A FAD B . -21.07 -7.64 3.27
N1 FAD B . -18.26 -6.36 14.07
C2 FAD B . -16.87 -6.69 14.23
O2 FAD B . -16.13 -6.87 13.13
N3 FAD B . -16.30 -6.88 15.50
C4 FAD B . -17.08 -6.70 16.64
O4 FAD B . -16.49 -6.88 17.87
C4X FAD B . -18.51 -6.25 16.51
N5 FAD B . -19.32 -5.97 17.61
C5X FAD B . -20.65 -5.55 17.41
C6 FAD B . -21.46 -5.27 18.52
C7 FAD B . -22.79 -4.88 18.35
C7M FAD B . -23.64 -4.59 19.57
C8 FAD B . -23.32 -4.75 17.07
C8M FAD B . -24.75 -4.31 16.87
C9 FAD B . -22.52 -5.03 15.94
C9A FAD B . -21.20 -5.43 16.12
N10 FAD B . -20.37 -5.70 14.98
C10 FAD B . -19.05 -6.11 15.17
C1' FAD B . -20.93 -5.61 13.61
C2' FAD B . -20.66 -4.36 12.80
O2' FAD B . -20.08 -3.37 13.56
C3' FAD B . -21.98 -3.90 12.18
O3' FAD B . -22.74 -3.28 13.13
C4' FAD B . -22.79 -5.03 11.59
O4' FAD B . -21.98 -5.77 10.76
C5' FAD B . -24.07 -4.57 10.87
O5' FAD B . -24.87 -5.70 10.55
P FAD B . -26.49 -5.68 10.57
O1P FAD B . -27.25 -7.05 10.81
O2P FAD B . -26.69 -4.51 11.59
O3P FAD B . -26.82 -4.80 9.25
PA NAD C . 26.22 -0.82 -6.92
O1A NAD C . 26.32 0.48 -7.77
O2A NAD C . 27.22 -1.02 -5.88
O5B NAD C . 26.40 -2.11 -7.64
C5B NAD C . 25.53 -2.40 -8.73
C4B NAD C . 26.07 -3.39 -9.77
O4B NAD C . 27.06 -2.76 -10.58
C3B NAD C . 26.68 -4.65 -9.19
O3B NAD C . 26.38 -5.79 -9.95
C2B NAD C . 28.12 -4.33 -9.27
O2B NAD C . 28.95 -5.44 -9.26
C1B NAD C . 28.19 -3.59 -10.55
N9A NAD C . 29.35 -2.73 -10.69
C8A NAD C . 30.09 -2.11 -9.70
N7A NAD C . 31.05 -1.38 -10.27
C5A NAD C . 30.98 -1.51 -11.65
C6A NAD C . 31.68 -0.98 -12.74
N6A NAD C . 32.80 -0.11 -12.54
N1A NAD C . 31.32 -1.30 -13.98
C2A NAD C . 30.28 -2.14 -14.23
N3A NAD C . 29.57 -2.66 -13.21
C4A NAD C . 29.89 -2.36 -11.93
O3 NAD C . 24.90 -0.96 -6.20
PN NAD C . 24.32 -2.02 -5.14
O1N NAD C . 24.95 -1.68 -3.82
O2N NAD C . 24.52 -3.46 -5.51
O5D NAD C . 22.76 -1.73 -5.11
C5D NAD C . 22.27 -0.63 -4.41
C4D NAD C . 22.11 0.59 -5.31
O4D NAD C . 21.17 0.28 -6.32
C3D NAD C . 21.60 1.78 -4.57
O3D NAD C . 22.21 2.96 -4.98
C2D NAD C . 20.16 1.77 -4.95
O2D NAD C . 19.50 2.99 -4.79
C1D NAD C . 20.23 1.31 -6.37
N1N NAD C . 18.95 0.80 -6.82
C2N NAD C . 18.15 1.53 -7.75
C3N NAD C . 16.92 1.00 -8.13
C7N NAD C . 16.03 1.72 -9.10
O7N NAD C . 15.02 1.16 -9.52
N7N NAD C . 16.35 3.05 -9.49
C4N NAD C . 16.52 -0.25 -7.63
C5N NAD C . 17.30 -0.98 -6.68
C6N NAD C . 18.52 -0.43 -6.30
OA TFB D . -16.45 -3.75 17.35
CA TFB D . -17.04 -3.09 16.25
C TFB D . -16.29 -1.82 15.91
OB TFB D . -15.33 -1.41 16.67
CB TFB D . -18.41 -2.75 16.62
CG TFB D . -18.44 -2.78 18.07
CD TFB D . -17.28 -3.57 18.49
OXT TFB D . -16.62 -1.14 14.88
C1 PGE E . -0.20 15.55 -17.43
O1 PGE E . -1.59 15.62 -17.41
C2 PGE E . 0.29 15.72 -18.83
O2 PGE E . 0.82 16.98 -19.05
C3 PGE E . 0.92 17.50 -20.32
C4 PGE E . 0.44 18.91 -20.31
O4 PGE E . -3.68 19.19 -20.71
C6 PGE E . -2.85 19.95 -21.51
C5 PGE E . -1.53 20.17 -20.85
O3 PGE E . -0.75 19.03 -20.99
O1 PG4 F . 11.77 -2.51 -7.96
C1 PG4 F . 11.29 -3.79 -7.85
C2 PG4 F . 11.32 -4.12 -6.39
O2 PG4 F . 11.02 -5.46 -6.19
C3 PG4 F . 11.44 -6.03 -5.00
C4 PG4 F . 10.27 -6.44 -4.17
O3 PG4 F . 9.54 -5.34 -3.77
C5 PG4 F . 8.34 -5.07 -4.42
C6 PG4 F . 7.62 -3.97 -3.71
O4 PG4 F . 7.20 -4.36 -2.45
C7 PG4 F . 6.63 -3.42 -1.62
C8 PG4 F . 6.02 -4.09 -0.43
O5 PG4 F . 6.96 -4.92 0.15
OH3 1PE G . 27.80 -25.24 1.41
C13 1PE G . 25.67 -25.11 2.43
C23 1PE G . 27.11 -24.69 2.46
OH4 1PE G . 25.53 -26.28 3.16
C14 1PE G . 24.20 -27.99 4.09
C24 1PE G . 24.38 -26.52 3.87
OH5 1PE G . 25.33 -28.53 4.66
OH3 1PE H . -5.79 0.86 3.13
C13 1PE H . -3.68 -0.38 2.96
C23 1PE H . -4.40 0.90 3.26
OH4 1PE H . -2.91 -0.20 1.81
C14 1PE H . -1.96 1.25 0.17
C24 1PE H . -2.18 0.96 1.62
OH5 1PE H . -3.01 1.93 -0.45
S SO4 I . -21.31 25.05 -2.63
O1 SO4 I . -22.00 23.79 -2.84
O2 SO4 I . -22.02 26.14 -3.27
O3 SO4 I . -19.97 25.00 -3.18
O4 SO4 I . -21.23 25.30 -1.19
MG MG J . 28.63 -2.79 -4.95
#